data_8BEN
#
_entry.id   8BEN
#
_cell.length_a   73.376
_cell.length_b   104.726
_cell.length_c   111.829
_cell.angle_alpha   90.000
_cell.angle_beta   94.710
_cell.angle_gamma   90.000
#
_symmetry.space_group_name_H-M   'P 1 21 1'
#
_entity_poly.entity_id   1
_entity_poly.type   'polypeptide(L)'
_entity_poly.pdbx_seq_one_letter_code
;GPSSENKLKQLNLNNEWTPDKLRQKLQTNAHNRLELPLIMLSGLPDTVFEITELQSLKLEIIKNVMIPATIAQLDNLQEL
CLHQCSVKIHSAALSFLKENLKVLSVKFDDMRELPPWMYGLRNLEELYLVGSLSHDISKNVTLESLRDLKSLKILSIKSN
VSKIPQAVVDVSSHLQKMCVHNDGTKLVMLNNLKKMTNLTELELVHCDLERIPHAVFSLLSLQELDLKENNLKSIEEIVS
FQHLRKLTVLKLWYNSIAYIPEHIKKLTSLERLFFSHNKVEVLPSHLFLCNKIRYLDLSYNDIRFIPPEIGVLQSLQYFS
ITCNKVESLPDELYFCKKLKTLKIGKNSLSVLSPKIGNLLFLSYLDIKGNHFEVLPPELGDCRALKRAGLVVEDALFETL
PSDVREQMKADA
;
_entity_poly.pdbx_strand_id   A,B,C,D
#
# COMPACT_ATOMS: atom_id res chain seq x y z
N SER A 4 0.61 22.58 52.64
CA SER A 4 0.27 21.26 53.14
C SER A 4 -0.19 20.35 52.01
N GLU A 5 -1.02 20.90 51.12
CA GLU A 5 -1.52 20.12 49.99
C GLU A 5 -0.40 19.75 49.03
N ASN A 6 0.57 20.65 48.81
CA ASN A 6 1.63 20.38 47.84
C ASN A 6 2.50 19.22 48.31
N LYS A 7 2.76 19.14 49.62
CA LYS A 7 3.58 18.06 50.16
C LYS A 7 2.91 16.71 49.92
N LEU A 8 1.61 16.62 50.23
CA LEU A 8 0.87 15.38 49.99
C LEU A 8 0.77 15.06 48.51
N LYS A 9 0.64 16.09 47.67
CA LYS A 9 0.62 15.87 46.22
C LYS A 9 1.90 15.18 45.73
N GLN A 10 3.06 15.75 46.09
CA GLN A 10 4.32 15.10 45.70
C GLN A 10 4.47 13.74 46.38
N LEU A 11 3.94 13.57 47.59
CA LEU A 11 4.00 12.25 48.22
C LEU A 11 3.24 11.22 47.41
N ASN A 12 2.09 11.61 46.86
CA ASN A 12 1.31 10.71 46.03
C ASN A 12 1.85 10.58 44.61
N LEU A 13 2.71 11.51 44.18
CA LEU A 13 3.46 11.29 42.93
C LEU A 13 4.63 10.33 43.11
N ASN A 14 5.37 10.49 44.21
CA ASN A 14 6.50 9.61 44.52
C ASN A 14 6.03 8.21 44.88
N ASN A 15 4.87 8.08 45.51
CA ASN A 15 4.32 6.77 45.80
C ASN A 15 3.96 6.03 44.51
N GLU A 16 3.39 6.74 43.54
CA GLU A 16 2.98 6.08 42.30
C GLU A 16 4.17 5.74 41.40
N TRP A 17 5.06 6.71 41.18
CA TRP A 17 6.15 6.54 40.22
C TRP A 17 7.39 6.01 40.94
N THR A 18 7.36 4.71 41.21
CA THR A 18 8.53 4.03 41.76
C THR A 18 9.58 3.84 40.68
N PRO A 19 10.84 3.64 41.08
CA PRO A 19 11.91 3.43 40.07
C PRO A 19 11.64 2.31 39.08
N ASP A 20 10.92 1.25 39.47
CA ASP A 20 10.64 0.17 38.52
C ASP A 20 9.71 0.64 37.41
N LYS A 21 8.58 1.24 37.79
CA LYS A 21 7.62 1.70 36.79
C LYS A 21 8.18 2.86 35.98
N LEU A 22 9.10 3.64 36.58
CA LEU A 22 9.77 4.68 35.81
C LEU A 22 10.74 4.10 34.78
N ARG A 23 11.53 3.11 35.18
CA ARG A 23 12.45 2.49 34.24
C ARG A 23 11.73 1.65 33.19
N GLN A 24 10.47 1.28 33.45
CA GLN A 24 9.68 0.66 32.38
C GLN A 24 9.53 1.60 31.19
N LYS A 25 9.51 2.91 31.44
CA LYS A 25 9.33 3.89 30.38
C LYS A 25 10.65 4.28 29.73
N LEU A 26 11.77 3.82 30.26
CA LEU A 26 13.07 4.15 29.68
C LEU A 26 13.17 3.59 28.27
N GLN A 27 13.80 4.36 27.39
CA GLN A 27 13.99 3.95 26.01
C GLN A 27 15.28 4.58 25.52
N THR A 28 15.62 4.33 24.26
CA THR A 28 16.73 5.02 23.61
C THR A 28 16.14 5.96 22.57
N ASN A 29 16.56 7.23 22.62
CA ASN A 29 15.92 8.25 21.80
C ASN A 29 16.62 8.40 20.46
N ALA A 30 16.19 9.40 19.69
CA ALA A 30 16.74 9.68 18.36
C ALA A 30 18.14 10.25 18.39
N HIS A 31 18.66 10.64 19.55
CA HIS A 31 20.02 11.15 19.66
C HIS A 31 20.96 10.15 20.34
N ASN A 32 20.65 8.85 20.22
CA ASN A 32 21.46 7.76 20.76
C ASN A 32 21.69 7.90 22.26
N ARG A 33 20.69 8.40 22.97
CA ARG A 33 20.76 8.56 24.42
C ARG A 33 19.64 7.78 25.09
N LEU A 34 19.86 7.45 26.35
CA LEU A 34 18.86 6.76 27.16
C LEU A 34 17.94 7.81 27.77
N GLU A 35 16.67 7.76 27.42
CA GLU A 35 15.71 8.82 27.71
C GLU A 35 14.56 8.28 28.55
N LEU A 36 14.08 9.12 29.46
CA LEU A 36 12.91 8.84 30.29
C LEU A 36 11.80 9.82 29.95
N PRO A 37 10.75 9.40 29.24
CA PRO A 37 9.69 10.33 28.85
C PRO A 37 8.58 10.45 29.89
N LEU A 38 8.31 11.66 30.34
CA LEU A 38 7.18 11.98 31.19
C LEU A 38 6.16 12.76 30.37
N ILE A 39 4.89 12.34 30.43
CA ILE A 39 3.96 12.81 29.42
C ILE A 39 2.76 13.56 29.98
N MET A 40 2.26 13.18 31.16
CA MET A 40 1.14 13.94 31.76
C MET A 40 1.18 13.77 33.28
N LEU A 41 2.13 14.44 33.90
CA LEU A 41 2.26 14.37 35.34
C LEU A 41 1.80 15.67 35.98
N SER A 42 1.49 15.58 37.26
CA SER A 42 1.18 16.76 38.06
C SER A 42 2.43 17.55 38.43
N GLY A 43 3.58 16.92 38.34
CA GLY A 43 4.83 17.58 38.65
C GLY A 43 5.98 16.67 38.31
N LEU A 44 7.14 16.96 38.90
CA LEU A 44 8.29 16.09 38.75
C LEU A 44 8.42 15.21 39.97
N PRO A 45 8.25 13.90 39.86
CA PRO A 45 8.53 13.03 41.01
C PRO A 45 10.00 13.11 41.40
N ASP A 46 10.24 13.19 42.71
CA ASP A 46 11.63 13.21 43.18
C ASP A 46 12.34 11.91 42.84
N THR A 47 11.59 10.80 42.79
CA THR A 47 12.16 9.51 42.42
C THR A 47 12.79 9.54 41.04
N VAL A 48 12.38 10.47 40.18
CA VAL A 48 13.01 10.63 38.87
C VAL A 48 14.52 10.81 39.01
N PHE A 49 14.96 11.47 40.07
CA PHE A 49 16.38 11.73 40.26
C PHE A 49 17.11 10.54 40.87
N GLU A 50 16.48 9.37 40.95
CA GLU A 50 17.15 8.13 41.31
C GLU A 50 17.57 7.31 40.10
N ILE A 51 17.06 7.64 38.92
CA ILE A 51 17.39 6.92 37.69
C ILE A 51 18.67 7.55 37.14
N THR A 52 19.79 7.21 37.78
CA THR A 52 21.06 7.84 37.45
C THR A 52 21.58 7.45 36.07
N GLU A 53 21.02 6.41 35.45
CA GLU A 53 21.49 5.95 34.14
C GLU A 53 20.86 6.71 32.98
N LEU A 54 19.81 7.48 33.21
CA LEU A 54 19.16 8.18 32.10
C LEU A 54 20.05 9.31 31.60
N GLN A 55 20.09 9.47 30.28
CA GLN A 55 20.88 10.52 29.64
C GLN A 55 20.04 11.67 29.10
N SER A 56 18.76 11.45 28.84
CA SER A 56 17.86 12.50 28.41
C SER A 56 16.59 12.45 29.25
N LEU A 57 16.01 13.62 29.48
CA LEU A 57 14.76 13.74 30.22
C LEU A 57 13.76 14.49 29.35
N LYS A 58 12.67 13.82 28.99
CA LYS A 58 11.67 14.39 28.09
C LYS A 58 10.40 14.68 28.88
N LEU A 59 9.99 15.94 28.88
CA LEU A 59 8.77 16.39 29.57
C LEU A 59 7.78 16.90 28.53
N GLU A 60 6.55 16.40 28.59
CA GLU A 60 5.49 16.75 27.66
C GLU A 60 4.27 17.16 28.45
N ILE A 61 3.78 18.37 28.19
CA ILE A 61 2.53 18.87 28.77
C ILE A 61 2.53 18.67 30.28
N ILE A 62 3.49 19.26 30.97
CA ILE A 62 3.54 19.26 32.43
C ILE A 62 3.70 20.73 32.82
N LYS A 63 2.61 21.37 33.24
CA LYS A 63 2.65 22.78 33.55
C LYS A 63 3.04 22.97 35.01
N ASN A 64 3.71 24.09 35.31
CA ASN A 64 4.19 24.39 36.66
C ASN A 64 5.14 23.28 37.13
N VAL A 65 6.31 23.26 36.50
CA VAL A 65 7.38 22.34 36.87
C VAL A 65 8.48 23.13 37.57
N MET A 66 9.02 22.57 38.64
CA MET A 66 10.20 23.12 39.30
C MET A 66 11.26 22.03 39.41
N ILE A 67 12.41 22.28 38.79
CA ILE A 67 13.54 21.35 38.86
C ILE A 67 14.29 21.58 40.16
N PRO A 68 14.35 20.61 41.05
CA PRO A 68 14.99 20.81 42.35
C PRO A 68 16.49 20.56 42.23
N ALA A 69 17.21 20.85 43.32
CA ALA A 69 18.65 20.66 43.31
C ALA A 69 19.05 19.19 43.21
N THR A 70 18.12 18.28 43.51
CA THR A 70 18.41 16.85 43.38
C THR A 70 18.63 16.43 41.93
N ILE A 71 18.39 17.33 40.97
CA ILE A 71 18.74 17.07 39.59
C ILE A 71 20.24 16.82 39.48
N ALA A 72 21.03 17.31 40.44
CA ALA A 72 22.47 17.05 40.43
C ALA A 72 22.80 15.57 40.63
N GLN A 73 21.83 14.75 41.02
CA GLN A 73 22.09 13.32 41.17
C GLN A 73 22.19 12.60 39.84
N LEU A 74 21.52 13.10 38.80
CA LEU A 74 21.56 12.47 37.48
C LEU A 74 22.94 12.75 36.88
N ASP A 75 23.90 11.91 37.26
CA ASP A 75 25.30 12.11 36.89
C ASP A 75 25.51 12.04 35.39
N ASN A 76 24.72 11.26 34.68
CA ASN A 76 24.82 11.11 33.22
C ASN A 76 23.73 11.88 32.49
N LEU A 77 23.57 13.17 32.76
CA LEU A 77 22.50 13.97 32.16
C LEU A 77 23.09 14.90 31.11
N GLN A 78 22.72 14.68 29.85
CA GLN A 78 23.18 15.51 28.75
C GLN A 78 22.08 16.21 27.96
N GLU A 79 20.85 15.72 27.99
CA GLU A 79 19.78 16.28 27.18
C GLU A 79 18.54 16.51 28.03
N LEU A 80 17.82 17.58 27.70
CA LEU A 80 16.55 17.93 28.32
C LEU A 80 15.57 18.29 27.22
N CYS A 81 14.34 17.79 27.33
CA CYS A 81 13.33 17.99 26.30
C CYS A 81 12.05 18.50 26.94
N LEU A 82 11.54 19.63 26.44
CA LEU A 82 10.34 20.26 27.00
C LEU A 82 9.33 20.48 25.88
N HIS A 83 8.17 19.84 26.00
CA HIS A 83 7.06 20.00 25.05
C HIS A 83 5.89 20.62 25.82
N GLN A 84 5.67 21.91 25.62
CA GLN A 84 4.56 22.64 26.25
C GLN A 84 4.64 22.57 27.77
N CYS A 85 5.78 22.98 28.30
CA CYS A 85 6.02 22.95 29.74
C CYS A 85 6.53 24.30 30.22
N SER A 86 6.02 24.75 31.37
CA SER A 86 6.49 25.96 32.03
C SER A 86 7.41 25.53 33.18
N VAL A 87 8.72 25.67 32.97
CA VAL A 87 9.73 25.11 33.87
C VAL A 87 10.48 26.22 34.55
N LYS A 88 10.52 26.18 35.87
CA LYS A 88 11.40 27.01 36.69
C LYS A 88 12.43 26.11 37.38
N ILE A 89 13.61 26.68 37.64
CA ILE A 89 14.73 25.88 38.13
C ILE A 89 15.20 26.43 39.47
N HIS A 90 15.88 25.57 40.21
CA HIS A 90 16.56 25.96 41.43
C HIS A 90 17.95 26.47 41.10
N SER A 91 18.53 27.23 42.02
CA SER A 91 19.84 27.84 41.78
C SER A 91 20.90 26.78 41.50
N ALA A 92 21.00 25.79 42.41
CA ALA A 92 21.94 24.69 42.19
C ALA A 92 21.53 23.86 40.98
N ALA A 93 20.22 23.69 40.76
CA ALA A 93 19.77 22.98 39.57
C ALA A 93 20.21 23.68 38.30
N LEU A 94 20.08 25.02 38.26
CA LEU A 94 20.51 25.76 37.09
C LEU A 94 22.03 25.70 36.93
N SER A 95 22.78 25.71 38.02
CA SER A 95 24.24 25.56 37.91
C SER A 95 24.60 24.21 37.32
N PHE A 96 23.95 23.14 37.81
CA PHE A 96 24.19 21.81 37.28
C PHE A 96 23.89 21.76 35.79
N LEU A 97 22.75 22.32 35.38
CA LEU A 97 22.40 22.31 33.97
C LEU A 97 23.30 23.21 33.14
N LYS A 98 23.84 24.27 33.75
CA LYS A 98 24.78 25.13 33.03
C LYS A 98 26.08 24.39 32.74
N GLU A 99 26.55 23.57 33.67
CA GLU A 99 27.79 22.87 33.45
C GLU A 99 27.63 21.50 32.78
N ASN A 100 26.41 20.98 32.67
CA ASN A 100 26.24 19.61 32.18
C ASN A 100 25.31 19.47 30.98
N LEU A 101 24.25 20.27 30.88
CA LEU A 101 23.30 20.09 29.79
C LEU A 101 23.94 20.42 28.46
N LYS A 102 23.79 19.51 27.50
CA LYS A 102 24.45 19.61 26.20
C LYS A 102 23.50 19.77 25.03
N VAL A 103 22.30 19.19 25.12
CA VAL A 103 21.31 19.25 24.06
C VAL A 103 19.98 19.66 24.68
N LEU A 104 19.27 20.57 24.02
CA LEU A 104 18.01 21.07 24.54
C LEU A 104 17.02 21.18 23.38
N SER A 105 15.80 20.70 23.61
CA SER A 105 14.74 20.76 22.62
C SER A 105 13.48 21.26 23.31
N VAL A 106 12.95 22.38 22.85
CA VAL A 106 11.79 23.02 23.47
C VAL A 106 10.73 23.24 22.40
N LYS A 107 9.49 22.87 22.72
CA LYS A 107 8.33 23.16 21.88
C LYS A 107 7.32 23.93 22.71
N PHE A 108 7.01 25.15 22.27
CA PHE A 108 6.15 26.05 23.01
C PHE A 108 4.98 26.47 22.14
N ASP A 109 3.76 26.35 22.67
CA ASP A 109 2.61 26.90 21.96
C ASP A 109 2.49 28.39 22.23
N ASP A 110 2.99 28.83 23.37
CA ASP A 110 3.07 30.23 23.75
C ASP A 110 4.46 30.55 24.25
N MET A 111 4.73 31.83 24.48
CA MET A 111 6.04 32.23 24.97
C MET A 111 6.02 31.80 26.42
N ARG A 112 4.88 31.33 26.94
CA ARG A 112 4.84 30.88 28.33
C ARG A 112 5.79 29.70 28.64
N GLU A 113 5.89 28.80 27.67
CA GLU A 113 6.76 27.63 27.72
C GLU A 113 8.18 27.70 27.19
N LEU A 114 8.72 28.90 26.96
CA LEU A 114 10.12 29.03 26.57
C LEU A 114 10.91 29.51 27.78
N PRO A 115 11.76 28.68 28.37
CA PRO A 115 12.38 29.03 29.66
C PRO A 115 13.43 30.12 29.50
N PRO A 116 13.34 31.19 30.29
CA PRO A 116 14.36 32.25 30.24
C PRO A 116 15.73 31.81 30.71
N TRP A 117 15.85 30.73 31.49
CA TRP A 117 17.16 30.27 31.93
C TRP A 117 17.96 29.59 30.83
N MET A 118 17.30 29.14 29.75
CA MET A 118 17.99 28.47 28.65
C MET A 118 19.12 29.32 28.07
N TYR A 119 19.05 30.64 28.21
CA TYR A 119 20.06 31.53 27.64
C TYR A 119 21.35 31.54 28.44
N GLY A 120 21.40 30.88 29.60
CA GLY A 120 22.61 30.85 30.40
C GLY A 120 23.35 29.53 30.36
N LEU A 121 22.90 28.56 29.56
CA LEU A 121 23.53 27.25 29.48
C LEU A 121 24.68 27.35 28.47
N ARG A 122 25.87 27.74 28.95
CA ARG A 122 27.00 27.87 28.04
C ARG A 122 27.46 26.52 27.49
N ASN A 123 27.40 25.47 28.29
CA ASN A 123 27.82 24.16 27.81
C ASN A 123 26.78 23.49 26.93
N LEU A 124 25.81 24.26 26.45
CA LEU A 124 24.82 23.75 25.52
C LEU A 124 25.40 23.73 24.12
N GLU A 125 25.35 22.58 23.47
CA GLU A 125 25.91 22.41 22.13
C GLU A 125 24.85 22.42 21.04
N GLU A 126 23.66 21.89 21.31
CA GLU A 126 22.60 21.82 20.32
C GLU A 126 21.33 22.42 20.93
N LEU A 127 20.66 23.29 20.17
CA LEU A 127 19.43 23.92 20.62
C LEU A 127 18.36 23.78 19.54
N TYR A 128 17.20 23.26 19.92
CA TYR A 128 16.09 23.02 19.00
C TYR A 128 14.83 23.69 19.55
N LEU A 129 14.36 24.73 18.87
CA LEU A 129 13.11 25.41 19.24
C LEU A 129 12.08 25.18 18.16
N VAL A 130 10.89 24.77 18.57
CA VAL A 130 9.75 24.61 17.66
C VAL A 130 8.62 25.45 18.22
N GLY A 131 8.50 26.68 17.74
CA GLY A 131 7.47 27.58 18.22
C GLY A 131 7.56 28.91 17.51
N SER A 132 6.52 29.71 17.68
CA SER A 132 6.42 31.01 17.02
C SER A 132 7.30 32.03 17.74
N LEU A 133 8.13 32.74 16.98
CA LEU A 133 8.97 33.79 17.55
C LEU A 133 8.72 35.16 16.92
N SER A 134 7.64 35.31 16.17
CA SER A 134 7.30 36.61 15.60
C SER A 134 5.79 36.82 15.62
N LYS A 139 8.02 41.35 12.37
CA LYS A 139 8.94 42.46 12.59
C LYS A 139 10.28 41.94 13.10
N ASN A 140 10.41 41.82 14.41
CA ASN A 140 11.63 41.36 15.06
C ASN A 140 11.34 40.09 15.85
N VAL A 141 12.33 39.20 15.91
CA VAL A 141 12.18 37.92 16.57
C VAL A 141 12.22 38.12 18.09
N THR A 142 11.34 37.43 18.80
CA THR A 142 11.33 37.49 20.26
C THR A 142 12.27 36.44 20.86
N LEU A 143 13.49 36.39 20.33
CA LEU A 143 14.55 35.53 20.85
C LEU A 143 15.58 36.39 21.56
N GLU A 144 15.89 36.05 22.80
CA GLU A 144 16.89 36.79 23.54
C GLU A 144 18.28 36.46 23.01
N SER A 145 19.23 37.35 23.31
CA SER A 145 20.57 37.21 22.75
C SER A 145 21.22 35.90 23.22
N LEU A 146 21.70 35.12 22.26
CA LEU A 146 22.39 33.87 22.56
C LEU A 146 23.85 34.23 22.85
N ARG A 147 24.01 35.00 23.93
CA ARG A 147 25.28 35.60 24.30
C ARG A 147 26.10 34.71 25.22
N ASP A 148 25.42 33.98 26.11
CA ASP A 148 26.08 33.12 27.07
C ASP A 148 26.05 31.65 26.66
N LEU A 149 25.73 31.36 25.41
CA LEU A 149 25.83 29.98 24.89
C LEU A 149 27.21 29.76 24.26
N LYS A 150 28.22 29.79 25.14
CA LYS A 150 29.61 29.89 24.70
C LYS A 150 30.05 28.70 23.87
N SER A 151 29.35 27.58 23.94
CA SER A 151 29.75 26.36 23.26
C SER A 151 28.70 25.87 22.26
N LEU A 152 27.82 26.75 21.80
CA LEU A 152 26.73 26.34 20.89
C LEU A 152 27.29 26.02 19.51
N LYS A 153 26.91 24.85 18.99
CA LYS A 153 27.33 24.39 17.67
C LYS A 153 26.19 24.18 16.68
N ILE A 154 25.02 23.75 17.14
CA ILE A 154 23.88 23.53 16.26
C ILE A 154 22.69 24.33 16.77
N LEU A 155 22.05 25.06 15.86
CA LEU A 155 20.86 25.85 16.17
C LEU A 155 19.80 25.53 15.13
N SER A 156 18.62 25.13 15.56
CA SER A 156 17.52 24.78 14.68
C SER A 156 16.28 25.52 15.15
N ILE A 157 15.77 26.44 14.38
CA ILE A 157 14.62 27.18 14.77
C ILE A 157 13.46 26.91 13.85
N LYS A 158 12.35 26.43 14.36
CA LYS A 158 11.20 26.18 13.58
C LYS A 158 10.28 27.28 13.96
N SER A 159 9.99 28.22 13.09
CA SER A 159 9.22 29.37 13.44
C SER A 159 8.51 29.94 12.29
N ASN A 160 8.11 31.19 12.44
CA ASN A 160 7.46 31.99 11.43
C ASN A 160 8.21 33.29 11.47
N VAL A 161 9.44 33.24 11.01
CA VAL A 161 10.32 34.33 11.14
C VAL A 161 10.66 34.95 9.83
N SER A 162 10.70 36.26 9.81
CA SER A 162 11.01 37.07 8.64
C SER A 162 12.45 37.57 8.60
N LYS A 163 13.20 37.48 9.70
CA LYS A 163 14.59 37.90 9.68
C LYS A 163 15.43 37.01 10.59
N ILE A 164 16.67 36.77 10.18
CA ILE A 164 17.61 36.07 11.03
C ILE A 164 17.91 37.00 12.19
N PRO A 165 17.50 36.67 13.41
CA PRO A 165 17.61 37.65 14.51
C PRO A 165 19.05 37.99 14.82
N GLN A 166 19.24 39.21 15.33
CA GLN A 166 20.57 39.62 15.77
C GLN A 166 21.06 38.78 16.94
N ALA A 167 20.14 38.07 17.62
CA ALA A 167 20.55 37.20 18.71
C ALA A 167 21.53 36.12 18.24
N VAL A 168 21.37 35.66 16.99
CA VAL A 168 22.28 34.65 16.46
C VAL A 168 23.64 35.24 16.11
N VAL A 169 23.71 36.55 15.85
CA VAL A 169 25.01 37.16 15.55
C VAL A 169 25.92 37.13 16.76
N ASP A 170 25.38 36.90 17.95
CA ASP A 170 26.17 36.78 19.17
C ASP A 170 26.74 35.38 19.37
N VAL A 171 26.46 34.46 18.46
CA VAL A 171 27.03 33.11 18.49
C VAL A 171 27.77 32.79 17.18
N SER A 172 28.07 33.82 16.38
CA SER A 172 28.64 33.61 15.06
C SER A 172 30.07 33.06 15.08
N SER A 173 30.80 33.23 16.20
CA SER A 173 32.20 32.83 16.20
C SER A 173 32.37 31.31 16.22
N HIS A 174 31.41 30.59 16.80
CA HIS A 174 31.56 29.15 16.96
C HIS A 174 30.37 28.33 16.46
N LEU A 175 29.28 28.97 16.04
CA LEU A 175 28.16 28.22 15.49
C LEU A 175 28.55 27.59 14.16
N GLN A 176 28.23 26.31 14.01
CA GLN A 176 28.61 25.54 12.83
C GLN A 176 27.43 25.15 11.95
N LYS A 177 26.29 24.80 12.55
CA LYS A 177 25.10 24.38 11.82
C LYS A 177 23.93 25.26 12.24
N MET A 178 23.28 25.91 11.28
CA MET A 178 22.09 26.69 11.55
C MET A 178 20.96 26.20 10.65
N CYS A 179 19.82 25.89 11.26
CA CYS A 179 18.64 25.40 10.55
C CYS A 179 17.45 26.28 10.90
N VAL A 180 16.80 26.83 9.88
CA VAL A 180 15.57 27.58 10.06
C VAL A 180 14.52 26.98 9.13
N HIS A 181 13.50 26.37 9.71
CA HIS A 181 12.41 25.76 8.95
C HIS A 181 11.14 26.55 9.30
N ASN A 182 10.99 27.70 8.67
CA ASN A 182 9.84 28.53 8.97
C ASN A 182 8.58 27.95 8.31
N ASP A 183 7.43 28.43 8.75
CA ASP A 183 6.14 27.90 8.30
C ASP A 183 5.73 28.43 6.94
N GLY A 184 6.64 29.03 6.18
CA GLY A 184 6.31 29.69 4.94
C GLY A 184 6.41 31.19 4.98
N THR A 185 6.54 31.78 6.17
CA THR A 185 6.74 33.21 6.29
C THR A 185 8.05 33.61 5.62
N LYS A 186 7.96 34.57 4.70
CA LYS A 186 9.11 34.91 3.86
C LYS A 186 10.22 35.56 4.69
N LEU A 187 11.42 35.01 4.57
CA LEU A 187 12.61 35.52 5.24
C LEU A 187 13.16 36.64 4.37
N VAL A 188 12.74 37.88 4.66
CA VAL A 188 13.05 38.99 3.77
C VAL A 188 14.38 39.65 4.09
N MET A 189 14.80 39.63 5.36
CA MET A 189 16.02 40.29 5.81
C MET A 189 17.05 39.21 6.10
N LEU A 190 18.03 39.07 5.21
CA LEU A 190 19.04 38.03 5.31
C LEU A 190 20.44 38.60 5.58
N ASN A 191 20.51 39.84 6.05
CA ASN A 191 21.81 40.48 6.22
C ASN A 191 22.65 39.82 7.30
N ASN A 192 22.03 39.46 8.43
CA ASN A 192 22.78 38.87 9.53
C ASN A 192 23.40 37.53 9.17
N LEU A 193 22.80 36.81 8.21
CA LEU A 193 23.40 35.55 7.75
C LEU A 193 24.81 35.76 7.24
N LYS A 194 25.14 36.96 6.77
CA LYS A 194 26.49 37.24 6.29
C LYS A 194 27.52 37.16 7.41
N LYS A 195 27.11 37.32 8.67
CA LYS A 195 28.06 37.27 9.78
C LYS A 195 28.27 35.86 10.31
N MET A 196 27.57 34.86 9.78
CA MET A 196 27.72 33.48 10.21
C MET A 196 28.92 32.85 9.49
N THR A 197 30.11 33.32 9.88
CA THR A 197 31.33 32.99 9.15
C THR A 197 31.66 31.50 9.26
N ASN A 198 31.72 30.98 10.49
CA ASN A 198 32.15 29.62 10.74
C ASN A 198 31.07 28.59 10.50
N LEU A 199 30.03 28.93 9.76
CA LEU A 199 29.00 27.95 9.42
C LEU A 199 29.51 26.99 8.36
N THR A 200 29.23 25.70 8.56
CA THR A 200 29.52 24.67 7.58
C THR A 200 28.28 24.01 7.01
N GLU A 201 27.16 24.07 7.71
CA GLU A 201 25.90 23.49 7.23
C GLU A 201 24.80 24.52 7.44
N LEU A 202 24.00 24.75 6.41
CA LEU A 202 22.96 25.77 6.44
C LEU A 202 21.69 25.18 5.87
N GLU A 203 20.58 25.44 6.55
CA GLU A 203 19.26 24.98 6.09
C GLU A 203 18.30 26.16 6.20
N LEU A 204 17.89 26.69 5.05
CA LEU A 204 16.87 27.73 4.94
C LEU A 204 15.69 27.07 4.24
N VAL A 205 14.84 26.42 5.03
CA VAL A 205 13.77 25.57 4.50
C VAL A 205 12.44 26.29 4.62
N HIS A 206 11.67 26.25 3.56
CA HIS A 206 10.34 26.79 3.54
C HIS A 206 10.23 28.21 3.91
N CYS A 207 11.20 29.01 3.52
CA CYS A 207 11.27 30.40 3.85
C CYS A 207 10.77 31.33 2.82
N ASP A 208 10.23 30.83 1.74
CA ASP A 208 9.67 31.63 0.66
C ASP A 208 10.63 32.62 0.11
N LEU A 209 11.88 32.26 -0.03
CA LEU A 209 12.89 33.16 -0.44
C LEU A 209 12.73 33.65 -1.84
N GLU A 210 12.41 32.72 -2.73
CA GLU A 210 12.12 32.89 -4.17
C GLU A 210 13.29 33.06 -5.09
N ARG A 211 14.45 33.26 -4.55
CA ARG A 211 15.68 33.37 -5.29
C ARG A 211 16.78 32.93 -4.35
N ILE A 212 17.88 32.41 -4.83
CA ILE A 212 18.93 31.97 -3.92
C ILE A 212 19.47 33.23 -3.32
N PRO A 213 19.51 33.33 -2.00
CA PRO A 213 19.92 34.60 -1.42
C PRO A 213 21.35 34.99 -1.55
N HIS A 214 21.60 36.27 -1.53
CA HIS A 214 22.97 36.73 -1.72
C HIS A 214 23.84 36.38 -0.51
N ALA A 215 23.25 36.37 0.69
CA ALA A 215 24.02 36.13 1.91
C ALA A 215 24.72 34.79 1.92
N VAL A 216 24.12 33.76 1.30
CA VAL A 216 24.72 32.43 1.26
C VAL A 216 26.13 32.48 0.67
N PHE A 217 26.37 33.41 -0.23
CA PHE A 217 27.67 33.49 -0.91
C PHE A 217 28.76 34.07 0.00
N SER A 218 28.42 34.45 1.23
CA SER A 218 29.41 34.93 2.18
C SER A 218 29.98 33.83 3.06
N LEU A 219 29.39 32.64 3.04
CA LEU A 219 29.82 31.54 3.90
C LEU A 219 30.82 30.68 3.14
N LEU A 220 32.08 31.12 3.14
CA LEU A 220 33.11 30.44 2.36
C LEU A 220 33.44 29.06 2.90
N SER A 221 33.16 28.80 4.17
CA SER A 221 33.39 27.49 4.77
C SER A 221 32.16 26.59 4.70
N LEU A 222 31.16 26.98 3.93
CA LEU A 222 29.92 26.22 3.85
C LEU A 222 30.13 24.96 3.04
N GLN A 223 29.67 23.82 3.58
CA GLN A 223 29.79 22.53 2.92
C GLN A 223 28.45 21.97 2.46
N GLU A 224 27.40 22.14 3.25
CA GLU A 224 26.08 21.61 2.95
C GLU A 224 25.08 22.76 2.94
N LEU A 225 24.11 22.67 2.04
CA LEU A 225 23.10 23.71 1.87
C LEU A 225 21.74 23.08 1.57
N ASP A 226 20.72 23.52 2.30
CA ASP A 226 19.35 23.05 2.11
C ASP A 226 18.46 24.24 1.87
N LEU A 227 17.84 24.31 0.70
CA LEU A 227 16.90 25.36 0.33
C LEU A 227 15.58 24.70 -0.06
N LYS A 228 14.92 24.08 0.92
CA LYS A 228 13.72 23.30 0.67
C LYS A 228 12.47 24.17 0.74
N GLU A 229 11.56 23.96 -0.21
CA GLU A 229 10.22 24.56 -0.20
C GLU A 229 10.25 26.08 -0.27
N ASN A 230 11.05 26.62 -1.18
CA ASN A 230 11.21 28.07 -1.31
C ASN A 230 10.69 28.62 -2.62
N ASN A 231 9.97 27.82 -3.41
CA ASN A 231 9.40 28.25 -4.69
C ASN A 231 10.47 28.79 -5.64
N LEU A 232 11.61 28.11 -5.69
CA LEU A 232 12.67 28.51 -6.61
C LEU A 232 12.29 28.10 -8.02
N LYS A 233 12.34 29.07 -8.95
CA LYS A 233 12.04 28.83 -10.36
C LYS A 233 13.27 28.96 -11.24
N SER A 234 14.09 29.99 -11.01
CA SER A 234 15.29 30.22 -11.79
C SER A 234 16.47 30.17 -10.84
N ILE A 235 17.40 29.25 -11.11
CA ILE A 235 18.57 29.09 -10.26
C ILE A 235 19.84 29.49 -11.00
N GLU A 236 19.80 30.59 -11.75
CA GLU A 236 21.04 31.01 -12.40
C GLU A 236 22.05 31.62 -11.42
N GLU A 237 21.71 31.73 -10.14
CA GLU A 237 22.66 32.21 -9.14
C GLU A 237 23.63 31.12 -8.73
N ILE A 238 23.50 29.93 -9.32
CA ILE A 238 24.43 28.83 -9.06
C ILE A 238 25.85 29.27 -9.36
N VAL A 239 26.01 30.26 -10.25
CA VAL A 239 27.33 30.80 -10.55
C VAL A 239 28.03 31.21 -9.27
N SER A 240 27.33 31.93 -8.39
CA SER A 240 27.97 32.43 -7.19
C SER A 240 28.40 31.30 -6.26
N PHE A 241 27.85 30.10 -6.43
CA PHE A 241 28.29 28.98 -5.61
C PHE A 241 29.71 28.53 -5.93
N GLN A 242 30.24 28.89 -7.10
CA GLN A 242 31.65 28.59 -7.33
C GLN A 242 32.55 29.48 -6.49
N HIS A 243 31.99 30.52 -5.85
CA HIS A 243 32.70 31.29 -4.84
C HIS A 243 32.78 30.53 -3.52
N LEU A 244 31.91 29.55 -3.32
CA LEU A 244 31.93 28.66 -2.15
C LEU A 244 32.67 27.38 -2.55
N ARG A 245 33.99 27.39 -2.36
CA ARG A 245 34.88 26.32 -2.84
C ARG A 245 34.85 25.05 -1.99
N LYS A 246 34.09 25.01 -0.89
CA LYS A 246 34.00 23.80 -0.07
C LYS A 246 32.61 23.19 -0.02
N LEU A 247 31.74 23.54 -0.97
CA LEU A 247 30.36 23.04 -0.99
C LEU A 247 30.30 21.64 -1.61
N THR A 248 29.86 20.66 -0.81
CA THR A 248 29.71 19.29 -1.28
C THR A 248 28.27 18.82 -1.36
N VAL A 249 27.39 19.31 -0.49
CA VAL A 249 25.99 18.94 -0.46
C VAL A 249 25.18 20.18 -0.83
N LEU A 250 24.35 20.05 -1.85
CA LEU A 250 23.52 21.16 -2.34
C LEU A 250 22.12 20.62 -2.56
N LYS A 251 21.16 21.11 -1.77
CA LYS A 251 19.79 20.60 -1.78
C LYS A 251 18.86 21.67 -2.34
N LEU A 252 18.41 21.49 -3.58
CA LEU A 252 17.43 22.36 -4.19
C LEU A 252 16.08 21.67 -4.34
N TRP A 253 15.84 20.63 -3.56
CA TRP A 253 14.62 19.85 -3.71
C TRP A 253 13.39 20.66 -3.24
N TYR A 254 12.22 20.20 -3.68
CA TYR A 254 10.93 20.78 -3.31
C TYR A 254 10.84 22.25 -3.73
N ASN A 255 11.16 22.50 -4.99
CA ASN A 255 11.09 23.84 -5.57
C ASN A 255 10.33 23.72 -6.89
N SER A 256 10.44 24.75 -7.73
CA SER A 256 9.77 24.77 -9.03
C SER A 256 10.78 24.88 -10.17
N ILE A 257 11.98 24.34 -9.96
CA ILE A 257 13.05 24.46 -10.95
C ILE A 257 12.75 23.57 -12.14
N ALA A 258 12.89 24.13 -13.35
CA ALA A 258 12.69 23.40 -14.58
C ALA A 258 13.92 23.31 -15.46
N TYR A 259 14.96 24.11 -15.18
CA TYR A 259 16.14 24.19 -16.04
C TYR A 259 17.38 24.21 -15.18
N ILE A 260 18.20 23.16 -15.29
CA ILE A 260 19.47 23.07 -14.59
C ILE A 260 20.52 23.75 -15.48
N PRO A 261 21.03 24.92 -15.09
CA PRO A 261 21.96 25.64 -15.96
C PRO A 261 23.28 24.91 -16.10
N GLU A 262 24.05 25.31 -17.11
CA GLU A 262 25.36 24.72 -17.34
C GLU A 262 26.33 25.05 -16.20
N HIS A 263 26.07 26.14 -15.49
CA HIS A 263 26.99 26.61 -14.45
C HIS A 263 27.17 25.60 -13.33
N ILE A 264 26.23 24.64 -13.21
CA ILE A 264 26.35 23.62 -12.19
C ILE A 264 27.58 22.75 -12.42
N LYS A 265 28.10 22.70 -13.64
CA LYS A 265 29.32 21.92 -13.87
C LYS A 265 30.52 22.57 -13.20
N LYS A 266 30.46 23.85 -12.86
CA LYS A 266 31.58 24.52 -12.21
C LYS A 266 31.58 24.33 -10.71
N LEU A 267 30.61 23.60 -10.18
CA LEU A 267 30.58 23.25 -8.76
C LEU A 267 31.47 22.02 -8.60
N THR A 268 32.76 22.28 -8.39
CA THR A 268 33.77 21.24 -8.49
C THR A 268 33.63 20.18 -7.41
N SER A 269 33.33 20.60 -6.19
CA SER A 269 33.30 19.69 -5.04
C SER A 269 31.94 19.06 -4.79
N LEU A 270 31.02 19.16 -5.75
CA LEU A 270 29.68 18.61 -5.57
C LEU A 270 29.71 17.09 -5.48
N GLU A 271 29.00 16.54 -4.50
CA GLU A 271 28.96 15.10 -4.29
C GLU A 271 27.53 14.61 -4.09
N ARG A 272 26.69 15.43 -3.46
CA ARG A 272 25.30 15.07 -3.18
C ARG A 272 24.39 16.16 -3.73
N LEU A 273 23.50 15.80 -4.65
CA LEU A 273 22.62 16.74 -5.31
C LEU A 273 21.17 16.32 -5.11
N PHE A 274 20.41 17.17 -4.44
CA PHE A 274 19.00 16.90 -4.13
C PHE A 274 18.14 17.73 -5.08
N PHE A 275 17.54 17.07 -6.08
CA PHE A 275 16.71 17.74 -7.06
C PHE A 275 15.34 17.08 -7.17
N SER A 276 14.90 16.39 -6.12
CA SER A 276 13.60 15.76 -6.13
C SER A 276 12.49 16.79 -5.95
N HIS A 277 11.31 16.48 -6.48
CA HIS A 277 10.13 17.33 -6.36
C HIS A 277 10.36 18.72 -6.97
N ASN A 278 10.77 18.72 -8.24
CA ASN A 278 10.86 19.97 -8.99
C ASN A 278 10.00 19.90 -10.25
N LYS A 279 10.26 20.79 -11.20
CA LYS A 279 9.55 20.82 -12.47
C LYS A 279 10.48 20.48 -13.63
N VAL A 280 11.50 19.66 -13.37
CA VAL A 280 12.50 19.35 -14.38
C VAL A 280 11.91 18.39 -15.40
N GLU A 281 12.04 18.73 -16.67
CA GLU A 281 11.59 17.87 -17.77
C GLU A 281 12.73 17.30 -18.58
N VAL A 282 13.83 18.04 -18.71
CA VAL A 282 15.02 17.58 -19.42
C VAL A 282 16.21 17.81 -18.50
N LEU A 283 16.95 16.75 -18.20
CA LEU A 283 18.20 16.87 -17.46
C LEU A 283 19.33 16.99 -18.48
N PRO A 284 20.02 18.11 -18.54
CA PRO A 284 20.98 18.36 -19.61
C PRO A 284 22.24 17.50 -19.49
N SER A 285 23.03 17.55 -20.58
CA SER A 285 24.27 16.80 -20.64
C SER A 285 25.25 17.26 -19.57
N HIS A 286 25.46 18.58 -19.46
CA HIS A 286 26.46 19.13 -18.55
C HIS A 286 26.18 18.78 -17.10
N LEU A 287 24.94 18.41 -16.75
CA LEU A 287 24.66 18.00 -15.39
C LEU A 287 25.57 16.86 -14.95
N PHE A 288 26.00 16.02 -15.88
CA PHE A 288 26.86 14.91 -15.49
C PHE A 288 28.34 15.22 -15.65
N LEU A 289 28.69 16.49 -15.84
CA LEU A 289 30.09 16.90 -15.76
C LEU A 289 30.57 17.09 -14.33
N CYS A 290 29.67 16.98 -13.35
CA CYS A 290 30.05 16.94 -11.94
C CYS A 290 30.39 15.48 -11.60
N ASN A 291 31.62 15.09 -11.93
CA ASN A 291 32.00 13.68 -11.88
C ASN A 291 32.14 13.15 -10.46
N LYS A 292 32.19 14.02 -9.46
CA LYS A 292 32.36 13.59 -8.07
C LYS A 292 31.04 13.38 -7.34
N ILE A 293 29.93 13.22 -8.08
CA ILE A 293 28.62 13.07 -7.47
C ILE A 293 28.43 11.63 -6.97
N ARG A 294 28.02 11.50 -5.72
CA ARG A 294 27.64 10.22 -5.12
C ARG A 294 26.14 10.06 -4.94
N TYR A 295 25.43 11.13 -4.59
CA TYR A 295 24.00 11.11 -4.32
C TYR A 295 23.28 11.99 -5.34
N LEU A 296 22.31 11.40 -6.05
CA LEU A 296 21.55 12.14 -7.06
C LEU A 296 20.10 11.68 -7.00
N ASP A 297 19.23 12.54 -6.46
CA ASP A 297 17.79 12.26 -6.37
C ASP A 297 17.06 13.22 -7.31
N LEU A 298 16.46 12.68 -8.36
CA LEU A 298 15.69 13.44 -9.35
C LEU A 298 14.24 12.97 -9.38
N SER A 299 13.75 12.43 -8.27
CA SER A 299 12.42 11.86 -8.23
C SER A 299 11.36 12.97 -8.27
N TYR A 300 10.15 12.58 -8.66
CA TYR A 300 9.00 13.48 -8.75
C TYR A 300 9.31 14.66 -9.66
N ASN A 301 9.70 14.33 -10.89
CA ASN A 301 9.91 15.29 -11.97
C ASN A 301 9.23 14.76 -13.23
N ASP A 302 9.44 15.44 -14.36
CA ASP A 302 8.92 15.01 -15.66
C ASP A 302 10.05 14.54 -16.57
N ILE A 303 11.02 13.82 -16.00
CA ILE A 303 12.13 13.31 -16.79
C ILE A 303 11.62 12.18 -17.68
N ARG A 304 12.03 12.20 -18.95
CA ARG A 304 11.62 11.20 -19.91
C ARG A 304 12.78 10.32 -20.39
N PHE A 305 13.98 10.86 -20.55
CA PHE A 305 15.14 10.07 -20.92
C PHE A 305 16.26 10.34 -19.93
N ILE A 306 17.06 9.31 -19.65
CA ILE A 306 18.27 9.44 -18.85
C ILE A 306 19.45 9.49 -19.80
N PRO A 307 20.26 10.55 -19.79
CA PRO A 307 21.32 10.68 -20.79
C PRO A 307 22.38 9.62 -20.60
N PRO A 308 23.07 9.20 -21.67
CA PRO A 308 24.15 8.23 -21.52
C PRO A 308 25.34 8.77 -20.74
N GLU A 309 25.55 10.09 -20.73
CA GLU A 309 26.70 10.68 -20.05
C GLU A 309 26.73 10.38 -18.57
N ILE A 310 25.62 9.91 -17.98
CA ILE A 310 25.62 9.49 -16.59
C ILE A 310 26.64 8.39 -16.35
N GLY A 311 27.06 7.68 -17.40
CA GLY A 311 28.09 6.67 -17.24
C GLY A 311 29.42 7.22 -16.74
N VAL A 312 29.67 8.52 -16.93
CA VAL A 312 30.93 9.08 -16.47
C VAL A 312 30.97 9.24 -14.96
N LEU A 313 29.81 9.17 -14.29
CA LEU A 313 29.75 9.29 -12.84
C LEU A 313 30.16 7.95 -12.22
N GLN A 314 31.46 7.69 -12.29
CA GLN A 314 31.97 6.40 -11.82
C GLN A 314 31.86 6.27 -10.30
N SER A 315 31.71 7.38 -9.59
CA SER A 315 31.59 7.36 -8.15
C SER A 315 30.14 7.35 -7.67
N LEU A 316 29.19 7.11 -8.58
CA LEU A 316 27.79 7.19 -8.21
C LEU A 316 27.37 5.95 -7.44
N GLN A 317 26.73 6.17 -6.31
CA GLN A 317 26.21 5.09 -5.48
C GLN A 317 24.71 5.16 -5.27
N TYR A 318 24.13 6.36 -5.27
CA TYR A 318 22.70 6.55 -5.02
C TYR A 318 22.09 7.27 -6.23
N PHE A 319 21.07 6.66 -6.82
CA PHE A 319 20.36 7.27 -7.94
C PHE A 319 18.88 6.98 -7.80
N SER A 320 18.06 8.02 -7.95
CA SER A 320 16.61 7.89 -7.75
C SER A 320 15.89 8.72 -8.81
N ILE A 321 15.00 8.07 -9.56
CA ILE A 321 14.20 8.76 -10.57
C ILE A 321 12.75 8.29 -10.45
N THR A 322 12.30 8.01 -9.24
CA THR A 322 10.93 7.56 -9.04
C THR A 322 9.94 8.67 -9.43
N CYS A 323 8.78 8.25 -9.94
CA CYS A 323 7.72 9.17 -10.34
C CYS A 323 8.20 10.15 -11.41
N ASN A 324 8.76 9.61 -12.48
CA ASN A 324 9.08 10.37 -13.68
C ASN A 324 8.37 9.72 -14.87
N LYS A 325 8.73 10.13 -16.08
CA LYS A 325 8.17 9.56 -17.30
C LYS A 325 9.21 8.78 -18.09
N VAL A 326 10.16 8.17 -17.39
CA VAL A 326 11.27 7.50 -18.03
C VAL A 326 10.76 6.28 -18.79
N GLU A 327 11.18 6.16 -20.06
CA GLU A 327 10.78 5.04 -20.90
C GLU A 327 11.93 4.09 -21.21
N SER A 328 13.18 4.54 -21.05
CA SER A 328 14.34 3.70 -21.32
C SER A 328 15.47 4.11 -20.39
N LEU A 329 16.29 3.13 -20.02
CA LEU A 329 17.49 3.39 -19.25
C LEU A 329 18.72 3.09 -20.08
N PRO A 330 19.68 4.00 -20.18
CA PRO A 330 20.88 3.71 -20.97
C PRO A 330 21.73 2.64 -20.31
N ASP A 331 22.37 1.82 -21.15
CA ASP A 331 23.24 0.78 -20.63
C ASP A 331 24.44 1.37 -19.89
N GLU A 332 24.86 2.58 -20.28
CA GLU A 332 25.95 3.25 -19.58
C GLU A 332 25.64 3.48 -18.12
N LEU A 333 24.35 3.53 -17.74
CA LEU A 333 23.98 3.62 -16.34
C LEU A 333 24.59 2.49 -15.53
N TYR A 334 24.71 1.30 -16.12
CA TYR A 334 25.29 0.17 -15.41
C TYR A 334 26.81 0.17 -15.43
N PHE A 335 27.43 1.28 -15.83
CA PHE A 335 28.85 1.49 -15.59
C PHE A 335 29.13 2.08 -14.22
N CYS A 336 28.13 2.70 -13.58
CA CYS A 336 28.29 3.22 -12.21
C CYS A 336 28.34 2.01 -11.28
N LYS A 337 29.51 1.37 -11.26
CA LYS A 337 29.64 0.07 -10.60
C LYS A 337 29.57 0.16 -9.08
N LYS A 338 29.69 1.35 -8.49
CA LYS A 338 29.58 1.50 -7.05
C LYS A 338 28.14 1.76 -6.61
N LEU A 339 27.16 1.47 -7.45
CA LEU A 339 25.77 1.76 -7.13
C LEU A 339 25.29 0.88 -5.99
N LYS A 340 24.88 1.53 -4.90
CA LYS A 340 24.38 0.85 -3.71
C LYS A 340 22.87 0.91 -3.61
N THR A 341 22.26 1.96 -4.15
CA THR A 341 20.81 2.16 -4.09
C THR A 341 20.33 2.65 -5.45
N LEU A 342 19.36 1.94 -6.03
CA LEU A 342 18.77 2.31 -7.31
C LEU A 342 17.26 2.33 -7.13
N LYS A 343 16.66 3.51 -7.21
CA LYS A 343 15.22 3.70 -6.99
C LYS A 343 14.60 4.13 -8.33
N ILE A 344 14.17 3.14 -9.11
CA ILE A 344 13.48 3.43 -10.37
C ILE A 344 12.03 3.79 -10.13
N GLY A 345 11.35 3.02 -9.28
CA GLY A 345 10.03 3.42 -8.81
C GLY A 345 8.99 3.43 -9.92
N LYS A 346 8.10 4.43 -9.84
CA LYS A 346 6.90 4.49 -10.67
C LYS A 346 7.21 5.25 -11.96
N ASN A 347 7.82 4.54 -12.91
CA ASN A 347 8.10 5.11 -14.22
C ASN A 347 7.34 4.41 -15.33
N SER A 348 7.87 4.48 -16.55
CA SER A 348 7.27 3.82 -17.70
C SER A 348 8.29 2.95 -18.42
N LEU A 349 8.99 2.11 -17.66
CA LEU A 349 9.97 1.19 -18.23
C LEU A 349 9.32 -0.11 -18.67
N SER A 350 9.63 -0.54 -19.89
CA SER A 350 9.05 -1.77 -20.44
C SER A 350 9.92 -3.00 -20.19
N VAL A 351 11.24 -2.82 -20.07
CA VAL A 351 12.16 -3.95 -19.90
C VAL A 351 13.30 -3.51 -19.00
N LEU A 352 13.85 -4.46 -18.26
CA LEU A 352 14.99 -4.24 -17.37
C LEU A 352 16.22 -4.92 -17.97
N SER A 353 17.29 -4.16 -18.12
CA SER A 353 18.45 -4.67 -18.84
C SER A 353 19.15 -5.77 -18.04
N PRO A 354 19.65 -6.81 -18.69
CA PRO A 354 20.46 -7.81 -17.98
C PRO A 354 21.74 -7.25 -17.41
N LYS A 355 22.26 -6.16 -17.97
CA LYS A 355 23.50 -5.55 -17.49
C LYS A 355 23.40 -5.09 -16.04
N ILE A 356 22.22 -5.12 -15.45
CA ILE A 356 22.08 -4.85 -14.01
C ILE A 356 22.91 -5.83 -13.20
N GLY A 357 23.26 -6.98 -13.78
CA GLY A 357 24.15 -7.91 -13.11
C GLY A 357 25.55 -7.38 -12.88
N ASN A 358 25.93 -6.32 -13.60
CA ASN A 358 27.24 -5.71 -13.40
C ASN A 358 27.33 -4.95 -12.08
N LEU A 359 26.19 -4.51 -11.53
CA LEU A 359 26.17 -3.77 -10.27
C LEU A 359 26.26 -4.77 -9.12
N LEU A 360 27.49 -5.18 -8.82
CA LEU A 360 27.73 -6.19 -7.79
C LEU A 360 27.49 -5.66 -6.39
N PHE A 361 27.45 -4.34 -6.20
CA PHE A 361 27.24 -3.75 -4.89
C PHE A 361 25.79 -3.34 -4.65
N LEU A 362 24.90 -3.55 -5.62
CA LEU A 362 23.51 -3.11 -5.50
C LEU A 362 22.82 -3.82 -4.34
N SER A 363 22.37 -3.03 -3.37
CA SER A 363 21.71 -3.55 -2.19
C SER A 363 20.24 -3.18 -2.07
N TYR A 364 19.80 -2.13 -2.78
CA TYR A 364 18.40 -1.70 -2.73
C TYR A 364 17.96 -1.36 -4.15
N LEU A 365 16.86 -1.99 -4.59
CA LEU A 365 16.29 -1.75 -5.90
C LEU A 365 14.78 -1.60 -5.76
N ASP A 366 14.23 -0.57 -6.40
CA ASP A 366 12.79 -0.31 -6.38
C ASP A 366 12.34 -0.08 -7.82
N ILE A 367 11.61 -1.04 -8.37
CA ILE A 367 11.15 -0.95 -9.76
C ILE A 367 9.65 -1.22 -9.82
N LYS A 368 8.96 -1.00 -8.70
CA LYS A 368 7.53 -1.25 -8.66
C LYS A 368 6.77 -0.16 -9.42
N GLY A 369 5.79 -0.57 -10.22
CA GLY A 369 4.97 0.36 -10.96
C GLY A 369 5.52 0.69 -12.32
N ASN A 370 6.02 -0.32 -13.03
CA ASN A 370 6.56 -0.16 -14.38
C ASN A 370 5.79 -1.04 -15.36
N HIS A 371 6.34 -1.14 -16.58
CA HIS A 371 5.75 -1.88 -17.69
C HIS A 371 6.55 -3.13 -18.03
N PHE A 372 7.13 -3.78 -17.02
CA PHE A 372 7.87 -5.01 -17.28
C PHE A 372 6.92 -6.16 -17.59
N GLU A 373 7.40 -7.09 -18.42
CA GLU A 373 6.71 -8.34 -18.68
C GLU A 373 7.42 -9.54 -18.10
N VAL A 374 8.74 -9.47 -17.94
CA VAL A 374 9.54 -10.55 -17.37
C VAL A 374 10.80 -9.92 -16.80
N LEU A 375 11.28 -10.48 -15.69
CA LEU A 375 12.50 -9.94 -15.10
C LEU A 375 13.71 -10.71 -15.62
N PRO A 376 14.82 -10.03 -15.87
CA PRO A 376 16.03 -10.71 -16.35
C PRO A 376 16.62 -11.60 -15.27
N PRO A 377 17.08 -12.79 -15.62
CA PRO A 377 17.68 -13.68 -14.60
C PRO A 377 18.90 -13.10 -13.94
N GLU A 378 19.63 -12.22 -14.64
CA GLU A 378 20.89 -11.68 -14.13
C GLU A 378 20.72 -10.84 -12.86
N LEU A 379 19.48 -10.65 -12.42
CA LEU A 379 19.25 -10.09 -11.10
C LEU A 379 19.90 -10.93 -10.00
N GLY A 380 20.16 -12.21 -10.26
CA GLY A 380 20.88 -13.03 -9.30
C GLY A 380 22.34 -12.66 -9.13
N ASP A 381 22.91 -11.93 -10.10
CA ASP A 381 24.30 -11.49 -10.00
C ASP A 381 24.49 -10.33 -9.04
N CYS A 382 23.41 -9.69 -8.60
CA CYS A 382 23.48 -8.64 -7.58
C CYS A 382 23.47 -9.32 -6.22
N ARG A 383 24.69 -9.54 -5.69
CA ARG A 383 24.84 -10.39 -4.51
C ARG A 383 24.34 -9.71 -3.22
N ALA A 384 24.29 -8.39 -3.17
CA ALA A 384 23.81 -7.67 -1.99
C ALA A 384 22.31 -7.41 -1.97
N LEU A 385 21.60 -7.79 -3.02
CA LEU A 385 20.18 -7.45 -3.15
C LEU A 385 19.31 -8.60 -2.66
N LYS A 386 18.41 -8.28 -1.73
CA LYS A 386 17.46 -9.22 -1.15
C LYS A 386 16.05 -8.79 -1.53
N ARG A 387 15.08 -9.70 -1.35
CA ARG A 387 13.68 -9.36 -1.63
C ARG A 387 13.17 -8.27 -0.70
N ALA A 388 13.63 -8.26 0.56
CA ALA A 388 13.25 -7.19 1.48
C ALA A 388 13.73 -5.83 0.98
N GLY A 389 14.89 -5.80 0.34
CA GLY A 389 15.45 -4.61 -0.28
C GLY A 389 15.11 -4.45 -1.75
N LEU A 390 14.22 -5.30 -2.29
CA LEU A 390 13.79 -5.24 -3.68
C LEU A 390 12.30 -4.97 -3.73
N VAL A 391 11.91 -3.84 -4.27
CA VAL A 391 10.51 -3.45 -4.37
C VAL A 391 10.03 -3.78 -5.77
N VAL A 392 9.05 -4.68 -5.88
CA VAL A 392 8.57 -5.16 -7.16
C VAL A 392 7.17 -5.72 -6.99
N GLU A 393 6.44 -5.82 -8.09
CA GLU A 393 5.19 -6.58 -8.11
C GLU A 393 5.52 -8.05 -7.91
N ASP A 394 4.79 -8.71 -7.00
CA ASP A 394 5.08 -10.11 -6.70
C ASP A 394 4.95 -10.99 -7.94
N ALA A 395 4.00 -10.67 -8.82
CA ALA A 395 3.87 -11.37 -10.10
C ALA A 395 5.13 -11.24 -10.95
N LEU A 396 5.79 -10.07 -10.91
CA LEU A 396 7.06 -9.90 -11.63
C LEU A 396 8.18 -10.70 -10.98
N PHE A 397 8.21 -10.73 -9.64
CA PHE A 397 9.22 -11.51 -8.96
C PHE A 397 9.07 -12.99 -9.29
N GLU A 398 7.85 -13.42 -9.64
CA GLU A 398 7.67 -14.81 -10.04
C GLU A 398 8.36 -15.14 -11.37
N THR A 399 8.68 -14.13 -12.18
CA THR A 399 9.31 -14.42 -13.46
C THR A 399 10.78 -14.74 -13.32
N LEU A 400 11.34 -14.59 -12.13
CA LEU A 400 12.74 -14.88 -11.95
C LEU A 400 12.95 -16.38 -11.89
N PRO A 401 14.14 -16.86 -12.24
CA PRO A 401 14.41 -18.30 -12.15
C PRO A 401 14.23 -18.81 -10.73
N SER A 402 13.92 -20.10 -10.63
CA SER A 402 13.59 -20.68 -9.33
C SER A 402 14.62 -20.49 -8.24
N ASP A 403 15.87 -20.87 -8.52
CA ASP A 403 16.93 -20.70 -7.54
C ASP A 403 17.33 -19.24 -7.33
N VAL A 404 17.14 -18.42 -8.35
CA VAL A 404 17.32 -16.98 -8.18
C VAL A 404 16.30 -16.58 -7.12
N ARG A 405 15.05 -17.06 -7.27
CA ARG A 405 14.01 -16.72 -6.31
C ARG A 405 14.39 -17.17 -4.90
N GLU A 406 14.76 -18.45 -4.76
CA GLU A 406 15.13 -18.95 -3.43
C GLU A 406 16.35 -18.24 -2.88
N GLN A 407 17.36 -18.00 -3.73
CA GLN A 407 18.58 -17.38 -3.23
C GLN A 407 18.31 -15.96 -2.75
N MET A 408 17.36 -15.27 -3.39
CA MET A 408 17.01 -13.94 -2.91
C MET A 408 16.17 -14.01 -1.64
N LYS A 409 15.32 -15.04 -1.49
CA LYS A 409 14.55 -15.13 -0.27
C LYS A 409 15.36 -15.70 0.89
N ALA A 410 16.33 -16.57 0.62
CA ALA A 410 17.16 -17.15 1.65
C ALA A 410 18.58 -17.40 1.14
N GLY B 1 -9.23 19.19 31.46
CA GLY B 1 -10.43 19.73 30.85
C GLY B 1 -10.46 19.60 29.35
N PRO B 2 -11.24 20.46 28.69
CA PRO B 2 -11.30 20.41 27.21
C PRO B 2 -9.97 20.67 26.52
N SER B 3 -9.27 21.73 26.92
CA SER B 3 -8.00 22.05 26.28
C SER B 3 -7.01 20.90 26.41
N SER B 4 -6.95 20.30 27.61
CA SER B 4 -6.02 19.20 27.84
C SER B 4 -6.34 18.01 26.96
N GLU B 5 -7.62 17.64 26.90
CA GLU B 5 -8.03 16.49 26.12
C GLU B 5 -7.76 16.71 24.63
N ASN B 6 -8.02 17.91 24.12
CA ASN B 6 -7.75 18.17 22.71
C ASN B 6 -6.25 18.19 22.43
N LYS B 7 -5.45 18.74 23.37
CA LYS B 7 -4.01 18.74 23.17
C LYS B 7 -3.36 17.37 23.00
N LEU B 8 -3.72 16.42 23.87
CA LEU B 8 -3.23 15.07 23.67
C LEU B 8 -3.85 14.36 22.47
N LYS B 9 -5.06 14.78 22.10
CA LYS B 9 -5.67 14.23 20.91
C LYS B 9 -4.66 14.55 19.81
N GLN B 10 -4.36 15.85 19.64
CA GLN B 10 -3.43 16.24 18.57
C GLN B 10 -2.03 15.67 18.79
N LEU B 11 -1.58 15.56 20.04
CA LEU B 11 -0.25 15.02 20.32
C LEU B 11 -0.05 13.59 19.85
N ASN B 12 -0.93 12.67 20.28
CA ASN B 12 -0.83 11.29 19.82
C ASN B 12 -1.16 11.13 18.33
N LEU B 13 -1.99 12.04 17.80
CA LEU B 13 -2.30 12.03 16.37
C LEU B 13 -1.00 12.31 15.63
N ASN B 14 -0.23 13.29 16.10
CA ASN B 14 1.04 13.59 15.45
C ASN B 14 2.07 12.50 15.71
N ASN B 15 2.01 11.86 16.89
CA ASN B 15 2.94 10.76 17.17
C ASN B 15 2.69 9.59 16.24
N GLU B 16 1.43 9.29 15.93
CA GLU B 16 1.21 8.14 15.06
C GLU B 16 1.53 8.46 13.61
N TRP B 17 1.03 9.58 13.09
CA TRP B 17 1.20 9.93 11.69
C TRP B 17 2.36 10.91 11.54
N THR B 18 3.57 10.34 11.54
CA THR B 18 4.76 11.13 11.28
C THR B 18 4.82 11.49 9.79
N PRO B 19 5.54 12.56 9.44
CA PRO B 19 5.65 12.92 8.00
C PRO B 19 6.15 11.79 7.12
N ASP B 20 7.00 10.91 7.65
CA ASP B 20 7.45 9.75 6.88
C ASP B 20 6.28 8.83 6.55
N LYS B 21 5.48 8.48 7.56
CA LYS B 21 4.33 7.61 7.31
C LYS B 21 3.24 8.32 6.52
N LEU B 22 3.14 9.65 6.63
CA LEU B 22 2.19 10.37 5.80
C LEU B 22 2.59 10.29 4.33
N ARG B 23 3.88 10.46 4.04
CA ARG B 23 4.35 10.40 2.67
C ARG B 23 4.31 8.98 2.13
N GLN B 24 4.28 7.97 3.00
CA GLN B 24 4.06 6.61 2.53
C GLN B 24 2.73 6.46 1.81
N LYS B 25 1.74 7.29 2.15
CA LYS B 25 0.40 7.18 1.59
C LYS B 25 0.15 8.07 0.38
N LEU B 26 1.16 8.83 -0.06
CA LEU B 26 0.97 9.75 -1.18
C LEU B 26 0.59 8.99 -2.46
N GLN B 27 -0.21 9.65 -3.29
CA GLN B 27 -0.65 9.04 -4.54
C GLN B 27 -0.82 10.14 -5.58
N THR B 28 -1.11 9.75 -6.82
CA THR B 28 -1.46 10.69 -7.86
C THR B 28 -2.90 10.45 -8.24
N ASN B 29 -3.71 11.51 -8.23
CA ASN B 29 -5.15 11.35 -8.38
C ASN B 29 -5.54 11.34 -9.84
N ALA B 30 -6.86 11.26 -10.10
CA ALA B 30 -7.37 11.31 -11.46
C ALA B 30 -7.23 12.69 -12.09
N HIS B 31 -6.94 13.72 -11.29
CA HIS B 31 -6.68 15.06 -11.79
C HIS B 31 -5.20 15.31 -12.02
N ASN B 32 -4.35 14.29 -11.88
CA ASN B 32 -2.91 14.36 -12.15
C ASN B 32 -2.16 15.26 -11.17
N ARG B 33 -2.56 15.23 -9.90
CA ARG B 33 -1.85 15.96 -8.85
C ARG B 33 -1.57 15.03 -7.68
N LEU B 34 -0.60 15.43 -6.85
CA LEU B 34 -0.16 14.63 -5.71
C LEU B 34 -1.12 14.80 -4.53
N GLU B 35 -1.65 13.68 -4.05
CA GLU B 35 -2.75 13.63 -3.11
C GLU B 35 -2.37 12.85 -1.86
N LEU B 36 -2.86 13.32 -0.72
CA LEU B 36 -2.72 12.65 0.57
C LEU B 36 -4.10 12.18 1.02
N PRO B 37 -4.40 10.88 0.95
CA PRO B 37 -5.79 10.42 1.15
C PRO B 37 -6.13 9.88 2.53
N LEU B 38 -6.09 10.72 3.57
CA LEU B 38 -6.48 10.29 4.91
C LEU B 38 -7.88 9.67 4.93
N ILE B 39 -8.00 8.48 5.54
CA ILE B 39 -9.26 7.74 5.57
C ILE B 39 -9.56 7.28 7.00
N MET B 40 -10.71 7.70 7.53
CA MET B 40 -11.25 7.24 8.81
C MET B 40 -10.26 7.42 9.95
N LEU B 41 -10.03 8.69 10.28
CA LEU B 41 -9.20 9.08 11.41
C LEU B 41 -10.06 9.74 12.48
N SER B 42 -9.51 9.81 13.70
CA SER B 42 -10.20 10.53 14.77
C SER B 42 -10.10 12.04 14.58
N GLY B 43 -9.15 12.51 13.79
CA GLY B 43 -9.03 13.92 13.53
C GLY B 43 -7.98 14.19 12.46
N LEU B 44 -7.55 15.45 12.40
CA LEU B 44 -6.51 15.85 11.47
C LEU B 44 -5.19 15.94 12.21
N PRO B 45 -4.21 15.11 11.90
CA PRO B 45 -2.87 15.31 12.46
C PRO B 45 -2.29 16.62 11.94
N ASP B 46 -1.68 17.38 12.85
CA ASP B 46 -1.11 18.67 12.44
C ASP B 46 0.04 18.47 11.46
N THR B 47 0.79 17.38 11.60
CA THR B 47 1.87 17.07 10.67
C THR B 47 1.40 16.99 9.23
N VAL B 48 0.10 16.77 9.00
CA VAL B 48 -0.44 16.77 7.64
C VAL B 48 -0.09 18.07 6.93
N PHE B 49 -0.11 19.19 7.65
CA PHE B 49 0.17 20.48 7.04
C PHE B 49 1.67 20.76 6.93
N GLU B 50 2.51 19.76 7.19
CA GLU B 50 3.94 19.81 6.90
C GLU B 50 4.29 19.14 5.58
N ILE B 51 3.37 18.38 5.00
CA ILE B 51 3.63 17.67 3.75
C ILE B 51 3.42 18.66 2.60
N THR B 52 4.40 19.54 2.39
CA THR B 52 4.26 20.65 1.46
C THR B 52 4.18 20.19 0.01
N GLU B 53 4.55 18.95 -0.30
CA GLU B 53 4.52 18.51 -1.68
C GLU B 53 3.14 18.05 -2.15
N LEU B 54 2.18 17.89 -1.24
CA LEU B 54 0.86 17.44 -1.65
C LEU B 54 0.15 18.55 -2.44
N GLN B 55 -0.55 18.14 -3.49
CA GLN B 55 -1.33 19.06 -4.31
C GLN B 55 -2.83 18.87 -4.11
N SER B 56 -3.26 17.71 -3.64
CA SER B 56 -4.64 17.45 -3.33
C SER B 56 -4.72 16.84 -1.93
N LEU B 57 -5.80 17.14 -1.22
CA LEU B 57 -6.02 16.64 0.13
C LEU B 57 -7.37 15.91 0.13
N LYS B 58 -7.33 14.61 0.36
CA LYS B 58 -8.51 13.76 0.30
C LYS B 58 -8.81 13.24 1.70
N LEU B 59 -10.01 13.53 2.19
CA LEU B 59 -10.47 13.12 3.52
C LEU B 59 -11.63 12.15 3.36
N GLU B 60 -11.59 11.04 4.09
CA GLU B 60 -12.59 9.99 3.98
C GLU B 60 -13.12 9.67 5.36
N ILE B 61 -14.42 9.88 5.56
CA ILE B 61 -15.14 9.45 6.76
C ILE B 61 -14.41 9.92 8.02
N ILE B 62 -14.35 11.23 8.24
CA ILE B 62 -13.77 11.79 9.45
C ILE B 62 -14.83 12.68 10.07
N LYS B 63 -15.38 12.23 11.20
CA LYS B 63 -16.51 12.89 11.85
C LYS B 63 -16.11 14.13 12.65
N ASN B 64 -14.82 14.38 12.83
CA ASN B 64 -14.34 15.46 13.68
C ASN B 64 -13.12 16.13 13.04
N VAL B 65 -13.35 16.94 12.01
CA VAL B 65 -12.28 17.68 11.34
C VAL B 65 -12.41 19.17 11.63
N MET B 66 -11.31 19.76 12.08
CA MET B 66 -11.17 21.19 12.28
C MET B 66 -9.87 21.62 11.60
N ILE B 67 -9.97 22.46 10.58
CA ILE B 67 -8.77 22.93 9.88
C ILE B 67 -8.23 24.11 10.71
N PRO B 68 -6.98 24.03 11.15
CA PRO B 68 -6.48 24.94 12.20
C PRO B 68 -5.73 26.20 11.75
N ALA B 69 -5.79 26.57 10.48
CA ALA B 69 -5.11 27.72 9.86
C ALA B 69 -3.64 27.41 9.54
N THR B 70 -3.10 26.29 10.00
CA THR B 70 -1.78 25.87 9.53
C THR B 70 -1.81 25.32 8.11
N ILE B 71 -3.01 25.11 7.55
CA ILE B 71 -3.15 24.68 6.16
C ILE B 71 -2.56 25.70 5.21
N ALA B 72 -2.42 26.96 5.64
CA ALA B 72 -1.77 27.96 4.82
C ALA B 72 -0.31 27.63 4.54
N GLN B 73 0.25 26.67 5.28
CA GLN B 73 1.62 26.23 5.02
C GLN B 73 1.71 25.40 3.76
N LEU B 74 0.60 24.74 3.38
CA LEU B 74 0.56 23.91 2.17
C LEU B 74 0.56 24.85 0.96
N ASP B 75 1.76 25.34 0.63
CA ASP B 75 1.89 26.35 -0.41
C ASP B 75 1.42 25.81 -1.75
N ASN B 76 1.52 24.51 -1.95
CA ASN B 76 0.98 23.82 -3.12
C ASN B 76 -0.32 23.16 -2.69
N LEU B 77 -1.44 23.62 -3.25
CA LEU B 77 -2.73 23.04 -2.93
C LEU B 77 -3.70 23.53 -3.98
N GLN B 78 -4.16 22.62 -4.84
CA GLN B 78 -5.09 22.96 -5.91
C GLN B 78 -6.42 22.26 -5.78
N GLU B 79 -6.49 21.14 -5.06
CA GLU B 79 -7.69 20.34 -4.96
C GLU B 79 -7.97 20.00 -3.50
N LEU B 80 -9.27 19.91 -3.18
CA LEU B 80 -9.73 19.46 -1.88
C LEU B 80 -10.82 18.42 -2.12
N CYS B 81 -10.73 17.31 -1.38
CA CYS B 81 -11.66 16.19 -1.55
C CYS B 81 -12.24 15.81 -0.19
N LEU B 82 -13.56 15.82 -0.11
CA LEU B 82 -14.28 15.50 1.12
C LEU B 82 -15.31 14.42 0.80
N HIS B 83 -15.13 13.24 1.35
CA HIS B 83 -16.09 12.15 1.19
C HIS B 83 -16.68 11.84 2.56
N GLN B 84 -17.90 12.31 2.79
CA GLN B 84 -18.63 12.07 4.02
C GLN B 84 -17.87 12.60 5.23
N CYS B 85 -17.50 13.89 5.14
CA CYS B 85 -16.78 14.59 6.19
C CYS B 85 -17.53 15.86 6.53
N SER B 86 -17.67 16.15 7.82
CA SER B 86 -18.25 17.40 8.31
C SER B 86 -17.11 18.29 8.79
N VAL B 87 -16.77 19.32 8.03
CA VAL B 87 -15.52 20.06 8.20
C VAL B 87 -15.80 21.44 8.77
N LYS B 88 -15.13 21.78 9.86
CA LYS B 88 -15.12 23.15 10.34
C LYS B 88 -13.76 23.76 10.02
N ILE B 89 -13.73 25.06 9.77
CA ILE B 89 -12.53 25.71 9.28
C ILE B 89 -12.22 26.97 10.09
N HIS B 90 -10.95 27.36 10.07
CA HIS B 90 -10.45 28.60 10.66
C HIS B 90 -10.54 29.73 9.63
N SER B 91 -10.55 30.96 10.14
CA SER B 91 -10.65 32.14 9.29
C SER B 91 -9.44 32.29 8.39
N ALA B 92 -8.24 32.14 8.95
CA ALA B 92 -7.04 32.18 8.12
C ALA B 92 -7.02 31.00 7.15
N ALA B 93 -7.47 29.83 7.60
CA ALA B 93 -7.59 28.68 6.71
C ALA B 93 -8.58 28.93 5.58
N LEU B 94 -9.74 29.51 5.91
CA LEU B 94 -10.72 29.80 4.87
C LEU B 94 -10.23 30.89 3.92
N SER B 95 -9.48 31.86 4.44
CA SER B 95 -8.85 32.86 3.56
C SER B 95 -7.88 32.20 2.60
N PHE B 96 -7.06 31.28 3.12
CA PHE B 96 -6.12 30.55 2.27
C PHE B 96 -6.86 29.79 1.18
N LEU B 97 -7.93 29.09 1.54
CA LEU B 97 -8.66 28.32 0.53
C LEU B 97 -9.40 29.23 -0.44
N LYS B 98 -9.83 30.41 0.01
CA LYS B 98 -10.46 31.37 -0.89
C LYS B 98 -9.46 31.87 -1.92
N GLU B 99 -8.22 32.06 -1.52
CA GLU B 99 -7.22 32.59 -2.44
C GLU B 99 -6.50 31.52 -3.25
N ASN B 100 -6.56 30.26 -2.84
CA ASN B 100 -5.72 29.22 -3.44
C ASN B 100 -6.47 28.02 -3.98
N LEU B 101 -7.59 27.60 -3.37
CA LEU B 101 -8.25 26.38 -3.80
C LEU B 101 -8.83 26.55 -5.20
N LYS B 102 -8.58 25.55 -6.05
CA LYS B 102 -9.03 25.57 -7.43
C LYS B 102 -10.02 24.47 -7.77
N VAL B 103 -9.99 23.33 -7.08
CA VAL B 103 -10.91 22.22 -7.31
C VAL B 103 -11.46 21.74 -5.98
N LEU B 104 -12.77 21.47 -5.93
CA LEU B 104 -13.43 21.00 -4.73
C LEU B 104 -14.37 19.86 -5.07
N SER B 105 -14.31 18.79 -4.29
CA SER B 105 -15.16 17.61 -4.47
C SER B 105 -15.71 17.21 -3.11
N VAL B 106 -17.04 17.16 -3.00
CA VAL B 106 -17.71 16.85 -1.74
C VAL B 106 -18.68 15.71 -1.97
N LYS B 107 -18.52 14.62 -1.23
CA LYS B 107 -19.48 13.52 -1.21
C LYS B 107 -20.23 13.58 0.12
N PHE B 108 -21.38 14.24 0.11
CA PHE B 108 -22.19 14.42 1.31
C PHE B 108 -23.39 13.48 1.26
N ASP B 109 -23.63 12.76 2.36
CA ASP B 109 -24.84 11.98 2.53
C ASP B 109 -26.01 12.75 3.09
N ASP B 110 -25.74 13.85 3.77
CA ASP B 110 -26.72 14.77 4.32
C ASP B 110 -26.23 16.17 4.04
N MET B 111 -27.08 17.15 4.34
CA MET B 111 -26.64 18.54 4.29
C MET B 111 -25.62 18.94 5.35
N ARG B 112 -25.40 18.10 6.37
CA ARG B 112 -24.44 18.42 7.41
C ARG B 112 -23.01 18.14 6.97
N GLU B 113 -22.82 17.30 5.95
CA GLU B 113 -21.51 17.06 5.37
C GLU B 113 -21.22 17.95 4.17
N LEU B 114 -22.06 18.97 3.93
CA LEU B 114 -21.80 19.93 2.87
C LEU B 114 -21.33 21.23 3.49
N PRO B 115 -20.08 21.62 3.30
CA PRO B 115 -19.53 22.77 4.05
C PRO B 115 -20.15 24.08 3.60
N PRO B 116 -20.70 24.86 4.54
CA PRO B 116 -21.30 26.14 4.15
C PRO B 116 -20.29 27.16 3.63
N TRP B 117 -19.02 27.05 4.04
CA TRP B 117 -18.01 27.99 3.58
C TRP B 117 -17.64 27.79 2.11
N MET B 118 -17.95 26.62 1.54
CA MET B 118 -17.62 26.35 0.14
C MET B 118 -18.23 27.38 -0.81
N TYR B 119 -19.32 28.03 -0.41
CA TYR B 119 -19.97 29.00 -1.28
C TYR B 119 -19.20 30.30 -1.38
N GLY B 120 -18.13 30.47 -0.60
CA GLY B 120 -17.33 31.68 -0.64
C GLY B 120 -15.95 31.52 -1.23
N LEU B 121 -15.64 30.36 -1.82
CA LEU B 121 -14.30 30.07 -2.31
C LEU B 121 -14.12 30.68 -3.70
N ARG B 122 -13.66 31.92 -3.73
CA ARG B 122 -13.29 32.57 -4.98
C ARG B 122 -12.06 31.86 -5.55
N ASN B 123 -11.71 32.23 -6.78
CA ASN B 123 -10.64 31.59 -7.55
C ASN B 123 -10.81 30.08 -7.67
N LEU B 124 -11.97 29.54 -7.30
CA LEU B 124 -12.26 28.11 -7.47
C LEU B 124 -12.72 27.85 -8.89
N GLU B 125 -12.12 26.86 -9.56
CA GLU B 125 -12.48 26.60 -10.95
C GLU B 125 -13.40 25.39 -11.15
N GLU B 126 -13.26 24.34 -10.36
CA GLU B 126 -14.03 23.12 -10.57
C GLU B 126 -14.72 22.71 -9.28
N LEU B 127 -16.02 22.44 -9.37
CA LEU B 127 -16.82 22.02 -8.23
C LEU B 127 -17.59 20.76 -8.60
N TYR B 128 -17.44 19.72 -7.78
CA TYR B 128 -18.06 18.42 -8.03
C TYR B 128 -18.87 18.03 -6.81
N LEU B 129 -20.19 17.96 -6.96
CA LEU B 129 -21.08 17.58 -5.87
C LEU B 129 -21.70 16.23 -6.19
N VAL B 130 -21.53 15.28 -5.27
CA VAL B 130 -22.15 13.96 -5.35
C VAL B 130 -22.97 13.80 -4.08
N GLY B 131 -24.25 14.12 -4.16
CA GLY B 131 -25.12 14.06 -3.00
C GLY B 131 -26.52 14.49 -3.40
N SER B 132 -27.46 14.26 -2.47
CA SER B 132 -28.86 14.56 -2.70
C SER B 132 -29.16 16.02 -2.36
N LEU B 133 -29.80 16.73 -3.30
CA LEU B 133 -30.16 18.13 -3.12
C LEU B 133 -31.64 18.43 -3.27
N SER B 134 -32.45 17.46 -3.71
CA SER B 134 -33.88 17.67 -3.88
C SER B 134 -34.70 16.57 -3.22
N LYS B 139 -40.00 21.43 -4.98
CA LYS B 139 -39.59 22.78 -4.67
C LYS B 139 -38.32 23.18 -5.41
N ASN B 140 -37.39 23.76 -4.67
CA ASN B 140 -36.11 24.25 -5.17
C ASN B 140 -34.98 23.47 -4.53
N VAL B 141 -33.82 23.51 -5.16
CA VAL B 141 -32.65 22.79 -4.66
C VAL B 141 -32.06 23.52 -3.47
N THR B 142 -31.65 22.76 -2.45
CA THR B 142 -31.11 23.33 -1.21
C THR B 142 -29.67 23.81 -1.35
N LEU B 143 -29.07 23.68 -2.53
CA LEU B 143 -27.78 24.31 -2.79
C LEU B 143 -27.92 25.82 -2.70
N GLU B 144 -27.05 26.45 -1.89
CA GLU B 144 -27.08 27.89 -1.78
C GLU B 144 -26.53 28.52 -3.07
N SER B 145 -26.71 29.83 -3.17
CA SER B 145 -26.37 30.52 -4.41
C SER B 145 -24.86 30.47 -4.65
N LEU B 146 -24.49 30.22 -5.91
CA LEU B 146 -23.10 30.19 -6.31
C LEU B 146 -22.56 31.56 -6.75
N ARG B 147 -23.04 32.65 -6.13
CA ARG B 147 -22.69 33.97 -6.63
C ARG B 147 -21.22 34.30 -6.43
N ASP B 148 -20.62 33.83 -5.33
CA ASP B 148 -19.29 34.28 -4.97
C ASP B 148 -18.19 33.35 -5.47
N LEU B 149 -18.53 32.40 -6.35
CA LEU B 149 -17.51 31.57 -7.01
C LEU B 149 -17.12 32.25 -8.33
N LYS B 150 -16.40 33.36 -8.18
CA LYS B 150 -16.16 34.26 -9.30
C LYS B 150 -15.40 33.58 -10.43
N SER B 151 -14.62 32.55 -10.14
CA SER B 151 -13.75 31.93 -11.14
C SER B 151 -14.18 30.51 -11.47
N LEU B 152 -15.42 30.16 -11.15
CA LEU B 152 -15.90 28.80 -11.40
C LEU B 152 -16.06 28.55 -12.90
N LYS B 153 -15.49 27.45 -13.37
CA LYS B 153 -15.61 27.07 -14.77
C LYS B 153 -16.32 25.75 -15.00
N ILE B 154 -16.14 24.77 -14.11
CA ILE B 154 -16.72 23.43 -14.28
C ILE B 154 -17.62 23.15 -13.09
N LEU B 155 -18.81 22.64 -13.35
CA LEU B 155 -19.77 22.28 -12.31
C LEU B 155 -20.34 20.90 -12.63
N SER B 156 -20.32 20.01 -11.64
CA SER B 156 -20.86 18.66 -11.80
C SER B 156 -21.70 18.32 -10.58
N ILE B 157 -22.99 18.02 -10.81
CA ILE B 157 -23.91 17.66 -9.74
C ILE B 157 -24.38 16.23 -9.99
N LYS B 158 -24.20 15.38 -8.99
CA LYS B 158 -24.64 13.99 -9.04
C LYS B 158 -25.75 13.87 -8.00
N SER B 159 -26.94 14.35 -8.37
CA SER B 159 -28.03 14.49 -7.40
C SER B 159 -29.33 13.88 -7.92
N ASN B 160 -30.45 14.44 -7.48
CA ASN B 160 -31.78 13.98 -7.85
C ASN B 160 -32.65 15.21 -8.08
N VAL B 161 -32.25 16.05 -9.03
CA VAL B 161 -32.83 17.37 -9.19
C VAL B 161 -33.89 17.29 -10.28
N SER B 162 -35.07 17.84 -9.98
CA SER B 162 -36.16 17.92 -10.95
C SER B 162 -36.14 19.23 -11.71
N LYS B 163 -35.40 20.22 -11.22
CA LYS B 163 -35.21 21.47 -11.92
C LYS B 163 -33.77 21.91 -11.73
N ILE B 164 -33.20 22.45 -12.79
CA ILE B 164 -31.84 22.99 -12.76
C ILE B 164 -31.87 24.18 -11.82
N PRO B 165 -31.13 24.13 -10.72
CA PRO B 165 -31.31 25.13 -9.66
C PRO B 165 -31.02 26.53 -10.16
N GLN B 166 -31.72 27.51 -9.56
CA GLN B 166 -31.42 28.89 -9.88
C GLN B 166 -30.03 29.29 -9.44
N ALA B 167 -29.46 28.56 -8.47
CA ALA B 167 -28.12 28.91 -8.02
C ALA B 167 -27.13 28.87 -9.17
N VAL B 168 -27.27 27.91 -10.07
CA VAL B 168 -26.31 27.81 -11.17
C VAL B 168 -26.42 29.00 -12.12
N VAL B 169 -27.58 29.63 -12.25
CA VAL B 169 -27.64 30.78 -13.14
C VAL B 169 -26.81 31.93 -12.61
N ASP B 170 -26.36 31.85 -11.37
CA ASP B 170 -25.57 32.92 -10.81
C ASP B 170 -24.10 32.80 -11.19
N VAL B 171 -23.73 31.77 -11.94
CA VAL B 171 -22.40 31.69 -12.53
C VAL B 171 -22.49 31.61 -14.05
N SER B 172 -23.62 32.07 -14.60
CA SER B 172 -23.90 31.95 -16.02
C SER B 172 -22.94 32.77 -16.88
N SER B 173 -22.33 33.81 -16.32
CA SER B 173 -21.47 34.67 -17.13
C SER B 173 -20.18 33.99 -17.50
N HIS B 174 -19.70 33.05 -16.69
CA HIS B 174 -18.38 32.47 -16.90
C HIS B 174 -18.33 30.95 -16.85
N LEU B 175 -19.39 30.27 -16.42
CA LEU B 175 -19.35 28.81 -16.35
C LEU B 175 -19.27 28.21 -17.75
N GLN B 176 -18.41 27.21 -17.91
CA GLN B 176 -18.16 26.59 -19.20
C GLN B 176 -18.68 25.16 -19.32
N LYS B 177 -18.54 24.35 -18.27
CA LYS B 177 -18.92 22.94 -18.31
C LYS B 177 -19.84 22.63 -17.13
N MET B 178 -21.03 22.12 -17.43
CA MET B 178 -21.99 21.71 -16.41
C MET B 178 -22.41 20.26 -16.66
N CYS B 179 -22.36 19.45 -15.61
CA CYS B 179 -22.70 18.04 -15.67
C CYS B 179 -23.79 17.73 -14.65
N VAL B 180 -24.85 17.08 -15.10
CA VAL B 180 -25.94 16.65 -14.22
C VAL B 180 -26.10 15.14 -14.42
N HIS B 181 -25.77 14.37 -13.38
CA HIS B 181 -25.89 12.91 -13.42
C HIS B 181 -26.95 12.54 -12.38
N ASN B 182 -28.21 12.61 -12.78
CA ASN B 182 -29.30 12.35 -11.87
C ASN B 182 -29.41 10.86 -11.58
N ASP B 183 -30.17 10.54 -10.53
CA ASP B 183 -30.43 9.16 -10.13
C ASP B 183 -31.59 8.55 -10.89
N GLY B 184 -32.02 9.17 -11.99
CA GLY B 184 -33.22 8.79 -12.69
C GLY B 184 -34.36 9.78 -12.53
N THR B 185 -34.23 10.73 -11.58
CA THR B 185 -35.26 11.75 -11.39
C THR B 185 -35.39 12.60 -12.64
N LYS B 186 -36.62 12.69 -13.15
CA LYS B 186 -36.86 13.40 -14.40
C LYS B 186 -36.65 14.90 -14.21
N LEU B 187 -35.82 15.49 -15.07
CA LEU B 187 -35.56 16.94 -15.06
C LEU B 187 -36.63 17.60 -15.91
N VAL B 188 -37.70 18.07 -15.26
CA VAL B 188 -38.86 18.58 -15.98
C VAL B 188 -38.78 20.09 -16.25
N MET B 189 -38.11 20.86 -15.40
CA MET B 189 -38.04 22.31 -15.54
C MET B 189 -36.66 22.68 -16.05
N LEU B 190 -36.57 23.06 -17.32
CA LEU B 190 -35.31 23.37 -17.97
C LEU B 190 -35.19 24.83 -18.38
N ASN B 191 -36.04 25.71 -17.84
CA ASN B 191 -36.01 27.10 -18.26
C ASN B 191 -34.71 27.79 -17.86
N ASN B 192 -34.23 27.53 -16.64
CA ASN B 192 -33.00 28.17 -16.18
C ASN B 192 -31.81 27.77 -17.03
N LEU B 193 -31.85 26.58 -17.63
CA LEU B 193 -30.78 26.15 -18.51
C LEU B 193 -30.59 27.10 -19.69
N LYS B 194 -31.66 27.80 -20.11
CA LYS B 194 -31.54 28.78 -21.17
C LYS B 194 -30.64 29.95 -20.79
N LYS B 195 -30.46 30.20 -19.49
CA LYS B 195 -29.66 31.34 -19.06
C LYS B 195 -28.16 31.04 -19.03
N MET B 196 -27.74 29.80 -19.27
CA MET B 196 -26.31 29.44 -19.34
C MET B 196 -25.80 29.62 -20.77
N THR B 197 -25.71 30.87 -21.20
CA THR B 197 -25.44 31.13 -22.61
C THR B 197 -24.04 30.67 -23.00
N ASN B 198 -23.01 31.11 -22.27
CA ASN B 198 -21.63 30.86 -22.67
C ASN B 198 -21.13 29.46 -22.29
N LEU B 199 -22.03 28.49 -22.15
CA LEU B 199 -21.61 27.12 -21.90
C LEU B 199 -21.00 26.51 -23.16
N THR B 200 -19.92 25.75 -22.97
CA THR B 200 -19.27 25.07 -24.09
C THR B 200 -19.36 23.55 -24.02
N GLU B 201 -19.60 22.98 -22.85
CA GLU B 201 -19.79 21.53 -22.71
C GLU B 201 -20.92 21.28 -21.73
N LEU B 202 -21.84 20.39 -22.09
CA LEU B 202 -23.02 20.11 -21.28
C LEU B 202 -23.27 18.61 -21.23
N GLU B 203 -23.59 18.10 -20.04
CA GLU B 203 -23.91 16.69 -19.84
C GLU B 203 -25.17 16.58 -18.99
N LEU B 204 -26.25 16.09 -19.58
CA LEU B 204 -27.50 15.80 -18.87
C LEU B 204 -27.78 14.30 -18.99
N VAL B 205 -27.19 13.53 -18.09
CA VAL B 205 -27.23 12.07 -18.15
C VAL B 205 -28.15 11.54 -17.07
N HIS B 206 -29.02 10.59 -17.43
CA HIS B 206 -29.93 9.90 -16.52
C HIS B 206 -30.94 10.86 -15.89
N CYS B 207 -31.32 11.89 -16.64
CA CYS B 207 -32.34 12.85 -16.22
C CYS B 207 -33.71 12.54 -16.82
N ASP B 208 -33.85 11.37 -17.45
CA ASP B 208 -35.07 10.99 -18.16
C ASP B 208 -35.57 12.09 -19.08
N LEU B 209 -34.66 12.69 -19.84
CA LEU B 209 -35.07 13.65 -20.85
C LEU B 209 -35.69 12.85 -21.98
N GLU B 210 -36.99 12.59 -21.91
CA GLU B 210 -37.67 11.82 -22.94
C GLU B 210 -37.38 12.33 -24.35
N ARG B 211 -37.03 13.60 -24.50
CA ARG B 211 -36.67 14.17 -25.79
C ARG B 211 -35.64 15.27 -25.57
N ILE B 212 -35.00 15.69 -26.65
CA ILE B 212 -34.00 16.75 -26.58
C ILE B 212 -34.64 18.05 -26.12
N PRO B 213 -34.21 18.61 -24.99
CA PRO B 213 -34.83 19.83 -24.49
C PRO B 213 -34.51 21.03 -25.37
N HIS B 214 -35.48 21.93 -25.47
CA HIS B 214 -35.32 23.12 -26.29
C HIS B 214 -34.26 24.08 -25.72
N ALA B 215 -34.09 24.08 -24.40
CA ALA B 215 -33.14 24.98 -23.76
C ALA B 215 -31.73 24.82 -24.32
N VAL B 216 -31.35 23.59 -24.70
CA VAL B 216 -30.02 23.33 -25.23
C VAL B 216 -29.72 24.23 -26.42
N PHE B 217 -30.75 24.60 -27.18
CA PHE B 217 -30.55 25.40 -28.38
C PHE B 217 -30.26 26.86 -28.09
N SER B 218 -30.23 27.27 -26.82
CA SER B 218 -29.87 28.64 -26.47
C SER B 218 -28.39 28.81 -26.19
N LEU B 219 -27.63 27.72 -26.16
CA LEU B 219 -26.20 27.76 -25.83
C LEU B 219 -25.43 27.93 -27.14
N LEU B 220 -25.24 29.19 -27.53
CA LEU B 220 -24.66 29.50 -28.82
C LEU B 220 -23.20 29.09 -28.93
N SER B 221 -22.48 28.99 -27.81
CA SER B 221 -21.08 28.60 -27.84
C SER B 221 -20.84 27.12 -27.51
N LEU B 222 -21.89 26.29 -27.52
CA LEU B 222 -21.75 24.90 -27.10
C LEU B 222 -20.96 24.09 -28.12
N GLN B 223 -20.00 23.31 -27.65
CA GLN B 223 -19.16 22.45 -28.47
C GLN B 223 -19.42 20.97 -28.26
N GLU B 224 -19.67 20.55 -27.03
CA GLU B 224 -19.88 19.15 -26.71
C GLU B 224 -21.21 18.97 -26.00
N LEU B 225 -21.88 17.84 -26.27
CA LEU B 225 -23.16 17.50 -25.66
C LEU B 225 -23.24 16.01 -25.42
N ASP B 226 -23.61 15.62 -24.20
CA ASP B 226 -23.77 14.22 -23.81
C ASP B 226 -25.16 14.04 -23.22
N LEU B 227 -25.98 13.19 -23.84
CA LEU B 227 -27.34 12.90 -23.38
C LEU B 227 -27.46 11.39 -23.15
N LYS B 228 -26.71 10.90 -22.17
CA LYS B 228 -26.58 9.47 -21.92
C LYS B 228 -27.68 8.97 -20.99
N GLU B 229 -28.26 7.81 -21.33
CA GLU B 229 -29.21 7.12 -20.45
C GLU B 229 -30.42 8.01 -20.14
N ASN B 230 -30.98 8.62 -21.18
CA ASN B 230 -32.07 9.56 -21.02
C ASN B 230 -33.39 9.07 -21.60
N ASN B 231 -33.47 7.79 -21.98
CA ASN B 231 -34.71 7.22 -22.50
C ASN B 231 -35.17 7.97 -23.75
N LEU B 232 -34.19 8.35 -24.58
CA LEU B 232 -34.49 9.08 -25.80
C LEU B 232 -35.06 8.12 -26.84
N LYS B 233 -36.21 8.50 -27.40
CA LYS B 233 -36.93 7.71 -28.39
C LYS B 233 -36.82 8.30 -29.79
N SER B 234 -37.06 9.60 -29.92
CA SER B 234 -37.00 10.31 -31.19
C SER B 234 -36.05 11.49 -31.05
N ILE B 235 -35.34 11.83 -32.13
CA ILE B 235 -34.43 12.96 -32.12
C ILE B 235 -34.70 13.85 -33.31
N GLU B 236 -35.98 14.14 -33.58
CA GLU B 236 -36.37 15.02 -34.66
C GLU B 236 -35.95 16.48 -34.41
N GLU B 237 -35.31 16.78 -33.29
CA GLU B 237 -34.90 18.14 -32.94
C GLU B 237 -33.51 18.49 -33.40
N ILE B 238 -32.79 17.56 -34.04
CA ILE B 238 -31.44 17.87 -34.44
C ILE B 238 -31.41 19.10 -35.31
N VAL B 239 -32.54 19.44 -35.92
CA VAL B 239 -32.68 20.62 -36.79
C VAL B 239 -32.22 21.88 -36.07
N SER B 240 -32.65 22.06 -34.82
CA SER B 240 -32.30 23.29 -34.11
C SER B 240 -30.83 23.35 -33.78
N PHE B 241 -30.14 22.21 -33.79
CA PHE B 241 -28.69 22.25 -33.62
C PHE B 241 -28.01 22.90 -34.78
N GLN B 242 -28.76 23.17 -35.84
CA GLN B 242 -28.18 23.94 -36.93
C GLN B 242 -28.10 25.44 -36.57
N HIS B 243 -28.26 25.76 -35.30
CA HIS B 243 -28.00 27.16 -34.87
C HIS B 243 -26.76 27.16 -34.01
N LEU B 244 -26.36 25.97 -33.52
CA LEU B 244 -25.10 25.82 -32.77
C LEU B 244 -24.06 25.23 -33.72
N ARG B 245 -23.42 26.15 -34.43
CA ARG B 245 -22.43 25.88 -35.41
C ARG B 245 -21.06 25.60 -34.88
N LYS B 246 -20.87 25.84 -33.59
CA LYS B 246 -19.61 25.60 -32.92
C LYS B 246 -19.54 24.20 -32.33
N LEU B 247 -20.58 23.41 -32.53
CA LEU B 247 -20.71 22.04 -32.02
C LEU B 247 -20.01 20.94 -32.76
N THR B 248 -19.08 20.28 -32.09
CA THR B 248 -18.27 19.21 -32.63
C THR B 248 -18.46 17.85 -32.03
N VAL B 249 -18.96 17.75 -30.81
CA VAL B 249 -19.20 16.46 -30.18
C VAL B 249 -20.69 16.35 -29.84
N LEU B 250 -21.32 15.27 -30.30
CA LEU B 250 -22.72 14.99 -30.02
C LEU B 250 -22.84 13.54 -29.56
N LYS B 251 -23.26 13.34 -28.31
CA LYS B 251 -23.35 12.02 -27.70
C LYS B 251 -24.81 11.72 -27.36
N LEU B 252 -25.41 10.82 -28.12
CA LEU B 252 -26.78 10.36 -27.87
C LEU B 252 -26.81 8.89 -27.47
N TRP B 253 -25.70 8.36 -26.99
CA TRP B 253 -25.56 6.94 -26.71
C TRP B 253 -26.40 6.51 -25.51
N TYR B 254 -26.66 5.20 -25.45
CA TYR B 254 -27.43 4.56 -24.38
C TYR B 254 -28.84 5.14 -24.28
N ASN B 255 -29.55 5.10 -25.41
CA ASN B 255 -30.95 5.50 -25.45
C ASN B 255 -31.72 4.45 -26.25
N SER B 256 -32.93 4.79 -26.67
CA SER B 256 -33.80 3.93 -27.46
C SER B 256 -34.11 4.57 -28.81
N ILE B 257 -33.13 5.28 -29.38
CA ILE B 257 -33.32 5.94 -30.66
C ILE B 257 -33.41 4.89 -31.76
N ALA B 258 -34.43 5.00 -32.61
CA ALA B 258 -34.65 4.05 -33.68
C ALA B 258 -34.53 4.66 -35.07
N TYR B 259 -34.45 5.98 -35.18
CA TYR B 259 -34.49 6.66 -36.47
C TYR B 259 -33.54 7.85 -36.46
N ILE B 260 -32.56 7.82 -37.36
CA ILE B 260 -31.68 8.97 -37.59
C ILE B 260 -32.39 9.86 -38.61
N PRO B 261 -32.86 11.04 -38.23
CA PRO B 261 -33.55 11.90 -39.21
C PRO B 261 -32.58 12.41 -40.25
N GLU B 262 -33.15 12.92 -41.34
CA GLU B 262 -32.31 13.54 -42.37
C GLU B 262 -31.73 14.85 -41.88
N HIS B 263 -32.37 15.48 -40.89
CA HIS B 263 -31.95 16.78 -40.40
C HIS B 263 -30.52 16.76 -39.85
N ILE B 264 -29.94 15.59 -39.59
CA ILE B 264 -28.55 15.48 -39.17
C ILE B 264 -27.62 16.07 -40.22
N LYS B 265 -28.06 16.15 -41.48
CA LYS B 265 -27.24 16.79 -42.50
C LYS B 265 -27.02 18.28 -42.24
N LYS B 266 -27.73 18.88 -41.30
CA LYS B 266 -27.51 20.28 -40.98
C LYS B 266 -26.44 20.52 -39.94
N LEU B 267 -25.85 19.47 -39.35
CA LEU B 267 -24.76 19.63 -38.38
C LEU B 267 -23.43 19.50 -39.12
N THR B 268 -22.99 20.60 -39.71
CA THR B 268 -21.85 20.57 -40.63
C THR B 268 -20.54 20.33 -39.90
N SER B 269 -20.33 21.00 -38.77
CA SER B 269 -19.04 20.97 -38.09
C SER B 269 -18.93 19.86 -37.04
N LEU B 270 -19.87 18.91 -37.03
CA LEU B 270 -19.80 17.79 -36.11
C LEU B 270 -18.59 16.92 -36.43
N GLU B 271 -17.90 16.46 -35.38
CA GLU B 271 -16.67 15.69 -35.59
C GLU B 271 -16.69 14.36 -34.85
N ARG B 272 -17.31 14.32 -33.67
CA ARG B 272 -17.39 13.09 -32.88
C ARG B 272 -18.86 12.83 -32.58
N LEU B 273 -19.33 11.66 -32.99
CA LEU B 273 -20.73 11.27 -32.83
C LEU B 273 -20.79 9.95 -32.07
N PHE B 274 -21.40 9.97 -30.90
CA PHE B 274 -21.55 8.79 -30.05
C PHE B 274 -22.98 8.29 -30.16
N PHE B 275 -23.17 7.18 -30.88
CA PHE B 275 -24.50 6.59 -31.09
C PHE B 275 -24.55 5.13 -30.67
N SER B 276 -23.68 4.70 -29.77
CA SER B 276 -23.67 3.31 -29.35
C SER B 276 -24.87 3.01 -28.46
N HIS B 277 -25.31 1.75 -28.51
CA HIS B 277 -26.39 1.25 -27.65
C HIS B 277 -27.70 2.01 -27.89
N ASN B 278 -28.15 1.99 -29.14
CA ASN B 278 -29.49 2.48 -29.49
C ASN B 278 -30.27 1.36 -30.17
N LYS B 279 -31.38 1.74 -30.80
CA LYS B 279 -32.22 0.80 -31.55
C LYS B 279 -32.31 1.19 -33.02
N VAL B 280 -31.24 1.79 -33.56
CA VAL B 280 -31.25 2.24 -34.96
C VAL B 280 -31.12 1.04 -35.89
N GLU B 281 -31.95 1.02 -36.93
CA GLU B 281 -31.89 -0.03 -37.94
C GLU B 281 -31.41 0.46 -39.30
N VAL B 282 -31.56 1.75 -39.61
CA VAL B 282 -31.21 2.30 -40.91
C VAL B 282 -30.22 3.45 -40.73
N LEU B 283 -29.10 3.38 -41.44
CA LEU B 283 -28.17 4.49 -41.52
C LEU B 283 -28.56 5.37 -42.70
N PRO B 284 -29.06 6.58 -42.49
CA PRO B 284 -29.47 7.41 -43.62
C PRO B 284 -28.27 7.94 -44.38
N SER B 285 -28.53 8.29 -45.64
CA SER B 285 -27.47 8.86 -46.47
C SER B 285 -27.04 10.22 -45.94
N HIS B 286 -27.99 11.04 -45.50
CA HIS B 286 -27.69 12.39 -45.05
C HIS B 286 -26.73 12.41 -43.87
N LEU B 287 -26.65 11.32 -43.11
CA LEU B 287 -25.71 11.24 -41.99
C LEU B 287 -24.29 11.50 -42.45
N PHE B 288 -23.98 11.21 -43.70
CA PHE B 288 -22.63 11.37 -44.23
C PHE B 288 -22.42 12.72 -44.90
N LEU B 289 -23.33 13.68 -44.70
CA LEU B 289 -23.05 15.04 -45.10
C LEU B 289 -22.23 15.80 -44.07
N CYS B 290 -22.05 15.24 -42.87
CA CYS B 290 -21.17 15.80 -41.86
C CYS B 290 -19.75 15.34 -42.17
N ASN B 291 -19.12 16.04 -43.12
CA ASN B 291 -17.87 15.57 -43.71
C ASN B 291 -16.69 15.64 -42.75
N LYS B 292 -16.82 16.38 -41.65
CA LYS B 292 -15.72 16.57 -40.71
C LYS B 292 -15.75 15.57 -39.55
N ILE B 293 -16.50 14.48 -39.69
CA ILE B 293 -16.62 13.50 -38.62
C ILE B 293 -15.37 12.63 -38.59
N ARG B 294 -14.77 12.51 -37.41
CA ARG B 294 -13.60 11.69 -37.17
C ARG B 294 -13.88 10.47 -36.31
N TYR B 295 -14.75 10.60 -35.31
CA TYR B 295 -15.09 9.52 -34.39
C TYR B 295 -16.56 9.19 -34.59
N LEU B 296 -16.84 7.94 -34.93
CA LEU B 296 -18.20 7.49 -35.24
C LEU B 296 -18.41 6.12 -34.63
N ASP B 297 -19.18 6.05 -33.55
CA ASP B 297 -19.52 4.79 -32.88
C ASP B 297 -21.01 4.55 -33.07
N LEU B 298 -21.35 3.52 -33.84
CA LEU B 298 -22.72 3.11 -34.07
C LEU B 298 -22.94 1.66 -33.62
N SER B 299 -22.14 1.20 -32.67
CA SER B 299 -22.20 -0.18 -32.23
C SER B 299 -23.46 -0.44 -31.42
N TYR B 300 -23.81 -1.72 -31.31
CA TYR B 300 -24.98 -2.18 -30.57
C TYR B 300 -26.25 -1.50 -31.08
N ASN B 301 -26.49 -1.71 -32.38
CA ASN B 301 -27.73 -1.28 -33.02
C ASN B 301 -28.30 -2.44 -33.82
N ASP B 302 -29.35 -2.19 -34.60
CA ASP B 302 -29.95 -3.21 -35.44
C ASP B 302 -29.74 -2.90 -36.92
N ILE B 303 -28.59 -2.32 -37.25
CA ILE B 303 -28.27 -1.93 -38.62
C ILE B 303 -27.95 -3.18 -39.44
N ARG B 304 -28.41 -3.19 -40.71
CA ARG B 304 -28.17 -4.30 -41.63
C ARG B 304 -27.20 -3.97 -42.75
N PHE B 305 -27.21 -2.72 -43.25
CA PHE B 305 -26.33 -2.32 -44.34
C PHE B 305 -25.56 -1.08 -43.95
N ILE B 306 -24.36 -0.91 -44.50
CA ILE B 306 -23.62 0.30 -44.25
C ILE B 306 -23.57 0.91 -45.60
N PRO B 307 -23.99 2.15 -45.76
CA PRO B 307 -24.04 2.81 -47.06
C PRO B 307 -22.71 3.11 -47.64
N PRO B 308 -22.56 3.23 -48.94
CA PRO B 308 -21.47 3.50 -49.88
C PRO B 308 -20.97 4.91 -49.87
N GLU B 309 -21.71 5.76 -49.20
CA GLU B 309 -21.51 7.16 -49.03
C GLU B 309 -20.72 7.47 -47.79
N ILE B 310 -20.20 6.43 -47.16
CA ILE B 310 -19.41 6.48 -46.01
C ILE B 310 -17.99 6.74 -46.36
N GLY B 311 -17.62 6.72 -47.63
CA GLY B 311 -16.31 7.04 -48.12
C GLY B 311 -16.12 8.52 -48.27
N VAL B 312 -17.20 9.27 -48.17
CA VAL B 312 -17.21 10.67 -48.17
C VAL B 312 -16.56 11.17 -46.91
N LEU B 313 -16.69 10.44 -45.83
CA LEU B 313 -16.11 10.82 -44.54
C LEU B 313 -14.60 10.62 -44.63
N GLN B 314 -13.94 11.59 -45.26
CA GLN B 314 -12.49 11.51 -45.46
C GLN B 314 -11.74 11.50 -44.13
N SER B 315 -11.94 12.53 -43.31
CA SER B 315 -11.25 12.67 -42.03
C SER B 315 -11.53 11.57 -41.01
N LEU B 316 -12.31 10.54 -41.35
CA LEU B 316 -12.73 9.57 -40.33
C LEU B 316 -11.56 8.72 -39.87
N GLN B 317 -11.40 8.61 -38.55
CA GLN B 317 -10.35 7.79 -37.94
C GLN B 317 -10.90 6.65 -37.11
N TYR B 318 -12.07 6.81 -36.50
CA TYR B 318 -12.67 5.82 -35.63
C TYR B 318 -14.02 5.40 -36.19
N PHE B 319 -14.20 4.10 -36.39
CA PHE B 319 -15.46 3.56 -36.86
C PHE B 319 -15.76 2.28 -36.09
N SER B 320 -16.96 2.18 -35.55
CA SER B 320 -17.35 1.03 -34.73
C SER B 320 -18.78 0.67 -35.04
N ILE B 321 -19.01 -0.57 -35.48
CA ILE B 321 -20.34 -1.10 -35.73
C ILE B 321 -20.42 -2.49 -35.15
N THR B 322 -19.77 -2.71 -34.01
CA THR B 322 -19.77 -4.02 -33.37
C THR B 322 -21.18 -4.34 -32.87
N CYS B 323 -21.55 -5.62 -32.94
CA CYS B 323 -22.85 -6.12 -32.47
C CYS B 323 -23.99 -5.47 -33.24
N ASN B 324 -23.92 -5.56 -34.56
CA ASN B 324 -25.02 -5.20 -35.45
C ASN B 324 -25.37 -6.42 -36.30
N LYS B 325 -26.16 -6.19 -37.35
CA LYS B 325 -26.54 -7.23 -38.30
C LYS B 325 -25.98 -6.96 -39.70
N VAL B 326 -24.83 -6.28 -39.79
CA VAL B 326 -24.26 -5.94 -41.08
C VAL B 326 -23.76 -7.21 -41.77
N GLU B 327 -24.12 -7.37 -43.04
CA GLU B 327 -23.71 -8.53 -43.82
C GLU B 327 -22.62 -8.23 -44.83
N SER B 328 -22.46 -6.98 -45.24
CA SER B 328 -21.46 -6.61 -46.23
C SER B 328 -20.98 -5.19 -45.96
N LEU B 329 -19.73 -4.94 -46.32
CA LEU B 329 -19.14 -3.61 -46.22
C LEU B 329 -18.84 -3.05 -47.60
N PRO B 330 -19.24 -1.81 -47.89
CA PRO B 330 -18.95 -1.24 -49.21
C PRO B 330 -17.46 -0.98 -49.38
N ASP B 331 -16.98 -1.17 -50.60
CA ASP B 331 -15.58 -0.90 -50.89
C ASP B 331 -15.26 0.58 -50.75
N GLU B 332 -16.25 1.45 -50.94
CA GLU B 332 -16.04 2.89 -50.76
C GLU B 332 -15.59 3.23 -49.34
N LEU B 333 -15.91 2.36 -48.37
CA LEU B 333 -15.40 2.56 -47.01
C LEU B 333 -13.88 2.71 -46.99
N TYR B 334 -13.19 2.05 -47.91
CA TYR B 334 -11.74 2.10 -47.97
C TYR B 334 -11.22 3.33 -48.70
N PHE B 335 -12.07 4.34 -48.91
CA PHE B 335 -11.60 5.67 -49.27
C PHE B 335 -11.17 6.47 -48.03
N CYS B 336 -11.62 6.05 -46.85
CA CYS B 336 -11.25 6.70 -45.59
C CYS B 336 -9.81 6.35 -45.24
N LYS B 337 -8.88 7.05 -45.89
CA LYS B 337 -7.46 6.73 -45.73
C LYS B 337 -6.92 7.08 -44.35
N LYS B 338 -7.63 7.91 -43.59
CA LYS B 338 -7.23 8.32 -42.26
C LYS B 338 -7.78 7.41 -41.17
N LEU B 339 -8.25 6.22 -41.54
CA LEU B 339 -8.85 5.30 -40.58
C LEU B 339 -7.76 4.72 -39.69
N LYS B 340 -7.86 4.95 -38.37
CA LYS B 340 -6.92 4.40 -37.40
C LYS B 340 -7.48 3.28 -36.56
N THR B 341 -8.80 3.25 -36.34
CA THR B 341 -9.43 2.19 -35.55
C THR B 341 -10.72 1.78 -36.25
N LEU B 342 -10.84 0.49 -36.56
CA LEU B 342 -12.01 -0.05 -37.26
C LEU B 342 -12.57 -1.21 -36.44
N LYS B 343 -13.75 -1.01 -35.89
CA LYS B 343 -14.40 -2.00 -35.02
C LYS B 343 -15.61 -2.56 -35.76
N ILE B 344 -15.39 -3.61 -36.54
CA ILE B 344 -16.51 -4.30 -37.19
C ILE B 344 -17.18 -5.25 -36.21
N GLY B 345 -16.39 -6.00 -35.46
CA GLY B 345 -16.93 -6.75 -34.33
C GLY B 345 -17.90 -7.84 -34.77
N LYS B 346 -18.93 -8.02 -33.95
CA LYS B 346 -19.85 -9.16 -34.08
C LYS B 346 -20.99 -8.76 -35.03
N ASN B 347 -20.70 -8.85 -36.33
CA ASN B 347 -21.69 -8.65 -37.37
C ASN B 347 -21.89 -9.98 -38.10
N SER B 348 -22.32 -9.91 -39.35
CA SER B 348 -22.51 -11.10 -40.17
C SER B 348 -21.76 -10.95 -41.48
N LEU B 349 -20.48 -10.59 -41.38
CA LEU B 349 -19.65 -10.41 -42.56
C LEU B 349 -19.16 -11.75 -43.07
N SER B 350 -19.25 -11.95 -44.39
CA SER B 350 -18.81 -13.18 -45.02
C SER B 350 -17.38 -13.09 -45.54
N VAL B 351 -16.93 -11.88 -45.93
CA VAL B 351 -15.61 -11.72 -46.53
C VAL B 351 -15.08 -10.34 -46.15
N LEU B 352 -13.75 -10.23 -46.12
CA LEU B 352 -13.07 -8.95 -45.91
C LEU B 352 -12.34 -8.57 -47.18
N SER B 353 -12.58 -7.35 -47.66
CA SER B 353 -12.05 -6.93 -48.94
C SER B 353 -10.53 -6.74 -48.85
N PRO B 354 -9.80 -7.05 -49.93
CA PRO B 354 -8.35 -6.74 -49.94
C PRO B 354 -8.05 -5.27 -49.78
N LYS B 355 -9.00 -4.40 -50.14
CA LYS B 355 -8.83 -2.95 -50.02
C LYS B 355 -8.61 -2.52 -48.57
N ILE B 356 -8.75 -3.41 -47.59
CA ILE B 356 -8.37 -3.09 -46.23
C ILE B 356 -6.90 -2.72 -46.14
N GLY B 357 -6.10 -3.16 -47.13
CA GLY B 357 -4.71 -2.76 -47.20
C GLY B 357 -4.50 -1.29 -47.50
N ASN B 358 -5.51 -0.61 -48.04
CA ASN B 358 -5.38 0.83 -48.29
C ASN B 358 -5.30 1.61 -46.98
N LEU B 359 -5.76 1.03 -45.88
CA LEU B 359 -5.71 1.68 -44.57
C LEU B 359 -4.29 1.51 -44.02
N LEU B 360 -3.41 2.41 -44.47
CA LEU B 360 -2.01 2.33 -44.06
C LEU B 360 -1.82 2.71 -42.59
N PHE B 361 -2.79 3.39 -41.99
CA PHE B 361 -2.70 3.86 -40.62
C PHE B 361 -3.47 2.97 -39.64
N LEU B 362 -3.96 1.82 -40.09
CA LEU B 362 -4.72 0.93 -39.21
C LEU B 362 -3.85 0.46 -38.05
N SER B 363 -4.26 0.78 -36.82
CA SER B 363 -3.55 0.36 -35.64
C SER B 363 -4.36 -0.58 -34.75
N TYR B 364 -5.69 -0.57 -34.85
CA TYR B 364 -6.54 -1.46 -34.07
C TYR B 364 -7.67 -1.95 -34.96
N LEU B 365 -7.82 -3.27 -35.05
CA LEU B 365 -8.84 -3.89 -35.88
C LEU B 365 -9.55 -4.98 -35.09
N ASP B 366 -10.88 -5.00 -35.17
CA ASP B 366 -11.71 -5.98 -34.47
C ASP B 366 -12.67 -6.60 -35.47
N ILE B 367 -12.44 -7.87 -35.81
CA ILE B 367 -13.29 -8.57 -36.76
C ILE B 367 -13.71 -9.91 -36.17
N LYS B 368 -13.67 -10.00 -34.85
CA LYS B 368 -13.99 -11.26 -34.18
C LYS B 368 -15.49 -11.48 -34.15
N GLY B 369 -15.91 -12.70 -34.48
CA GLY B 369 -17.32 -13.05 -34.42
C GLY B 369 -18.10 -12.83 -35.70
N ASN B 370 -17.49 -13.11 -36.85
CA ASN B 370 -18.16 -13.04 -38.14
C ASN B 370 -18.05 -14.41 -38.82
N HIS B 371 -18.48 -14.49 -40.07
CA HIS B 371 -18.49 -15.74 -40.82
C HIS B 371 -17.40 -15.77 -41.89
N PHE B 372 -16.24 -15.22 -41.59
CA PHE B 372 -15.14 -15.26 -42.54
C PHE B 372 -14.68 -16.70 -42.74
N GLU B 373 -14.13 -16.96 -43.93
CA GLU B 373 -13.50 -18.23 -44.22
C GLU B 373 -11.99 -18.12 -44.33
N VAL B 374 -11.48 -16.94 -44.70
CA VAL B 374 -10.05 -16.71 -44.79
C VAL B 374 -9.82 -15.20 -44.74
N LEU B 375 -8.72 -14.80 -44.14
CA LEU B 375 -8.39 -13.37 -44.13
C LEU B 375 -7.55 -13.01 -45.35
N PRO B 376 -7.78 -11.84 -45.95
CA PRO B 376 -7.02 -11.45 -47.14
C PRO B 376 -5.56 -11.21 -46.80
N PRO B 377 -4.64 -11.68 -47.63
CA PRO B 377 -3.21 -11.44 -47.34
C PRO B 377 -2.83 -9.97 -47.31
N GLU B 378 -3.56 -9.11 -48.02
CA GLU B 378 -3.25 -7.68 -48.06
C GLU B 378 -3.43 -7.02 -46.69
N LEU B 379 -3.89 -7.76 -45.70
CA LEU B 379 -3.83 -7.27 -44.33
C LEU B 379 -2.39 -6.98 -43.91
N GLY B 380 -1.41 -7.55 -44.60
CA GLY B 380 -0.01 -7.22 -44.38
C GLY B 380 0.36 -5.81 -44.82
N ASP B 381 -0.49 -5.18 -45.64
CA ASP B 381 -0.27 -3.80 -46.03
C ASP B 381 -0.54 -2.84 -44.88
N CYS B 382 -1.25 -3.29 -43.84
CA CYS B 382 -1.46 -2.50 -42.63
C CYS B 382 -0.31 -2.80 -41.67
N ARG B 383 0.79 -2.07 -41.86
CA ARG B 383 2.01 -2.33 -41.11
C ARG B 383 2.01 -1.67 -39.73
N ALA B 384 1.09 -0.76 -39.46
CA ALA B 384 0.89 -0.25 -38.12
C ALA B 384 -0.02 -1.15 -37.30
N LEU B 385 -0.56 -2.20 -37.91
CA LEU B 385 -1.47 -3.13 -37.26
C LEU B 385 -0.67 -4.33 -36.76
N LYS B 386 -0.75 -4.60 -35.46
CA LYS B 386 -0.04 -5.71 -34.84
C LYS B 386 -1.04 -6.73 -34.31
N ARG B 387 -0.52 -7.93 -34.01
CA ARG B 387 -1.37 -9.00 -33.51
C ARG B 387 -2.01 -8.62 -32.17
N ALA B 388 -1.29 -7.89 -31.32
CA ALA B 388 -1.87 -7.42 -30.08
C ALA B 388 -3.07 -6.51 -30.32
N GLY B 389 -3.04 -5.72 -31.40
CA GLY B 389 -4.11 -4.84 -31.79
C GLY B 389 -5.10 -5.43 -32.79
N LEU B 390 -5.03 -6.72 -33.08
CA LEU B 390 -5.93 -7.37 -34.02
C LEU B 390 -6.73 -8.43 -33.27
N VAL B 391 -8.04 -8.22 -33.17
CA VAL B 391 -8.94 -9.13 -32.47
C VAL B 391 -9.61 -10.02 -33.50
N VAL B 392 -9.34 -11.33 -33.43
CA VAL B 392 -9.87 -12.30 -34.39
C VAL B 392 -9.76 -13.68 -33.76
N GLU B 393 -10.49 -14.64 -34.30
CA GLU B 393 -10.25 -16.04 -33.97
C GLU B 393 -8.88 -16.47 -34.49
N ASP B 394 -8.09 -17.09 -33.62
CA ASP B 394 -6.72 -17.45 -33.97
C ASP B 394 -6.68 -18.44 -35.13
N ALA B 395 -7.74 -19.24 -35.32
CA ALA B 395 -7.80 -20.13 -36.46
C ALA B 395 -7.90 -19.34 -37.76
N LEU B 396 -8.64 -18.23 -37.75
CA LEU B 396 -8.72 -17.38 -38.94
C LEU B 396 -7.40 -16.65 -39.17
N PHE B 397 -6.73 -16.22 -38.09
CA PHE B 397 -5.43 -15.58 -38.24
C PHE B 397 -4.39 -16.55 -38.79
N GLU B 398 -4.51 -17.84 -38.46
CA GLU B 398 -3.59 -18.84 -38.98
C GLU B 398 -3.73 -19.05 -40.49
N THR B 399 -4.83 -18.58 -41.07
CA THR B 399 -5.06 -18.69 -42.51
C THR B 399 -4.35 -17.62 -43.33
N LEU B 400 -3.55 -16.76 -42.69
CA LEU B 400 -2.75 -15.75 -43.37
C LEU B 400 -1.43 -16.32 -43.85
N PRO B 401 -0.81 -15.69 -44.86
CA PRO B 401 0.53 -16.10 -45.28
C PRO B 401 1.54 -15.99 -44.13
N SER B 402 2.63 -16.76 -44.26
CA SER B 402 3.62 -16.85 -43.19
C SER B 402 4.24 -15.48 -42.89
N ASP B 403 4.73 -14.79 -43.92
CA ASP B 403 5.39 -13.50 -43.71
C ASP B 403 4.45 -12.49 -43.08
N VAL B 404 3.17 -12.52 -43.45
CA VAL B 404 2.20 -11.59 -42.86
C VAL B 404 2.13 -11.78 -41.35
N ARG B 405 1.99 -13.04 -40.91
CA ARG B 405 1.96 -13.33 -39.48
C ARG B 405 3.27 -12.93 -38.80
N GLU B 406 4.39 -13.16 -39.49
CA GLU B 406 5.69 -12.77 -38.93
C GLU B 406 5.77 -11.26 -38.74
N GLN B 407 5.26 -10.49 -39.69
CA GLN B 407 5.32 -9.02 -39.61
C GLN B 407 4.35 -8.46 -38.58
N MET B 408 3.22 -9.13 -38.35
CA MET B 408 2.26 -8.66 -37.37
C MET B 408 2.68 -8.96 -35.92
N LYS B 409 3.39 -10.07 -35.70
CA LYS B 409 3.82 -10.46 -34.36
C LYS B 409 5.11 -9.79 -33.89
N ALA B 410 5.63 -8.83 -34.65
CA ALA B 410 6.88 -8.16 -34.27
C ALA B 410 6.65 -7.13 -33.17
N SER C 3 -16.34 15.01 51.88
CA SER C 3 -17.23 15.30 50.76
C SER C 3 -17.05 16.73 50.23
N SER C 4 -16.55 17.63 51.08
CA SER C 4 -16.29 19.00 50.66
C SER C 4 -15.32 19.03 49.48
N GLU C 5 -14.24 18.26 49.57
CA GLU C 5 -13.25 18.21 48.50
C GLU C 5 -13.87 17.73 47.19
N ASN C 6 -14.67 16.67 47.28
CA ASN C 6 -15.29 16.10 46.09
C ASN C 6 -16.35 17.04 45.53
N LYS C 7 -17.09 17.73 46.42
CA LYS C 7 -18.05 18.73 45.99
C LYS C 7 -17.36 19.81 45.18
N LEU C 8 -16.21 20.28 45.67
CA LEU C 8 -15.46 21.29 44.93
C LEU C 8 -14.96 20.77 43.59
N LYS C 9 -14.50 19.51 43.53
CA LYS C 9 -14.03 19.01 42.23
C LYS C 9 -15.20 18.90 41.25
N GLN C 10 -16.37 18.50 41.72
CA GLN C 10 -17.55 18.48 40.85
C GLN C 10 -17.86 19.89 40.35
N LEU C 11 -17.65 20.90 41.21
CA LEU C 11 -17.80 22.27 40.76
C LEU C 11 -16.78 22.61 39.69
N ASN C 12 -15.56 22.10 39.83
CA ASN C 12 -14.51 22.35 38.84
C ASN C 12 -14.86 21.71 37.49
N LEU C 13 -15.44 20.50 37.54
CA LEU C 13 -15.88 19.82 36.33
C LEU C 13 -17.01 20.57 35.64
N ASN C 14 -18.00 21.01 36.40
CA ASN C 14 -19.11 21.74 35.80
C ASN C 14 -18.66 23.10 35.27
N ASN C 15 -17.71 23.75 35.94
CA ASN C 15 -17.17 25.01 35.43
C ASN C 15 -16.36 24.77 34.17
N GLU C 16 -15.63 23.66 34.12
CA GLU C 16 -14.77 23.36 32.97
C GLU C 16 -15.58 22.91 31.76
N TRP C 17 -16.48 21.94 31.95
CA TRP C 17 -17.25 21.37 30.84
C TRP C 17 -18.61 22.04 30.78
N THR C 18 -18.63 23.24 30.20
CA THR C 18 -19.89 23.92 29.94
C THR C 18 -20.56 23.25 28.73
N PRO C 19 -21.89 23.43 28.59
CA PRO C 19 -22.58 22.84 27.43
C PRO C 19 -21.98 23.25 26.10
N ASP C 20 -21.34 24.42 26.05
CA ASP C 20 -20.68 24.86 24.83
C ASP C 20 -19.57 23.89 24.44
N LYS C 21 -18.63 23.64 25.37
CA LYS C 21 -17.51 22.75 25.08
C LYS C 21 -17.94 21.30 24.96
N LEU C 22 -19.04 20.93 25.62
CA LEU C 22 -19.57 19.58 25.48
C LEU C 22 -20.17 19.36 24.10
N ARG C 23 -20.96 20.32 23.61
CA ARG C 23 -21.55 20.19 22.29
C ARG C 23 -20.53 20.34 21.18
N GLN C 24 -19.38 20.97 21.46
CA GLN C 24 -18.31 20.93 20.46
C GLN C 24 -17.87 19.50 20.15
N LYS C 25 -18.03 18.58 21.09
CA LYS C 25 -17.59 17.20 20.90
C LYS C 25 -18.67 16.27 20.36
N LEU C 26 -19.86 16.77 20.05
CA LEU C 26 -20.93 15.92 19.56
C LEU C 26 -20.54 15.27 18.23
N GLN C 27 -20.98 14.03 18.04
CA GLN C 27 -20.71 13.31 16.80
C GLN C 27 -21.87 12.37 16.50
N THR C 28 -21.78 11.64 15.40
CA THR C 28 -22.75 10.60 15.06
C THR C 28 -22.06 9.25 15.14
N ASN C 29 -22.66 8.33 15.90
CA ASN C 29 -22.07 7.03 16.17
C ASN C 29 -22.48 6.02 15.11
N ALA C 30 -22.15 4.75 15.34
CA ALA C 30 -22.51 3.66 14.43
C ALA C 30 -24.01 3.35 14.45
N HIS C 31 -24.77 3.87 15.41
CA HIS C 31 -26.21 3.71 15.44
C HIS C 31 -26.95 4.90 14.86
N ASN C 32 -26.25 5.77 14.13
CA ASN C 32 -26.86 6.97 13.54
C ASN C 32 -27.51 7.83 14.63
N ARG C 33 -26.85 7.92 15.77
CA ARG C 33 -27.33 8.70 16.90
C ARG C 33 -26.31 9.78 17.25
N LEU C 34 -26.80 10.84 17.88
CA LEU C 34 -25.93 11.93 18.30
C LEU C 34 -25.33 11.57 19.65
N GLU C 35 -24.01 11.51 19.71
CA GLU C 35 -23.27 10.97 20.83
C GLU C 35 -22.32 12.02 21.39
N LEU C 36 -22.17 11.99 22.71
CA LEU C 36 -21.23 12.83 23.45
C LEU C 36 -20.18 11.92 24.07
N PRO C 37 -18.97 11.85 23.52
CA PRO C 37 -17.95 10.96 24.11
C PRO C 37 -17.13 11.67 25.18
N LEU C 38 -17.31 11.29 26.44
CA LEU C 38 -16.49 11.76 27.53
C LEU C 38 -15.47 10.70 27.89
N ILE C 39 -14.20 11.08 27.97
CA ILE C 39 -13.11 10.13 28.20
C ILE C 39 -12.25 10.66 29.33
N MET C 40 -11.97 9.80 30.30
CA MET C 40 -11.00 10.03 31.37
C MET C 40 -11.27 11.34 32.10
N LEU C 41 -12.39 11.32 32.80
CA LEU C 41 -12.83 12.42 33.65
C LEU C 41 -12.77 11.99 35.11
N SER C 42 -12.76 12.98 36.00
CA SER C 42 -12.81 12.65 37.42
C SER C 42 -14.19 12.22 37.86
N GLY C 43 -15.21 12.56 37.08
CA GLY C 43 -16.55 12.17 37.39
C GLY C 43 -17.47 12.52 36.25
N LEU C 44 -18.76 12.53 36.53
CA LEU C 44 -19.75 12.89 35.53
C LEU C 44 -20.17 14.34 35.76
N PRO C 45 -19.89 15.25 34.83
CA PRO C 45 -20.38 16.62 34.98
C PRO C 45 -21.89 16.69 34.94
N ASP C 46 -22.46 17.47 35.87
CA ASP C 46 -23.90 17.65 35.89
C ASP C 46 -24.39 18.42 34.66
N THR C 47 -23.59 19.36 34.15
CA THR C 47 -23.96 20.13 32.97
C THR C 47 -24.24 19.23 31.76
N VAL C 48 -23.69 18.01 31.76
CA VAL C 48 -23.96 17.05 30.68
C VAL C 48 -25.45 16.89 30.46
N PHE C 49 -26.26 16.97 31.51
CA PHE C 49 -27.69 16.75 31.39
C PHE C 49 -28.45 17.96 30.88
N GLU C 50 -27.77 18.96 30.32
CA GLU C 50 -28.45 20.05 29.61
C GLU C 50 -28.50 19.85 28.11
N ILE C 51 -27.74 18.91 27.57
CA ILE C 51 -27.71 18.66 26.13
C ILE C 51 -28.89 17.76 25.76
N THR C 52 -30.10 18.34 25.75
CA THR C 52 -31.30 17.53 25.59
C THR C 52 -31.41 16.88 24.22
N GLU C 53 -30.63 17.34 23.24
CA GLU C 53 -30.65 16.73 21.92
C GLU C 53 -29.78 15.48 21.85
N LEU C 54 -29.00 15.21 22.89
CA LEU C 54 -28.09 14.07 22.88
C LEU C 54 -28.86 12.77 22.86
N GLN C 55 -28.40 11.82 22.04
CA GLN C 55 -29.04 10.52 21.93
C GLN C 55 -28.26 9.37 22.54
N SER C 56 -26.93 9.46 22.60
CA SER C 56 -26.12 8.46 23.26
C SER C 56 -25.04 9.14 24.09
N LEU C 57 -24.67 8.49 25.18
CA LEU C 57 -23.64 8.98 26.08
C LEU C 57 -22.54 7.94 26.21
N LYS C 58 -21.34 8.28 25.76
CA LYS C 58 -20.21 7.36 25.76
C LYS C 58 -19.23 7.82 26.84
N LEU C 59 -18.97 6.94 27.80
CA LEU C 59 -18.08 7.23 28.92
C LEU C 59 -16.88 6.29 28.84
N GLU C 60 -15.67 6.85 28.92
CA GLU C 60 -14.45 6.06 28.77
C GLU C 60 -13.50 6.36 29.92
N ILE C 61 -13.13 5.31 30.66
CA ILE C 61 -12.14 5.37 31.74
C ILE C 61 -12.51 6.45 32.75
N ILE C 62 -13.65 6.29 33.41
CA ILE C 62 -14.07 7.17 34.50
C ILE C 62 -14.44 6.27 35.68
N LYS C 63 -13.63 6.28 36.72
CA LYS C 63 -13.96 5.54 37.93
C LYS C 63 -14.72 6.43 38.89
N ASN C 64 -15.61 5.82 39.67
CA ASN C 64 -16.50 6.53 40.59
C ASN C 64 -17.37 7.54 39.84
N VAL C 65 -18.22 7.01 38.99
CA VAL C 65 -19.25 7.79 38.28
C VAL C 65 -20.56 7.50 38.99
N MET C 66 -21.34 8.55 39.19
CA MET C 66 -22.66 8.42 39.79
C MET C 66 -23.66 9.19 38.93
N ILE C 67 -24.65 8.50 38.40
CA ILE C 67 -25.66 9.10 37.53
C ILE C 67 -26.80 9.64 38.39
N PRO C 68 -27.09 10.95 38.34
CA PRO C 68 -28.15 11.53 39.18
C PRO C 68 -29.51 11.53 38.48
N ALA C 69 -30.53 11.89 39.25
CA ALA C 69 -31.89 11.95 38.72
C ALA C 69 -32.02 12.98 37.61
N THR C 70 -31.08 13.90 37.49
CA THR C 70 -31.08 14.87 36.40
C THR C 70 -30.89 14.20 35.04
N ILE C 71 -30.49 12.93 35.01
CA ILE C 71 -30.46 12.19 33.76
C ILE C 71 -31.86 12.11 33.15
N ALA C 72 -32.91 12.31 33.95
CA ALA C 72 -34.23 12.33 33.35
C ALA C 72 -34.45 13.51 32.40
N GLN C 73 -33.57 14.51 32.39
CA GLN C 73 -33.80 15.64 31.49
C GLN C 73 -33.52 15.30 30.03
N LEU C 74 -32.63 14.33 29.78
CA LEU C 74 -32.27 13.93 28.42
C LEU C 74 -33.38 13.05 27.85
N ASP C 75 -34.43 13.69 27.33
CA ASP C 75 -35.57 12.92 26.82
C ASP C 75 -35.20 12.10 25.59
N ASN C 76 -34.29 12.59 24.76
CA ASN C 76 -33.97 11.89 23.52
C ASN C 76 -32.75 11.01 23.70
N LEU C 77 -32.70 10.25 24.79
CA LEU C 77 -31.55 9.42 25.12
C LEU C 77 -31.96 7.95 24.99
N GLN C 78 -31.31 7.23 24.08
CA GLN C 78 -31.61 5.83 23.84
C GLN C 78 -30.43 4.88 24.00
N GLU C 79 -29.20 5.36 23.96
CA GLU C 79 -28.02 4.49 23.99
C GLU C 79 -27.07 4.94 25.07
N LEU C 80 -26.41 3.97 25.71
CA LEU C 80 -25.39 4.21 26.71
C LEU C 80 -24.17 3.34 26.42
N CYS C 81 -22.98 3.93 26.51
CA CYS C 81 -21.74 3.24 26.20
C CYS C 81 -20.77 3.43 27.37
N LEU C 82 -20.28 2.32 27.92
CA LEU C 82 -19.38 2.35 29.05
C LEU C 82 -18.13 1.53 28.72
N HIS C 83 -16.98 2.19 28.68
CA HIS C 83 -15.70 1.54 28.43
C HIS C 83 -14.82 1.69 29.67
N GLN C 84 -14.73 0.62 30.47
CA GLN C 84 -13.89 0.58 31.67
C GLN C 84 -14.29 1.67 32.67
N CYS C 85 -15.58 1.69 33.01
CA CYS C 85 -16.10 2.66 33.96
C CYS C 85 -16.91 1.92 35.03
N SER C 86 -16.74 2.33 36.29
CA SER C 86 -17.51 1.81 37.39
C SER C 86 -18.59 2.84 37.72
N VAL C 87 -19.82 2.54 37.34
CA VAL C 87 -20.94 3.48 37.41
C VAL C 87 -21.94 2.98 38.44
N LYS C 88 -22.28 3.85 39.40
CA LYS C 88 -23.41 3.67 40.32
C LYS C 88 -24.50 4.65 39.92
N ILE C 89 -25.75 4.30 40.21
CA ILE C 89 -26.87 5.04 39.67
C ILE C 89 -27.84 5.35 40.80
N HIS C 90 -28.58 6.44 40.64
CA HIS C 90 -29.64 6.83 41.56
C HIS C 90 -30.97 6.10 41.23
N SER C 91 -31.84 6.04 42.23
CA SER C 91 -33.09 5.29 42.10
C SER C 91 -33.96 5.85 40.97
N ALA C 92 -34.21 7.16 40.99
CA ALA C 92 -34.98 7.78 39.92
C ALA C 92 -34.23 7.71 38.59
N ALA C 93 -32.91 7.88 38.63
CA ALA C 93 -32.11 7.72 37.42
C ALA C 93 -32.24 6.32 36.86
N LEU C 94 -32.25 5.31 37.75
CA LEU C 94 -32.42 3.93 37.32
C LEU C 94 -33.80 3.71 36.72
N SER C 95 -34.84 4.33 37.28
CA SER C 95 -36.17 4.22 36.69
C SER C 95 -36.19 4.82 35.28
N PHE C 96 -35.61 6.01 35.13
CA PHE C 96 -35.56 6.66 33.82
C PHE C 96 -34.83 5.77 32.81
N LEU C 97 -33.68 5.21 33.20
CA LEU C 97 -32.94 4.37 32.28
C LEU C 97 -33.67 3.06 32.01
N LYS C 98 -34.45 2.56 32.97
CA LYS C 98 -35.26 1.38 32.72
C LYS C 98 -36.30 1.66 31.65
N GLU C 99 -36.92 2.83 31.68
CA GLU C 99 -37.97 3.11 30.72
C GLU C 99 -37.43 3.67 29.40
N ASN C 100 -36.18 4.09 29.33
CA ASN C 100 -35.71 4.77 28.13
C ASN C 100 -34.49 4.14 27.46
N LEU C 101 -33.57 3.54 28.20
CA LEU C 101 -32.37 3.00 27.60
C LEU C 101 -32.71 1.79 26.73
N LYS C 102 -32.26 1.81 25.47
CA LYS C 102 -32.55 0.75 24.51
C LYS C 102 -31.31 0.06 23.96
N VAL C 103 -30.15 0.71 23.97
CA VAL C 103 -28.91 0.12 23.50
C VAL C 103 -27.85 0.34 24.58
N LEU C 104 -27.09 -0.71 24.89
CA LEU C 104 -26.07 -0.64 25.92
C LEU C 104 -24.80 -1.36 25.46
N SER C 105 -23.66 -0.73 25.68
CA SER C 105 -22.36 -1.27 25.32
C SER C 105 -21.44 -1.14 26.52
N VAL C 106 -20.94 -2.27 27.01
CA VAL C 106 -20.13 -2.30 28.23
C VAL C 106 -18.84 -3.04 27.95
N LYS C 107 -17.71 -2.38 28.15
CA LYS C 107 -16.40 -3.00 28.16
C LYS C 107 -15.83 -2.96 29.58
N PHE C 108 -15.13 -4.02 29.97
CA PHE C 108 -14.64 -4.11 31.34
C PHE C 108 -13.47 -5.07 31.42
N ASP C 109 -12.40 -4.64 32.09
CA ASP C 109 -11.27 -5.52 32.38
C ASP C 109 -11.49 -6.32 33.65
N ASP C 110 -12.36 -5.83 34.54
CA ASP C 110 -12.69 -6.48 35.79
C ASP C 110 -14.20 -6.58 35.90
N MET C 111 -14.66 -7.36 36.89
CA MET C 111 -16.08 -7.52 37.09
C MET C 111 -16.73 -6.32 37.76
N ARG C 112 -15.92 -5.39 38.29
CA ARG C 112 -16.47 -4.24 38.99
C ARG C 112 -16.95 -3.16 38.03
N GLU C 113 -16.51 -3.20 36.77
CA GLU C 113 -16.92 -2.26 35.75
C GLU C 113 -18.12 -2.75 34.95
N LEU C 114 -18.79 -3.81 35.40
CA LEU C 114 -20.01 -4.30 34.80
C LEU C 114 -21.19 -3.91 35.69
N PRO C 115 -22.10 -3.06 35.22
CA PRO C 115 -23.13 -2.52 36.11
C PRO C 115 -24.14 -3.57 36.52
N PRO C 116 -24.36 -3.76 37.82
CA PRO C 116 -25.39 -4.72 38.26
C PRO C 116 -26.81 -4.28 37.95
N TRP C 117 -27.06 -2.97 37.82
CA TRP C 117 -28.42 -2.51 37.52
C TRP C 117 -28.81 -2.81 36.07
N MET C 118 -27.84 -3.07 35.20
CA MET C 118 -28.13 -3.31 33.79
C MET C 118 -29.07 -4.49 33.58
N TYR C 119 -29.15 -5.39 34.55
CA TYR C 119 -30.00 -6.56 34.41
C TYR C 119 -31.48 -6.23 34.56
N GLY C 120 -31.83 -4.98 34.85
CA GLY C 120 -33.21 -4.57 35.00
C GLY C 120 -33.77 -3.71 33.89
N LEU C 121 -33.05 -3.53 32.79
CA LEU C 121 -33.46 -2.64 31.69
C LEU C 121 -34.43 -3.41 30.79
N ARG C 122 -35.73 -3.29 31.08
CA ARG C 122 -36.72 -4.06 30.34
C ARG C 122 -36.74 -3.70 28.86
N ASN C 123 -36.67 -2.41 28.53
CA ASN C 123 -36.73 -1.96 27.15
C ASN C 123 -35.37 -1.93 26.47
N LEU C 124 -34.40 -2.64 27.01
CA LEU C 124 -33.10 -2.74 26.34
C LEU C 124 -33.23 -3.73 25.20
N GLU C 125 -32.88 -3.29 23.99
CA GLU C 125 -33.03 -4.09 22.78
C GLU C 125 -31.71 -4.70 22.33
N GLU C 126 -30.61 -4.00 22.52
CA GLU C 126 -29.28 -4.45 22.11
C GLU C 126 -28.34 -4.36 23.29
N LEU C 127 -27.58 -5.43 23.52
CA LEU C 127 -26.61 -5.47 24.61
C LEU C 127 -25.28 -5.95 24.05
N TYR C 128 -24.22 -5.19 24.29
CA TYR C 128 -22.88 -5.50 23.79
C TYR C 128 -21.92 -5.53 24.97
N LEU C 129 -21.44 -6.72 25.32
CA LEU C 129 -20.46 -6.90 26.38
C LEU C 129 -19.13 -7.32 25.78
N VAL C 130 -18.06 -6.62 26.16
CA VAL C 130 -16.71 -6.96 25.75
C VAL C 130 -15.91 -7.10 27.04
N GLY C 131 -15.82 -8.31 27.57
CA GLY C 131 -15.07 -8.53 28.79
C GLY C 131 -15.13 -9.99 29.18
N SER C 132 -14.24 -10.36 30.09
CA SER C 132 -14.14 -11.75 30.52
C SER C 132 -15.25 -12.07 31.52
N LEU C 133 -15.97 -13.15 31.25
CA LEU C 133 -17.07 -13.59 32.11
C LEU C 133 -16.77 -14.90 32.81
N SER C 134 -15.90 -15.73 32.24
CA SER C 134 -15.42 -16.93 32.90
C SER C 134 -14.03 -16.75 33.49
N HIS C 135 -13.28 -15.76 33.01
CA HIS C 135 -11.94 -15.41 33.46
C HIS C 135 -10.92 -16.53 33.20
N ASP C 136 -11.28 -17.51 32.38
CA ASP C 136 -10.38 -18.61 32.00
C ASP C 136 -9.84 -19.35 33.22
N ILE C 137 -10.64 -19.46 34.28
CA ILE C 137 -10.20 -20.14 35.49
C ILE C 137 -11.18 -21.25 35.87
N SER C 138 -12.41 -20.87 36.21
CA SER C 138 -13.37 -21.79 36.78
C SER C 138 -14.15 -22.48 35.67
N LYS C 139 -15.17 -23.27 36.06
CA LYS C 139 -15.95 -24.00 35.08
C LYS C 139 -17.01 -23.12 34.41
N ASN C 140 -17.48 -22.08 35.08
CA ASN C 140 -18.71 -21.42 34.67
C ASN C 140 -18.54 -19.90 34.59
N VAL C 141 -19.56 -19.27 34.00
CA VAL C 141 -19.62 -17.85 33.67
C VAL C 141 -20.05 -17.04 34.90
N THR C 142 -19.65 -15.77 34.92
CA THR C 142 -20.06 -14.82 35.95
C THR C 142 -21.16 -13.88 35.44
N LEU C 143 -22.11 -14.39 34.68
CA LEU C 143 -23.16 -13.58 34.08
C LEU C 143 -24.47 -13.82 34.80
N GLU C 144 -25.17 -12.75 35.16
CA GLU C 144 -26.46 -12.83 35.82
C GLU C 144 -27.58 -13.08 34.81
N SER C 145 -28.72 -13.55 35.34
CA SER C 145 -29.88 -13.87 34.53
C SER C 145 -30.37 -12.64 33.79
N LEU C 146 -30.54 -12.77 32.48
CA LEU C 146 -31.03 -11.70 31.62
C LEU C 146 -32.54 -11.71 31.50
N ARG C 147 -33.25 -12.25 32.50
CA ARG C 147 -34.68 -12.51 32.32
C ARG C 147 -35.52 -11.24 32.39
N ASP C 148 -34.94 -10.13 32.84
CA ASP C 148 -35.66 -8.87 32.94
C ASP C 148 -35.38 -7.94 31.76
N LEU C 149 -34.70 -8.42 30.73
CA LEU C 149 -34.57 -7.65 29.49
C LEU C 149 -35.69 -8.08 28.53
N LYS C 150 -36.91 -7.69 28.90
CA LYS C 150 -38.11 -8.17 28.23
C LYS C 150 -38.15 -7.85 26.75
N SER C 151 -37.40 -6.85 26.30
CA SER C 151 -37.43 -6.43 24.90
C SER C 151 -36.09 -6.67 24.20
N LEU C 152 -35.24 -7.54 24.76
CA LEU C 152 -33.92 -7.77 24.18
C LEU C 152 -34.05 -8.56 22.88
N LYS C 153 -33.44 -8.04 21.82
CA LYS C 153 -33.47 -8.66 20.51
C LYS C 153 -32.09 -9.04 19.99
N ILE C 154 -31.06 -8.27 20.32
CA ILE C 154 -29.70 -8.54 19.89
C ILE C 154 -28.82 -8.67 21.12
N LEU C 155 -28.05 -9.75 21.19
CA LEU C 155 -27.12 -10.01 22.28
C LEU C 155 -25.77 -10.38 21.71
N SER C 156 -24.73 -9.66 22.10
CA SER C 156 -23.37 -9.94 21.65
C SER C 156 -22.45 -9.85 22.85
N ILE C 157 -21.80 -10.97 23.18
CA ILE C 157 -20.81 -11.00 24.24
C ILE C 157 -19.47 -11.38 23.62
N LYS C 158 -18.45 -10.57 23.89
CA LYS C 158 -17.10 -10.78 23.41
C LYS C 158 -16.29 -11.21 24.63
N SER C 159 -16.32 -12.52 24.90
CA SER C 159 -15.78 -13.00 26.17
C SER C 159 -14.81 -14.16 26.03
N ASN C 160 -14.78 -15.02 27.05
CA ASN C 160 -13.93 -16.19 27.13
C ASN C 160 -14.77 -17.31 27.74
N VAL C 161 -15.85 -17.65 27.04
CA VAL C 161 -16.93 -18.44 27.58
C VAL C 161 -16.84 -19.87 27.06
N SER C 162 -17.03 -20.82 27.97
CA SER C 162 -17.03 -22.25 27.67
C SER C 162 -18.41 -22.87 27.53
N LYS C 163 -19.48 -22.14 27.82
CA LYS C 163 -20.83 -22.68 27.73
C LYS C 163 -21.84 -21.57 27.44
N ILE C 164 -22.91 -21.91 26.73
CA ILE C 164 -24.02 -20.98 26.57
C ILE C 164 -24.67 -20.83 27.94
N PRO C 165 -24.59 -19.67 28.57
CA PRO C 165 -25.03 -19.55 29.98
C PRO C 165 -26.54 -19.75 30.12
N GLN C 166 -26.92 -20.17 31.33
CA GLN C 166 -28.33 -20.27 31.66
C GLN C 166 -29.02 -18.91 31.61
N ALA C 167 -28.24 -17.83 31.68
CA ALA C 167 -28.81 -16.49 31.59
C ALA C 167 -29.43 -16.23 30.22
N VAL C 168 -28.87 -16.80 29.17
CA VAL C 168 -29.38 -16.51 27.84
C VAL C 168 -30.68 -17.24 27.57
N VAL C 169 -30.88 -18.42 28.17
CA VAL C 169 -32.13 -19.15 27.96
C VAL C 169 -33.33 -18.41 28.52
N ASP C 170 -33.10 -17.41 29.36
CA ASP C 170 -34.17 -16.60 29.89
C ASP C 170 -34.60 -15.48 28.95
N VAL C 171 -33.95 -15.33 27.80
CA VAL C 171 -34.42 -14.40 26.78
C VAL C 171 -34.71 -15.13 25.47
N SER C 172 -34.83 -16.45 25.51
CA SER C 172 -35.01 -17.25 24.30
C SER C 172 -36.33 -16.98 23.60
N SER C 173 -37.32 -16.44 24.32
CA SER C 173 -38.63 -16.25 23.72
C SER C 173 -38.62 -15.15 22.67
N HIS C 174 -37.73 -14.17 22.82
CA HIS C 174 -37.73 -12.99 21.98
C HIS C 174 -36.36 -12.62 21.40
N LEU C 175 -35.28 -13.26 21.85
CA LEU C 175 -33.97 -12.97 21.29
C LEU C 175 -33.90 -13.48 19.86
N GLN C 176 -33.39 -12.64 18.95
CA GLN C 176 -33.30 -12.98 17.54
C GLN C 176 -31.88 -13.15 17.04
N LYS C 177 -30.94 -12.32 17.51
CA LYS C 177 -29.55 -12.38 17.07
C LYS C 177 -28.65 -12.54 18.27
N MET C 178 -27.82 -13.58 18.24
CA MET C 178 -26.85 -13.82 19.31
C MET C 178 -25.46 -13.96 18.69
N CYS C 179 -24.50 -13.22 19.24
CA CYS C 179 -23.13 -13.20 18.76
C CYS C 179 -22.20 -13.57 19.89
N VAL C 180 -21.36 -14.58 19.66
CA VAL C 180 -20.37 -15.04 20.64
C VAL C 180 -19.02 -14.96 19.96
N HIS C 181 -18.18 -14.04 20.42
CA HIS C 181 -16.84 -13.84 19.89
C HIS C 181 -15.83 -14.16 21.00
N ASN C 182 -15.53 -15.45 21.16
CA ASN C 182 -14.65 -15.87 22.24
C ASN C 182 -13.20 -15.53 21.89
N ASP C 183 -12.35 -15.58 22.91
CA ASP C 183 -10.92 -15.34 22.75
C ASP C 183 -10.16 -16.58 22.30
N GLY C 184 -10.85 -17.61 21.85
CA GLY C 184 -10.24 -18.89 21.54
C GLY C 184 -10.60 -19.99 22.51
N THR C 185 -11.17 -19.65 23.67
CA THR C 185 -11.60 -20.67 24.62
C THR C 185 -12.68 -21.54 24.01
N LYS C 186 -12.47 -22.86 24.07
CA LYS C 186 -13.35 -23.80 23.39
C LYS C 186 -14.73 -23.82 24.04
N LEU C 187 -15.76 -23.71 23.19
CA LEU C 187 -17.15 -23.80 23.63
C LEU C 187 -17.53 -25.26 23.75
N VAL C 188 -17.43 -25.82 24.95
CA VAL C 188 -17.60 -27.26 25.12
C VAL C 188 -19.05 -27.65 25.40
N MET C 189 -19.83 -26.78 26.03
CA MET C 189 -21.21 -27.08 26.40
C MET C 189 -22.15 -26.23 25.54
N LEU C 190 -22.81 -26.87 24.57
CA LEU C 190 -23.69 -26.17 23.65
C LEU C 190 -25.16 -26.55 23.81
N ASN C 191 -25.53 -27.22 24.91
CA ASN C 191 -26.91 -27.70 25.03
C ASN C 191 -27.89 -26.54 25.22
N ASN C 192 -27.52 -25.52 25.99
CA ASN C 192 -28.44 -24.41 26.20
C ASN C 192 -28.78 -23.72 24.88
N LEU C 193 -27.87 -23.78 23.90
CA LEU C 193 -28.16 -23.28 22.56
C LEU C 193 -29.39 -23.96 21.95
N LYS C 194 -29.71 -25.18 22.38
CA LYS C 194 -30.91 -25.85 21.90
C LYS C 194 -32.19 -25.11 22.25
N LYS C 195 -32.17 -24.29 23.32
CA LYS C 195 -33.37 -23.62 23.77
C LYS C 195 -33.62 -22.30 23.05
N MET C 196 -32.73 -21.89 22.16
CA MET C 196 -32.82 -20.61 21.45
C MET C 196 -33.75 -20.74 20.24
N THR C 197 -35.05 -20.85 20.50
CA THR C 197 -35.99 -21.17 19.44
C THR C 197 -36.11 -20.03 18.43
N ASN C 198 -36.43 -18.82 18.89
CA ASN C 198 -36.73 -17.69 18.02
C ASN C 198 -35.48 -17.01 17.46
N LEU C 199 -34.33 -17.68 17.49
CA LEU C 199 -33.14 -17.10 16.90
C LEU C 199 -33.19 -17.18 15.39
N THR C 200 -32.84 -16.07 14.72
CA THR C 200 -32.74 -16.03 13.27
C THR C 200 -31.34 -15.74 12.77
N GLU C 201 -30.47 -15.17 13.61
CA GLU C 201 -29.10 -14.84 13.25
C GLU C 201 -28.19 -15.32 14.37
N LEU C 202 -27.15 -16.08 14.03
CA LEU C 202 -26.28 -16.68 15.03
C LEU C 202 -24.82 -16.55 14.61
N GLU C 203 -23.97 -16.20 15.58
CA GLU C 203 -22.53 -16.05 15.36
C GLU C 203 -21.78 -16.73 16.48
N LEU C 204 -21.08 -17.82 16.16
CA LEU C 204 -20.19 -18.53 17.09
C LEU C 204 -18.77 -18.37 16.54
N VAL C 205 -18.12 -17.25 16.87
CA VAL C 205 -16.85 -16.87 16.27
C VAL C 205 -15.73 -17.14 17.25
N HIS C 206 -14.67 -17.79 16.77
CA HIS C 206 -13.45 -18.06 17.52
C HIS C 206 -13.71 -18.87 18.79
N CYS C 207 -14.73 -19.70 18.76
CA CYS C 207 -14.94 -20.72 19.78
C CYS C 207 -14.42 -22.01 19.15
N ASP C 208 -13.32 -22.54 19.67
CA ASP C 208 -12.61 -23.60 18.94
C ASP C 208 -13.41 -24.91 18.94
N LEU C 209 -14.63 -24.81 18.41
CA LEU C 209 -15.41 -25.97 18.01
C LEU C 209 -14.80 -26.52 16.74
N GLU C 210 -14.42 -27.79 16.74
CA GLU C 210 -13.77 -28.36 15.56
C GLU C 210 -14.73 -29.09 14.64
N ARG C 211 -16.00 -29.23 15.01
CA ARG C 211 -17.02 -29.82 14.16
C ARG C 211 -18.26 -28.92 14.24
N ILE C 212 -19.10 -28.99 13.21
CA ILE C 212 -20.33 -28.20 13.20
C ILE C 212 -21.19 -28.72 14.33
N PRO C 213 -21.51 -27.89 15.33
CA PRO C 213 -22.21 -28.40 16.51
C PRO C 213 -23.62 -28.86 16.18
N HIS C 214 -24.03 -29.91 16.89
CA HIS C 214 -25.37 -30.46 16.69
C HIS C 214 -26.45 -29.49 17.18
N ALA C 215 -26.13 -28.66 18.18
CA ALA C 215 -27.11 -27.74 18.74
C ALA C 215 -27.69 -26.81 17.68
N VAL C 216 -26.87 -26.38 16.72
CA VAL C 216 -27.34 -25.49 15.66
C VAL C 216 -28.54 -26.09 14.93
N PHE C 217 -28.62 -27.41 14.88
CA PHE C 217 -29.67 -28.07 14.13
C PHE C 217 -31.03 -27.96 14.82
N SER C 218 -31.09 -27.38 16.01
CA SER C 218 -32.35 -27.18 16.72
C SER C 218 -32.97 -25.81 16.46
N LEU C 219 -32.24 -24.89 15.82
CA LEU C 219 -32.75 -23.54 15.57
C LEU C 219 -33.38 -23.51 14.18
N LEU C 220 -34.64 -23.98 14.12
CA LEU C 220 -35.29 -24.11 12.83
C LEU C 220 -35.64 -22.77 12.21
N SER C 221 -35.74 -21.71 13.01
CA SER C 221 -36.02 -20.38 12.49
C SER C 221 -34.75 -19.61 12.15
N LEU C 222 -33.60 -20.29 12.16
CA LEU C 222 -32.33 -19.63 11.90
C LEU C 222 -32.17 -19.31 10.41
N GLN C 223 -31.71 -18.10 10.13
CA GLN C 223 -31.51 -17.64 8.75
C GLN C 223 -30.04 -17.48 8.38
N GLU C 224 -29.22 -16.97 9.30
CA GLU C 224 -27.81 -16.75 9.03
C GLU C 224 -26.97 -17.45 10.09
N LEU C 225 -25.81 -17.95 9.66
CA LEU C 225 -24.89 -18.67 10.54
C LEU C 225 -23.46 -18.27 10.22
N ASP C 226 -22.71 -17.87 11.24
CA ASP C 226 -21.33 -17.45 11.09
C ASP C 226 -20.47 -18.29 12.03
N LEU C 227 -19.56 -19.07 11.46
CA LEU C 227 -18.66 -19.93 12.22
C LEU C 227 -17.23 -19.55 11.87
N LYS C 228 -16.81 -18.35 12.27
CA LYS C 228 -15.52 -17.82 11.91
C LYS C 228 -14.45 -18.27 12.88
N GLU C 229 -13.31 -18.71 12.34
CA GLU C 229 -12.11 -19.04 13.11
C GLU C 229 -12.39 -20.13 14.14
N ASN C 230 -12.96 -21.23 13.68
CA ASN C 230 -13.32 -22.34 14.56
C ASN C 230 -12.53 -23.61 14.25
N ASN C 231 -11.55 -23.56 13.35
CA ASN C 231 -10.73 -24.74 13.04
C ASN C 231 -11.57 -25.88 12.48
N LEU C 232 -12.49 -25.56 11.58
CA LEU C 232 -13.30 -26.56 10.90
C LEU C 232 -12.50 -27.22 9.79
N LYS C 233 -12.56 -28.55 9.71
CA LYS C 233 -11.81 -29.28 8.68
C LYS C 233 -12.68 -30.01 7.66
N SER C 234 -13.71 -30.74 8.09
CA SER C 234 -14.40 -31.65 7.18
C SER C 234 -15.83 -31.27 6.85
N ILE C 235 -16.49 -30.51 7.73
CA ILE C 235 -17.87 -30.01 7.58
C ILE C 235 -18.80 -30.98 6.86
N GLU C 236 -18.69 -32.28 7.16
CA GLU C 236 -19.65 -33.21 6.56
C GLU C 236 -21.03 -33.15 7.21
N GLU C 237 -21.20 -32.32 8.25
CA GLU C 237 -22.50 -32.14 8.90
C GLU C 237 -23.35 -31.10 8.19
N ILE C 238 -22.86 -30.55 7.07
CA ILE C 238 -23.65 -29.60 6.30
C ILE C 238 -24.97 -30.24 5.88
N VAL C 239 -25.01 -31.57 5.79
CA VAL C 239 -26.26 -32.27 5.48
C VAL C 239 -27.36 -31.86 6.46
N SER C 240 -27.02 -31.77 7.76
CA SER C 240 -28.04 -31.45 8.75
C SER C 240 -28.60 -30.04 8.57
N PHE C 241 -27.90 -29.17 7.82
CA PHE C 241 -28.42 -27.84 7.55
C PHE C 241 -29.65 -27.87 6.65
N GLN C 242 -29.90 -28.99 5.97
CA GLN C 242 -31.15 -29.10 5.23
C GLN C 242 -32.35 -29.22 6.16
N HIS C 243 -32.11 -29.48 7.45
CA HIS C 243 -33.16 -29.43 8.45
C HIS C 243 -33.51 -28.00 8.84
N LEU C 244 -32.61 -27.06 8.60
CA LEU C 244 -32.89 -25.64 8.79
C LEU C 244 -33.32 -25.07 7.44
N ARG C 245 -34.63 -25.10 7.20
CA ARG C 245 -35.21 -24.74 5.92
C ARG C 245 -35.21 -23.25 5.62
N LYS C 246 -34.90 -22.39 6.60
CA LYS C 246 -34.92 -20.95 6.37
C LYS C 246 -33.51 -20.36 6.33
N LEU C 247 -32.50 -21.20 6.18
CA LEU C 247 -31.11 -20.75 6.17
C LEU C 247 -30.76 -20.17 4.81
N THR C 248 -30.40 -18.88 4.78
CA THR C 248 -30.01 -18.20 3.56
C THR C 248 -28.54 -17.84 3.53
N VAL C 249 -27.93 -17.54 4.68
CA VAL C 249 -26.54 -17.14 4.76
C VAL C 249 -25.78 -18.18 5.57
N LEU C 250 -24.69 -18.68 5.00
CA LEU C 250 -23.84 -19.66 5.66
C LEU C 250 -22.39 -19.20 5.54
N LYS C 251 -21.76 -18.92 6.68
CA LYS C 251 -20.40 -18.42 6.73
C LYS C 251 -19.53 -19.48 7.40
N LEU C 252 -18.78 -20.23 6.59
CA LEU C 252 -17.80 -21.18 7.09
C LEU C 252 -16.38 -20.69 6.85
N TRP C 253 -16.22 -19.38 6.71
CA TRP C 253 -14.92 -18.79 6.41
C TRP C 253 -13.99 -18.88 7.61
N TYR C 254 -12.69 -18.67 7.33
CA TYR C 254 -11.64 -18.67 8.35
C TYR C 254 -11.59 -20.01 9.09
N ASN C 255 -11.52 -21.09 8.31
CA ASN C 255 -11.40 -22.43 8.87
C ASN C 255 -10.29 -23.18 8.11
N SER C 256 -10.27 -24.50 8.24
CA SER C 256 -9.30 -25.34 7.56
C SER C 256 -9.99 -26.30 6.60
N ILE C 257 -11.10 -25.85 6.01
CA ILE C 257 -11.87 -26.67 5.09
C ILE C 257 -11.10 -26.83 3.78
N ALA C 258 -10.95 -28.08 3.35
CA ALA C 258 -10.31 -28.39 2.08
C ALA C 258 -11.21 -29.14 1.12
N TYR C 259 -12.38 -29.61 1.59
CA TYR C 259 -13.24 -30.49 0.81
C TYR C 259 -14.68 -30.07 1.07
N ILE C 260 -15.33 -29.49 0.06
CA ILE C 260 -16.74 -29.10 0.15
C ILE C 260 -17.60 -30.29 -0.24
N PRO C 261 -18.36 -30.87 0.69
CA PRO C 261 -19.13 -32.08 0.37
C PRO C 261 -20.25 -31.81 -0.62
N GLU C 262 -20.80 -32.90 -1.15
CA GLU C 262 -21.91 -32.81 -2.08
C GLU C 262 -23.19 -32.34 -1.41
N HIS C 263 -23.32 -32.54 -0.11
CA HIS C 263 -24.56 -32.24 0.61
C HIS C 263 -24.96 -30.78 0.51
N ILE C 264 -24.02 -29.90 0.13
CA ILE C 264 -24.33 -28.49 -0.02
C ILE C 264 -25.38 -28.26 -1.11
N LYS C 265 -25.56 -29.20 -2.04
CA LYS C 265 -26.61 -29.08 -3.02
C LYS C 265 -28.00 -29.12 -2.39
N LYS C 266 -28.10 -29.61 -1.17
CA LYS C 266 -29.35 -29.76 -0.44
C LYS C 266 -29.74 -28.55 0.38
N LEU C 267 -28.94 -27.49 0.39
CA LEU C 267 -29.29 -26.25 1.09
C LEU C 267 -30.06 -25.36 0.11
N THR C 268 -31.37 -25.59 0.03
CA THR C 268 -32.17 -25.01 -1.04
C THR C 268 -32.25 -23.49 -0.94
N SER C 269 -32.31 -22.95 0.28
CA SER C 269 -32.50 -21.52 0.47
C SER C 269 -31.19 -20.75 0.55
N LEU C 270 -30.07 -21.36 0.18
CA LEU C 270 -28.78 -20.69 0.26
C LEU C 270 -28.72 -19.52 -0.71
N GLU C 271 -28.25 -18.39 -0.20
CA GLU C 271 -28.20 -17.15 -0.98
C GLU C 271 -26.86 -16.43 -0.87
N ARG C 272 -26.22 -16.47 0.29
CA ARG C 272 -24.94 -15.82 0.52
C ARG C 272 -24.01 -16.85 1.15
N LEU C 273 -22.87 -17.11 0.51
CA LEU C 273 -21.94 -18.13 0.96
C LEU C 273 -20.56 -17.54 1.18
N PHE C 274 -20.07 -17.59 2.42
CA PHE C 274 -18.76 -17.08 2.79
C PHE C 274 -17.81 -18.26 3.00
N PHE C 275 -16.87 -18.44 2.07
CA PHE C 275 -15.90 -19.52 2.16
C PHE C 275 -14.47 -19.02 2.03
N SER C 276 -14.23 -17.76 2.35
CA SER C 276 -12.87 -17.21 2.25
C SER C 276 -12.00 -17.73 3.39
N HIS C 277 -10.69 -17.75 3.14
CA HIS C 277 -9.68 -18.14 4.12
C HIS C 277 -9.86 -19.60 4.57
N ASN C 278 -9.87 -20.49 3.59
CA ASN C 278 -9.81 -21.92 3.89
C ASN C 278 -8.63 -22.55 3.15
N LYS C 279 -8.62 -23.88 3.04
CA LYS C 279 -7.60 -24.60 2.29
C LYS C 279 -8.18 -25.29 1.07
N VAL C 280 -9.21 -24.69 0.47
CA VAL C 280 -9.88 -25.29 -0.67
C VAL C 280 -8.98 -25.21 -1.90
N GLU C 281 -8.81 -26.33 -2.60
CA GLU C 281 -8.01 -26.37 -3.82
C GLU C 281 -8.83 -26.68 -5.06
N VAL C 282 -9.96 -27.36 -4.91
CA VAL C 282 -10.83 -27.73 -6.02
C VAL C 282 -12.25 -27.25 -5.71
N LEU C 283 -12.84 -26.52 -6.66
CA LEU C 283 -14.23 -26.12 -6.54
C LEU C 283 -15.08 -27.21 -7.18
N PRO C 284 -15.83 -27.97 -6.41
CA PRO C 284 -16.60 -29.09 -6.99
C PRO C 284 -17.78 -28.59 -7.80
N SER C 285 -18.27 -29.47 -8.68
CA SER C 285 -19.39 -29.13 -9.54
C SER C 285 -20.66 -28.91 -8.72
N HIS C 286 -20.92 -29.78 -7.75
CA HIS C 286 -22.14 -29.69 -6.96
C HIS C 286 -22.25 -28.38 -6.19
N LEU C 287 -21.12 -27.70 -5.95
CA LEU C 287 -21.18 -26.39 -5.30
C LEU C 287 -22.10 -25.43 -6.06
N PHE C 288 -22.22 -25.60 -7.37
CA PHE C 288 -23.03 -24.73 -8.19
C PHE C 288 -24.43 -25.28 -8.44
N LEU C 289 -24.86 -26.27 -7.66
CA LEU C 289 -26.26 -26.67 -7.67
C LEU C 289 -27.14 -25.79 -6.81
N CYS C 290 -26.55 -24.87 -6.04
CA CYS C 290 -27.29 -23.89 -5.24
C CYS C 290 -27.65 -22.71 -6.14
N ASN C 291 -28.78 -22.82 -6.83
CA ASN C 291 -29.11 -21.87 -7.88
C ASN C 291 -29.43 -20.48 -7.36
N LYS C 292 -29.78 -20.34 -6.08
CA LYS C 292 -30.17 -19.06 -5.52
C LYS C 292 -29.00 -18.30 -4.90
N ILE C 293 -27.77 -18.68 -5.22
CA ILE C 293 -26.60 -18.03 -4.63
C ILE C 293 -26.38 -16.68 -5.30
N ARG C 294 -26.29 -15.63 -4.49
CA ARG C 294 -25.94 -14.30 -4.95
C ARG C 294 -24.56 -13.85 -4.50
N TYR C 295 -24.16 -14.23 -3.29
CA TYR C 295 -22.87 -13.84 -2.71
C TYR C 295 -22.02 -15.10 -2.56
N LEU C 296 -20.83 -15.07 -3.16
CA LEU C 296 -19.92 -16.22 -3.10
C LEU C 296 -18.52 -15.67 -2.92
N ASP C 297 -17.97 -15.83 -1.72
CA ASP C 297 -16.62 -15.38 -1.40
C ASP C 297 -15.74 -16.61 -1.18
N LEU C 298 -14.77 -16.80 -2.07
CA LEU C 298 -13.82 -17.90 -1.99
C LEU C 298 -12.38 -17.38 -1.90
N SER C 299 -12.22 -16.19 -1.33
CA SER C 299 -10.92 -15.53 -1.32
C SER C 299 -9.95 -16.25 -0.40
N TYR C 300 -8.65 -16.06 -0.66
CA TYR C 300 -7.58 -16.61 0.15
C TYR C 300 -7.72 -18.13 0.30
N ASN C 301 -7.76 -18.80 -0.85
CA ASN C 301 -7.78 -20.25 -0.92
C ASN C 301 -6.71 -20.71 -1.89
N ASP C 302 -6.70 -22.00 -2.23
CA ASP C 302 -5.75 -22.53 -3.18
C ASP C 302 -6.44 -22.94 -4.49
N ILE C 303 -7.46 -22.19 -4.88
CA ILE C 303 -8.23 -22.49 -6.07
C ILE C 303 -7.38 -22.20 -7.31
N ARG C 304 -7.48 -23.08 -8.30
CA ARG C 304 -6.76 -22.91 -9.55
C ARG C 304 -7.67 -22.70 -10.75
N PHE C 305 -8.83 -23.36 -10.80
CA PHE C 305 -9.78 -23.19 -11.88
C PHE C 305 -11.16 -22.89 -11.33
N ILE C 306 -11.89 -22.05 -12.04
CA ILE C 306 -13.32 -21.88 -11.84
C ILE C 306 -14.05 -22.66 -12.93
N PRO C 307 -14.84 -23.67 -12.59
CA PRO C 307 -15.45 -24.51 -13.62
C PRO C 307 -16.47 -23.74 -14.43
N PRO C 308 -16.76 -24.17 -15.65
CA PRO C 308 -17.77 -23.47 -16.46
C PRO C 308 -19.15 -23.49 -15.84
N GLU C 309 -19.44 -24.44 -14.94
CA GLU C 309 -20.75 -24.53 -14.34
C GLU C 309 -21.12 -23.29 -13.53
N ILE C 310 -20.15 -22.43 -13.20
CA ILE C 310 -20.48 -21.17 -12.55
C ILE C 310 -21.40 -20.33 -13.42
N GLY C 311 -21.39 -20.55 -14.74
CA GLY C 311 -22.31 -19.85 -15.61
C GLY C 311 -23.76 -20.20 -15.36
N VAL C 312 -24.03 -21.42 -14.87
CA VAL C 312 -25.41 -21.78 -14.57
C VAL C 312 -25.90 -21.11 -13.30
N LEU C 313 -24.99 -20.56 -12.50
CA LEU C 313 -25.34 -19.86 -11.27
C LEU C 313 -25.80 -18.44 -11.59
N GLN C 314 -27.00 -18.36 -12.17
CA GLN C 314 -27.59 -17.05 -12.44
C GLN C 314 -27.97 -16.42 -11.09
N SER C 315 -28.44 -15.17 -11.13
CA SER C 315 -28.80 -14.44 -9.92
C SER C 315 -27.59 -14.32 -8.98
N LEU C 316 -26.45 -13.97 -9.56
CA LEU C 316 -25.21 -13.83 -8.80
C LEU C 316 -24.75 -12.39 -8.91
N GLN C 317 -24.44 -11.78 -7.76
CA GLN C 317 -24.07 -10.38 -7.71
C GLN C 317 -22.65 -10.16 -7.23
N TYR C 318 -22.18 -10.98 -6.29
CA TYR C 318 -20.90 -10.79 -5.63
C TYR C 318 -20.04 -12.04 -5.80
N PHE C 319 -18.83 -11.87 -6.33
CA PHE C 319 -17.90 -12.96 -6.50
C PHE C 319 -16.50 -12.48 -6.14
N SER C 320 -15.80 -13.28 -5.34
CA SER C 320 -14.47 -12.90 -4.86
C SER C 320 -13.58 -14.14 -4.85
N ILE C 321 -12.45 -14.07 -5.55
CA ILE C 321 -11.48 -15.15 -5.54
C ILE C 321 -10.08 -14.57 -5.39
N THR C 322 -9.95 -13.53 -4.59
CA THR C 322 -8.63 -12.91 -4.41
C THR C 322 -7.69 -13.89 -3.71
N CYS C 323 -6.42 -13.81 -4.11
CA CYS C 323 -5.35 -14.63 -3.52
C CYS C 323 -5.62 -16.12 -3.71
N ASN C 324 -5.82 -16.52 -4.97
CA ASN C 324 -5.86 -17.92 -5.36
C ASN C 324 -4.77 -18.16 -6.42
N LYS C 325 -4.79 -19.34 -7.03
CA LYS C 325 -3.84 -19.70 -8.08
C LYS C 325 -4.52 -19.72 -9.45
N VAL C 326 -5.60 -18.94 -9.61
CA VAL C 326 -6.36 -18.97 -10.85
C VAL C 326 -5.55 -18.34 -11.97
N GLU C 327 -5.45 -19.05 -13.09
CA GLU C 327 -4.75 -18.56 -14.26
C GLU C 327 -5.67 -18.24 -15.42
N SER C 328 -6.91 -18.74 -15.41
CA SER C 328 -7.85 -18.50 -16.49
C SER C 328 -9.25 -18.41 -15.92
N LEU C 329 -10.08 -17.58 -16.55
CA LEU C 329 -11.48 -17.46 -16.19
C LEU C 329 -12.33 -17.98 -17.33
N PRO C 330 -13.30 -18.85 -17.07
CA PRO C 330 -14.16 -19.34 -18.16
C PRO C 330 -15.04 -18.22 -18.69
N ASP C 331 -15.32 -18.28 -19.99
CA ASP C 331 -16.21 -17.28 -20.58
C ASP C 331 -17.61 -17.38 -20.01
N GLU C 332 -18.01 -18.57 -19.56
CA GLU C 332 -19.31 -18.75 -18.93
C GLU C 332 -19.47 -17.88 -17.69
N LEU C 333 -18.37 -17.46 -17.06
CA LEU C 333 -18.46 -16.53 -15.94
C LEU C 333 -19.19 -15.26 -16.35
N TYR C 334 -19.01 -14.81 -17.59
CA TYR C 334 -19.68 -13.61 -18.07
C TYR C 334 -21.11 -13.88 -18.54
N PHE C 335 -21.66 -15.02 -18.19
CA PHE C 335 -23.10 -15.24 -18.28
C PHE C 335 -23.83 -14.74 -17.02
N CYS C 336 -23.11 -14.58 -15.91
CA CYS C 336 -23.67 -14.01 -14.68
C CYS C 336 -23.88 -12.51 -14.90
N LYS C 337 -24.95 -12.18 -15.62
CA LYS C 337 -25.18 -10.82 -16.07
C LYS C 337 -25.60 -9.89 -14.94
N LYS C 338 -25.90 -10.42 -13.75
CA LYS C 338 -26.28 -9.60 -12.60
C LYS C 338 -25.09 -9.21 -11.72
N LEU C 339 -23.86 -9.36 -12.22
CA LEU C 339 -22.67 -9.12 -11.42
C LEU C 339 -22.48 -7.64 -11.12
N LYS C 340 -22.44 -7.29 -9.84
CA LYS C 340 -22.16 -5.93 -9.40
C LYS C 340 -20.78 -5.76 -8.79
N THR C 341 -20.22 -6.82 -8.19
CA THR C 341 -18.89 -6.74 -7.59
C THR C 341 -18.12 -8.00 -7.96
N LEU C 342 -16.97 -7.82 -8.61
CA LEU C 342 -16.11 -8.92 -9.01
C LEU C 342 -14.69 -8.61 -8.53
N LYS C 343 -14.22 -9.35 -7.54
CA LYS C 343 -12.91 -9.12 -6.94
C LYS C 343 -12.01 -10.32 -7.27
N ILE C 344 -11.25 -10.18 -8.36
CA ILE C 344 -10.32 -11.22 -8.76
C ILE C 344 -9.04 -11.16 -7.92
N GLY C 345 -8.53 -9.95 -7.68
CA GLY C 345 -7.46 -9.79 -6.72
C GLY C 345 -6.15 -10.40 -7.18
N LYS C 346 -5.41 -10.98 -6.22
CA LYS C 346 -4.03 -11.40 -6.44
C LYS C 346 -4.03 -12.84 -6.97
N ASN C 347 -4.29 -12.96 -8.27
CA ASN C 347 -4.20 -14.26 -8.91
C ASN C 347 -3.09 -14.27 -9.95
N SER C 348 -3.18 -15.16 -10.94
CA SER C 348 -2.20 -15.25 -12.01
C SER C 348 -2.89 -15.22 -13.36
N LEU C 349 -3.72 -14.20 -13.58
CA LEU C 349 -4.42 -14.04 -14.85
C LEU C 349 -3.48 -13.39 -15.87
N SER C 350 -3.45 -13.96 -17.08
CA SER C 350 -2.62 -13.42 -18.14
C SER C 350 -3.35 -12.48 -19.08
N VAL C 351 -4.67 -12.63 -19.22
CA VAL C 351 -5.46 -11.81 -20.13
C VAL C 351 -6.84 -11.64 -19.53
N LEU C 352 -7.47 -10.50 -19.84
CA LEU C 352 -8.81 -10.20 -19.38
C LEU C 352 -9.76 -10.21 -20.57
N SER C 353 -10.84 -10.99 -20.47
CA SER C 353 -11.70 -11.23 -21.61
C SER C 353 -12.50 -9.99 -21.98
N PRO C 354 -12.75 -9.76 -23.27
CA PRO C 354 -13.67 -8.69 -23.67
C PRO C 354 -15.10 -8.92 -23.20
N LYS C 355 -15.49 -10.17 -22.94
CA LYS C 355 -16.85 -10.47 -22.52
C LYS C 355 -17.23 -9.79 -21.22
N ILE C 356 -16.29 -9.15 -20.53
CA ILE C 356 -16.61 -8.34 -19.36
C ILE C 356 -17.54 -7.20 -19.74
N GLY C 357 -17.61 -6.84 -21.03
CA GLY C 357 -18.59 -5.87 -21.46
C GLY C 357 -20.03 -6.32 -21.33
N ASN C 358 -20.26 -7.64 -21.22
CA ASN C 358 -21.61 -8.15 -21.02
C ASN C 358 -22.16 -7.83 -19.63
N LEU C 359 -21.29 -7.54 -18.66
CA LEU C 359 -21.71 -7.23 -17.30
C LEU C 359 -22.11 -5.75 -17.24
N LEU C 360 -23.36 -5.48 -17.63
CA LEU C 360 -23.83 -4.11 -17.71
C LEU C 360 -24.04 -3.49 -16.33
N PHE C 361 -24.14 -4.29 -15.28
CA PHE C 361 -24.34 -3.78 -13.93
C PHE C 361 -23.05 -3.76 -13.11
N LEU C 362 -21.92 -4.13 -13.70
CA LEU C 362 -20.66 -4.21 -12.97
C LEU C 362 -20.26 -2.83 -12.46
N SER C 363 -20.16 -2.70 -11.14
CA SER C 363 -19.81 -1.44 -10.50
C SER C 363 -18.47 -1.45 -9.77
N TYR C 364 -17.97 -2.62 -9.38
CA TYR C 364 -16.70 -2.71 -8.67
C TYR C 364 -15.89 -3.86 -9.24
N LEU C 365 -14.66 -3.57 -9.65
CA LEU C 365 -13.77 -4.57 -10.24
C LEU C 365 -12.40 -4.50 -9.59
N ASP C 366 -11.88 -5.62 -9.17
CA ASP C 366 -10.56 -5.63 -8.62
C ASP C 366 -9.72 -6.62 -9.33
N ILE C 367 -8.82 -6.16 -10.17
CA ILE C 367 -7.96 -7.03 -10.91
C ILE C 367 -6.51 -6.77 -10.66
N LYS C 368 -6.21 -6.14 -9.56
CA LYS C 368 -4.84 -5.86 -9.24
C LYS C 368 -4.11 -7.08 -8.85
N GLY C 369 -2.84 -7.15 -9.19
CA GLY C 369 -2.03 -8.29 -8.87
C GLY C 369 -1.87 -9.39 -9.85
N ASN C 370 -2.32 -9.22 -11.08
CA ASN C 370 -2.26 -10.25 -12.09
C ASN C 370 -1.15 -10.07 -13.13
N HIS C 371 -1.02 -11.01 -14.06
CA HIS C 371 0.02 -11.07 -15.07
C HIS C 371 -0.50 -10.56 -16.42
N PHE C 372 -1.36 -9.55 -16.38
CA PHE C 372 -1.87 -8.97 -17.62
C PHE C 372 -0.78 -8.24 -18.37
N GLU C 373 -0.95 -8.16 -19.69
CA GLU C 373 -0.11 -7.30 -20.52
C GLU C 373 -0.86 -6.11 -21.08
N VAL C 374 -2.18 -6.21 -21.22
CA VAL C 374 -3.00 -5.11 -21.72
C VAL C 374 -4.43 -5.33 -21.26
N LEU C 375 -5.14 -4.24 -21.00
CA LEU C 375 -6.55 -4.30 -20.64
C LEU C 375 -7.43 -4.20 -21.89
N PRO C 376 -8.52 -4.97 -21.92
CA PRO C 376 -9.42 -4.91 -23.08
C PRO C 376 -10.15 -3.59 -23.16
N PRO C 377 -10.26 -3.00 -24.35
CA PRO C 377 -11.00 -1.73 -24.48
C PRO C 377 -12.45 -1.84 -24.04
N GLU C 378 -13.03 -3.04 -24.13
CA GLU C 378 -14.43 -3.26 -23.80
C GLU C 378 -14.74 -2.99 -22.33
N LEU C 379 -13.73 -2.65 -21.53
CA LEU C 379 -13.98 -2.13 -20.19
C LEU C 379 -14.83 -0.87 -20.22
N GLY C 380 -14.86 -0.16 -21.35
CA GLY C 380 -15.75 0.98 -21.49
C GLY C 380 -17.21 0.60 -21.57
N ASP C 381 -17.52 -0.67 -21.87
CA ASP C 381 -18.90 -1.13 -21.88
C ASP C 381 -19.49 -1.29 -20.49
N CYS C 382 -18.66 -1.27 -19.45
CA CYS C 382 -19.12 -1.32 -18.06
C CYS C 382 -19.41 0.12 -17.62
N ARG C 383 -20.65 0.56 -17.86
CA ARG C 383 -21.01 1.95 -17.62
C ARG C 383 -21.16 2.29 -16.14
N ALA C 384 -21.34 1.29 -15.28
CA ALA C 384 -21.42 1.52 -13.85
C ALA C 384 -20.07 1.51 -13.15
N LEU C 385 -18.98 1.26 -13.89
CA LEU C 385 -17.65 1.11 -13.32
C LEU C 385 -16.86 2.42 -13.40
N LYS C 386 -16.37 2.88 -12.26
CA LYS C 386 -15.52 4.06 -12.19
C LYS C 386 -14.11 3.66 -11.74
N ARG C 387 -13.15 4.57 -11.97
CA ARG C 387 -11.78 4.30 -11.53
C ARG C 387 -11.71 4.24 -10.01
N ALA C 388 -12.54 5.02 -9.32
CA ALA C 388 -12.61 4.91 -7.87
C ALA C 388 -13.07 3.52 -7.44
N GLY C 389 -13.95 2.90 -8.21
CA GLY C 389 -14.40 1.54 -7.96
C GLY C 389 -13.64 0.47 -8.72
N LEU C 390 -12.58 0.83 -9.44
CA LEU C 390 -11.76 -0.14 -10.17
C LEU C 390 -10.33 -0.05 -9.64
N VAL C 391 -9.87 -1.10 -8.98
CA VAL C 391 -8.52 -1.16 -8.42
C VAL C 391 -7.67 -2.01 -9.34
N VAL C 392 -6.61 -1.47 -9.93
CA VAL C 392 -5.74 -2.14 -10.84
C VAL C 392 -4.45 -1.36 -10.89
N GLU C 393 -3.34 -1.97 -11.27
CA GLU C 393 -2.11 -1.22 -11.39
C GLU C 393 -2.24 -0.17 -12.46
N ASP C 394 -1.81 1.05 -12.18
CA ASP C 394 -2.00 2.16 -13.09
C ASP C 394 -1.37 1.96 -14.41
N ALA C 395 -0.26 1.27 -14.46
CA ALA C 395 0.35 1.01 -15.76
C ALA C 395 -0.58 0.19 -16.65
N LEU C 396 -1.32 -0.75 -16.04
CA LEU C 396 -2.29 -1.53 -16.79
C LEU C 396 -3.48 -0.68 -17.19
N PHE C 397 -3.92 0.23 -16.31
CA PHE C 397 -5.01 1.12 -16.66
C PHE C 397 -4.63 2.02 -17.83
N GLU C 398 -3.36 2.42 -17.91
CA GLU C 398 -2.90 3.27 -19.00
C GLU C 398 -2.97 2.57 -20.35
N THR C 399 -3.07 1.24 -20.37
CA THR C 399 -3.15 0.47 -21.60
C THR C 399 -4.54 0.48 -22.21
N LEU C 400 -5.48 1.20 -21.62
CA LEU C 400 -6.82 1.36 -22.16
C LEU C 400 -6.85 2.48 -23.21
N PRO C 401 -7.85 2.48 -24.09
CA PRO C 401 -7.99 3.59 -25.04
C PRO C 401 -8.13 4.92 -24.32
N SER C 402 -7.79 5.99 -25.05
CA SER C 402 -7.84 7.34 -24.47
C SER C 402 -9.23 7.66 -23.95
N ASP C 403 -10.24 7.44 -24.80
CA ASP C 403 -11.62 7.79 -24.45
C ASP C 403 -12.08 6.98 -23.25
N VAL C 404 -11.75 5.69 -23.20
CA VAL C 404 -12.20 4.84 -22.10
C VAL C 404 -11.66 5.37 -20.78
N ARG C 405 -10.36 5.64 -20.72
CA ARG C 405 -9.77 6.12 -19.46
C ARG C 405 -10.37 7.45 -19.04
N GLU C 406 -10.41 8.42 -19.97
CA GLU C 406 -10.90 9.73 -19.58
C GLU C 406 -12.36 9.66 -19.14
N GLN C 407 -13.20 8.89 -19.84
CA GLN C 407 -14.61 8.81 -19.48
C GLN C 407 -14.82 8.04 -18.18
N MET C 408 -13.92 7.10 -17.85
CA MET C 408 -14.00 6.46 -16.54
C MET C 408 -13.59 7.43 -15.44
N LYS C 409 -12.70 8.37 -15.75
CA LYS C 409 -12.35 9.40 -14.77
C LYS C 409 -13.43 10.47 -14.69
N ALA C 410 -13.96 10.91 -15.83
CA ALA C 410 -15.06 11.88 -15.86
C ALA C 410 -15.82 11.79 -17.17
N PRO D 2 0.88 5.80 36.36
CA PRO D 2 1.40 4.80 35.42
C PRO D 2 0.30 3.90 34.85
N SER D 3 -0.59 3.40 35.71
CA SER D 3 -1.70 2.59 35.22
C SER D 3 -2.61 3.41 34.30
N SER D 4 -2.92 4.64 34.68
CA SER D 4 -3.78 5.48 33.84
C SER D 4 -3.11 5.84 32.52
N GLU D 5 -1.85 6.25 32.56
CA GLU D 5 -1.19 6.61 31.32
C GLU D 5 -1.07 5.40 30.39
N ASN D 6 -0.81 4.22 30.96
CA ASN D 6 -0.69 3.01 30.13
C ASN D 6 -2.05 2.60 29.55
N LYS D 7 -3.13 2.70 30.34
CA LYS D 7 -4.44 2.36 29.79
C LYS D 7 -4.86 3.36 28.71
N LEU D 8 -4.58 4.65 28.91
CA LEU D 8 -4.89 5.62 27.86
C LEU D 8 -4.07 5.34 26.62
N LYS D 9 -2.80 4.95 26.80
CA LYS D 9 -1.96 4.55 25.69
C LYS D 9 -2.58 3.39 24.93
N GLN D 10 -2.97 2.34 25.66
CA GLN D 10 -3.55 1.17 25.04
C GLN D 10 -4.87 1.49 24.34
N LEU D 11 -5.67 2.37 24.95
CA LEU D 11 -6.94 2.77 24.35
C LEU D 11 -6.72 3.49 23.03
N ASN D 12 -5.83 4.49 23.02
CA ASN D 12 -5.57 5.20 21.77
C ASN D 12 -4.93 4.30 20.72
N LEU D 13 -4.01 3.42 21.13
CA LEU D 13 -3.42 2.45 20.22
C LEU D 13 -4.48 1.55 19.59
N ASN D 14 -5.43 1.07 20.39
CA ASN D 14 -6.48 0.22 19.86
C ASN D 14 -7.46 1.00 18.99
N ASN D 15 -7.70 2.27 19.31
CA ASN D 15 -8.62 3.06 18.50
C ASN D 15 -8.06 3.33 17.11
N GLU D 16 -6.78 3.66 17.01
CA GLU D 16 -6.26 3.97 15.68
C GLU D 16 -6.04 2.70 14.86
N TRP D 17 -5.43 1.67 15.48
CA TRP D 17 -5.15 0.42 14.77
C TRP D 17 -6.33 -0.53 15.01
N THR D 18 -7.41 -0.30 14.27
CA THR D 18 -8.56 -1.19 14.30
C THR D 18 -8.24 -2.48 13.54
N PRO D 19 -9.00 -3.55 13.80
CA PRO D 19 -8.75 -4.80 13.05
C PRO D 19 -8.81 -4.65 11.54
N ASP D 20 -9.66 -3.76 11.02
CA ASP D 20 -9.66 -3.52 9.58
C ASP D 20 -8.38 -2.85 9.13
N LYS D 21 -7.94 -1.80 9.83
CA LYS D 21 -6.70 -1.14 9.42
C LYS D 21 -5.50 -2.07 9.58
N LEU D 22 -5.55 -3.00 10.54
CA LEU D 22 -4.49 -3.99 10.67
C LEU D 22 -4.52 -4.96 9.51
N ARG D 23 -5.71 -5.45 9.14
CA ARG D 23 -5.83 -6.40 8.04
C ARG D 23 -5.54 -5.75 6.69
N GLN D 24 -5.65 -4.43 6.59
CA GLN D 24 -5.19 -3.73 5.40
C GLN D 24 -3.69 -3.91 5.20
N LYS D 25 -2.95 -4.18 6.28
CA LYS D 25 -1.52 -4.37 6.24
C LYS D 25 -1.09 -5.83 6.17
N LEU D 26 -2.03 -6.78 6.12
CA LEU D 26 -1.67 -8.19 6.02
C LEU D 26 -0.94 -8.46 4.70
N GLN D 27 0.03 -9.36 4.75
CA GLN D 27 0.80 -9.71 3.57
C GLN D 27 1.26 -11.17 3.68
N THR D 28 1.95 -11.64 2.66
CA THR D 28 2.58 -12.95 2.66
C THR D 28 4.10 -12.78 2.64
N ASN D 29 4.78 -13.42 3.58
CA ASN D 29 6.22 -13.23 3.75
C ASN D 29 6.98 -14.20 2.85
N ALA D 30 8.31 -14.21 3.00
CA ALA D 30 9.14 -15.13 2.22
C ALA D 30 8.90 -16.58 2.61
N HIS D 31 8.24 -16.83 3.74
CA HIS D 31 7.85 -18.18 4.11
C HIS D 31 6.41 -18.41 3.64
N ASN D 32 5.88 -19.57 3.96
CA ASN D 32 4.50 -19.92 3.61
C ASN D 32 3.49 -19.47 4.65
N ARG D 33 3.68 -18.28 5.23
CA ARG D 33 2.86 -17.82 6.34
C ARG D 33 2.24 -16.46 6.05
N LEU D 34 1.11 -16.20 6.71
CA LEU D 34 0.41 -14.93 6.64
C LEU D 34 0.94 -14.00 7.73
N GLU D 35 1.42 -12.81 7.35
CA GLU D 35 2.16 -11.95 8.25
C GLU D 35 1.48 -10.60 8.42
N LEU D 36 1.54 -10.08 9.65
CA LEU D 36 1.07 -8.73 9.99
C LEU D 36 2.25 -7.90 10.47
N PRO D 37 2.76 -6.97 9.66
CA PRO D 37 3.94 -6.18 10.03
C PRO D 37 3.58 -4.89 10.76
N LEU D 38 4.32 -4.59 11.82
CA LEU D 38 4.25 -3.31 12.52
C LEU D 38 5.60 -2.60 12.38
N ILE D 39 5.56 -1.33 12.00
CA ILE D 39 6.77 -0.56 11.67
C ILE D 39 6.77 0.70 12.51
N MET D 40 7.71 0.78 13.46
CA MET D 40 7.95 1.98 14.27
C MET D 40 6.65 2.50 14.90
N LEU D 41 6.13 1.70 15.82
CA LEU D 41 5.00 2.09 16.64
C LEU D 41 5.47 2.31 18.08
N SER D 42 4.66 3.05 18.83
CA SER D 42 4.95 3.30 20.23
C SER D 42 4.68 2.10 21.12
N GLY D 43 3.86 1.16 20.67
CA GLY D 43 3.61 -0.03 21.45
C GLY D 43 2.84 -1.06 20.65
N LEU D 44 2.39 -2.10 21.36
CA LEU D 44 1.65 -3.18 20.74
C LEU D 44 0.16 -3.01 21.01
N PRO D 45 -0.66 -2.73 20.01
CA PRO D 45 -2.11 -2.74 20.23
C PRO D 45 -2.60 -4.14 20.54
N ASP D 46 -3.48 -4.23 21.54
CA ASP D 46 -4.06 -5.54 21.88
C ASP D 46 -4.94 -6.07 20.76
N THR D 47 -5.52 -5.18 19.95
CA THR D 47 -6.31 -5.61 18.80
C THR D 47 -5.50 -6.44 17.82
N VAL D 48 -4.16 -6.35 17.86
CA VAL D 48 -3.33 -7.23 17.05
C VAL D 48 -3.65 -8.69 17.35
N PHE D 49 -3.95 -8.99 18.62
CA PHE D 49 -4.28 -10.34 19.04
C PHE D 49 -5.73 -10.70 18.74
N GLU D 50 -6.43 -9.84 18.00
CA GLU D 50 -7.72 -10.17 17.43
C GLU D 50 -7.62 -10.61 15.98
N ILE D 51 -6.47 -10.39 15.34
CA ILE D 51 -6.26 -10.80 13.95
C ILE D 51 -5.83 -12.26 14.01
N THR D 52 -6.80 -13.14 14.27
CA THR D 52 -6.53 -14.54 14.54
C THR D 52 -6.05 -15.29 13.30
N GLU D 53 -6.19 -14.73 12.10
CA GLU D 53 -5.78 -15.43 10.89
C GLU D 53 -4.29 -15.33 10.60
N LEU D 54 -3.56 -14.48 11.31
CA LEU D 54 -2.13 -14.31 11.04
C LEU D 54 -1.33 -15.54 11.47
N GLN D 55 -0.34 -15.90 10.64
CA GLN D 55 0.59 -16.99 10.91
C GLN D 55 1.98 -16.52 11.28
N SER D 56 2.34 -15.29 10.91
CA SER D 56 3.61 -14.69 11.29
C SER D 56 3.35 -13.30 11.86
N LEU D 57 4.18 -12.91 12.82
CA LEU D 57 4.07 -11.60 13.47
C LEU D 57 5.39 -10.88 13.29
N LYS D 58 5.36 -9.74 12.61
CA LYS D 58 6.55 -8.96 12.29
C LYS D 58 6.55 -7.66 13.08
N LEU D 59 7.57 -7.47 13.90
CA LEU D 59 7.75 -6.25 14.67
C LEU D 59 9.04 -5.58 14.22
N GLU D 60 8.95 -4.30 13.85
CA GLU D 60 10.09 -3.58 13.30
C GLU D 60 10.25 -2.26 14.04
N ILE D 61 11.39 -2.10 14.72
CA ILE D 61 11.78 -0.87 15.41
C ILE D 61 10.66 -0.45 16.36
N ILE D 62 10.33 -1.31 17.32
CA ILE D 62 9.35 -1.02 18.35
C ILE D 62 9.97 -1.28 19.71
N LYS D 63 10.29 -0.21 20.44
CA LYS D 63 10.98 -0.30 21.73
C LYS D 63 10.03 -0.29 22.92
N ASN D 64 10.46 -0.96 23.99
CA ASN D 64 9.73 -1.07 25.25
C ASN D 64 8.31 -1.58 25.03
N VAL D 65 8.23 -2.81 24.54
CA VAL D 65 6.96 -3.52 24.38
C VAL D 65 6.95 -4.70 25.33
N MET D 66 5.77 -5.01 25.86
CA MET D 66 5.58 -6.22 26.64
C MET D 66 4.45 -7.03 26.03
N ILE D 67 4.75 -8.26 25.64
CA ILE D 67 3.76 -9.14 25.04
C ILE D 67 2.87 -9.65 26.16
N PRO D 68 1.56 -9.43 26.10
CA PRO D 68 0.69 -9.85 27.20
C PRO D 68 0.23 -11.28 27.01
N ALA D 69 -0.52 -11.82 27.98
CA ALA D 69 -1.01 -13.20 27.86
C ALA D 69 -2.00 -13.36 26.72
N THR D 70 -2.54 -12.27 26.20
CA THR D 70 -3.49 -12.33 25.08
C THR D 70 -2.85 -12.81 23.79
N ILE D 71 -1.51 -12.97 23.75
CA ILE D 71 -0.87 -13.61 22.61
C ILE D 71 -1.38 -15.04 22.44
N ALA D 72 -1.94 -15.63 23.50
CA ALA D 72 -2.54 -16.95 23.37
C ALA D 72 -3.77 -16.94 22.45
N GLN D 73 -4.29 -15.77 22.10
CA GLN D 73 -5.45 -15.69 21.22
C GLN D 73 -5.09 -16.00 19.78
N LEU D 74 -3.85 -15.73 19.37
CA LEU D 74 -3.40 -16.02 18.00
C LEU D 74 -3.18 -17.51 17.86
N ASP D 75 -4.30 -18.22 17.59
CA ASP D 75 -4.27 -19.68 17.54
C ASP D 75 -3.43 -20.20 16.39
N ASN D 76 -3.24 -19.40 15.34
CA ASN D 76 -2.46 -19.81 14.17
C ASN D 76 -1.04 -19.23 14.13
N LEU D 77 -0.63 -18.53 15.19
CA LEU D 77 0.71 -17.95 15.24
C LEU D 77 1.77 -19.06 15.15
N GLN D 78 2.56 -19.01 14.07
CA GLN D 78 3.64 -19.98 13.87
C GLN D 78 5.02 -19.34 13.83
N GLU D 79 5.12 -18.05 13.48
CA GLU D 79 6.40 -17.38 13.31
C GLU D 79 6.38 -16.06 14.04
N LEU D 80 7.55 -15.65 14.53
CA LEU D 80 7.74 -14.35 15.15
C LEU D 80 8.99 -13.71 14.57
N CYS D 81 8.89 -12.43 14.21
CA CYS D 81 10.01 -11.70 13.64
C CYS D 81 10.19 -10.42 14.44
N LEU D 82 11.41 -10.21 14.94
CA LEU D 82 11.74 -9.05 15.75
C LEU D 82 12.92 -8.36 15.07
N HIS D 83 12.68 -7.18 14.53
CA HIS D 83 13.70 -6.43 13.82
C HIS D 83 13.98 -5.17 14.65
N GLN D 84 15.06 -5.20 15.41
CA GLN D 84 15.49 -4.07 16.24
C GLN D 84 14.38 -3.69 17.23
N CYS D 85 13.94 -4.69 17.99
CA CYS D 85 12.90 -4.51 18.98
C CYS D 85 13.37 -5.03 20.32
N SER D 86 13.13 -4.24 21.37
CA SER D 86 13.43 -4.65 22.74
C SER D 86 12.11 -5.12 23.34
N VAL D 87 11.93 -6.43 23.43
CA VAL D 87 10.66 -7.05 23.77
C VAL D 87 10.81 -7.79 25.09
N LYS D 88 9.93 -7.50 26.04
CA LYS D 88 9.76 -8.30 27.24
C LYS D 88 8.44 -9.05 27.13
N ILE D 89 8.37 -10.23 27.73
CA ILE D 89 7.23 -11.10 27.53
C ILE D 89 6.61 -11.46 28.87
N HIS D 90 5.34 -11.80 28.83
CA HIS D 90 4.59 -12.26 30.00
C HIS D 90 4.76 -13.77 30.17
N SER D 91 4.48 -14.24 31.39
CA SER D 91 4.66 -15.65 31.71
C SER D 91 3.72 -16.53 30.88
N ALA D 92 2.43 -16.22 30.87
CA ALA D 92 1.48 -17.00 30.08
C ALA D 92 1.78 -16.88 28.59
N ALA D 93 2.21 -15.68 28.17
CA ALA D 93 2.66 -15.50 26.80
C ALA D 93 3.84 -16.42 26.49
N LEU D 94 4.78 -16.54 27.43
CA LEU D 94 5.92 -17.42 27.24
C LEU D 94 5.49 -18.88 27.16
N SER D 95 4.50 -19.28 27.96
CA SER D 95 4.00 -20.65 27.88
C SER D 95 3.40 -20.94 26.51
N PHE D 96 2.56 -20.02 26.03
CA PHE D 96 1.97 -20.18 24.71
C PHE D 96 3.04 -20.32 23.64
N LEU D 97 4.05 -19.44 23.67
CA LEU D 97 5.09 -19.49 22.65
C LEU D 97 5.98 -20.72 22.81
N LYS D 98 6.14 -21.21 24.05
CA LYS D 98 6.92 -22.43 24.26
C LYS D 98 6.24 -23.62 23.62
N GLU D 99 4.91 -23.70 23.72
CA GLU D 99 4.24 -24.85 23.16
C GLU D 99 3.85 -24.68 21.69
N ASN D 100 3.84 -23.46 21.16
CA ASN D 100 3.29 -23.23 19.82
C ASN D 100 4.24 -22.57 18.84
N LEU D 101 5.13 -21.68 19.27
CA LEU D 101 5.99 -20.98 18.33
C LEU D 101 6.94 -21.96 17.65
N LYS D 102 7.03 -21.86 16.32
CA LYS D 102 7.81 -22.78 15.51
C LYS D 102 8.98 -22.12 14.78
N VAL D 103 8.88 -20.85 14.45
CA VAL D 103 9.93 -20.12 13.74
C VAL D 103 10.16 -18.79 14.44
N LEU D 104 11.43 -18.43 14.62
CA LEU D 104 11.81 -17.19 15.27
C LEU D 104 12.93 -16.53 14.48
N SER D 105 12.79 -15.23 14.22
CA SER D 105 13.79 -14.48 13.49
C SER D 105 14.01 -13.15 14.21
N VAL D 106 15.25 -12.91 14.65
CA VAL D 106 15.57 -11.72 15.43
C VAL D 106 16.75 -11.03 14.77
N LYS D 107 16.51 -9.84 14.21
CA LYS D 107 17.58 -9.00 13.68
C LYS D 107 17.82 -7.87 14.68
N PHE D 108 18.99 -7.89 15.33
CA PHE D 108 19.29 -6.98 16.43
C PHE D 108 20.55 -6.20 16.11
N ASP D 109 20.48 -4.89 16.32
CA ASP D 109 21.66 -4.02 16.22
C ASP D 109 22.45 -3.88 17.50
N ASP D 110 21.85 -4.19 18.64
CA ASP D 110 22.47 -3.93 19.93
C ASP D 110 22.45 -5.20 20.79
N MET D 111 23.22 -5.15 21.88
CA MET D 111 23.36 -6.26 22.81
C MET D 111 22.12 -6.53 23.66
N ARG D 112 21.14 -5.63 23.65
CA ARG D 112 19.96 -5.76 24.50
C ARG D 112 18.70 -6.15 23.75
N GLU D 113 18.66 -6.00 22.42
CA GLU D 113 17.47 -6.29 21.65
C GLU D 113 17.34 -7.78 21.33
N LEU D 114 18.11 -8.63 22.00
CA LEU D 114 17.99 -10.07 21.87
C LEU D 114 17.30 -10.61 23.12
N PRO D 115 16.09 -11.14 23.02
CA PRO D 115 15.33 -11.51 24.23
C PRO D 115 15.93 -12.73 24.89
N PRO D 116 16.20 -12.67 26.20
CA PRO D 116 16.73 -13.86 26.88
C PRO D 116 15.74 -15.01 26.93
N TRP D 117 14.43 -14.72 27.01
CA TRP D 117 13.45 -15.79 27.06
C TRP D 117 13.42 -16.58 25.77
N MET D 118 13.97 -16.02 24.68
CA MET D 118 14.04 -16.76 23.43
C MET D 118 14.80 -18.07 23.60
N TYR D 119 15.65 -18.17 24.62
CA TYR D 119 16.38 -19.42 24.78
C TYR D 119 15.53 -20.55 25.35
N GLY D 120 14.26 -20.31 25.68
CA GLY D 120 13.42 -21.34 26.26
C GLY D 120 12.33 -21.90 25.39
N LEU D 121 12.29 -21.55 24.10
CA LEU D 121 11.20 -21.96 23.22
C LEU D 121 11.45 -23.36 22.68
N ARG D 122 10.96 -24.37 23.42
CA ARG D 122 10.93 -25.70 22.84
C ARG D 122 9.90 -25.69 21.72
N ASN D 123 9.81 -26.80 20.98
CA ASN D 123 8.91 -26.92 19.84
C ASN D 123 9.28 -25.93 18.73
N LEU D 124 10.38 -25.20 18.89
CA LEU D 124 10.84 -24.25 17.89
C LEU D 124 11.76 -24.95 16.89
N GLU D 125 11.47 -24.80 15.61
CA GLU D 125 12.22 -25.51 14.57
C GLU D 125 13.26 -24.67 13.87
N GLU D 126 12.99 -23.39 13.62
CA GLU D 126 13.91 -22.55 12.87
C GLU D 126 14.22 -21.29 13.67
N LEU D 127 15.51 -20.96 13.75
CA LEU D 127 15.96 -19.76 14.43
C LEU D 127 16.91 -18.98 13.52
N TYR D 128 16.61 -17.70 13.31
CA TYR D 128 17.39 -16.84 12.42
C TYR D 128 17.83 -15.59 13.17
N LEU D 129 19.14 -15.44 13.38
CA LEU D 129 19.71 -14.26 14.02
C LEU D 129 20.52 -13.46 13.02
N VAL D 130 20.25 -12.15 12.94
CA VAL D 130 20.99 -11.23 12.08
C VAL D 130 21.47 -10.09 12.98
N GLY D 131 22.67 -10.23 13.52
CA GLY D 131 23.25 -9.20 14.37
C GLY D 131 24.60 -9.70 14.86
N SER D 132 25.41 -8.75 15.32
CA SER D 132 26.81 -9.06 15.62
C SER D 132 26.95 -9.81 16.93
N LEU D 133 27.67 -10.94 16.87
CA LEU D 133 27.98 -11.77 18.03
C LEU D 133 29.49 -11.93 18.14
N SER D 134 30.05 -11.57 19.30
CA SER D 134 31.49 -11.74 19.52
C SER D 134 31.77 -11.82 21.01
N HIS D 135 33.02 -12.14 21.34
CA HIS D 135 33.48 -12.29 22.71
C HIS D 135 32.68 -13.36 23.46
N LEU D 143 28.13 -14.53 24.54
CA LEU D 143 27.19 -13.88 23.62
C LEU D 143 25.78 -14.46 23.70
N GLU D 144 25.49 -15.37 22.79
CA GLU D 144 24.21 -16.08 22.78
C GLU D 144 24.33 -17.28 23.70
N SER D 145 23.36 -17.48 24.59
CA SER D 145 23.48 -18.58 25.53
C SER D 145 23.27 -19.96 24.90
N LEU D 146 23.35 -20.99 25.73
CA LEU D 146 23.27 -22.36 25.23
C LEU D 146 21.83 -22.71 24.82
N ARG D 147 21.69 -23.84 24.14
CA ARG D 147 20.47 -24.21 23.43
C ARG D 147 19.83 -25.45 24.02
N ASP D 148 18.72 -25.26 24.74
CA ASP D 148 17.81 -26.35 25.08
C ASP D 148 16.52 -26.27 24.24
N LEU D 149 16.65 -25.78 23.01
CA LEU D 149 15.54 -25.74 22.04
C LEU D 149 15.40 -27.13 21.43
N LYS D 150 14.66 -27.99 22.13
CA LYS D 150 14.66 -29.42 21.88
C LYS D 150 14.27 -29.79 20.45
N SER D 151 13.62 -28.89 19.71
CA SER D 151 13.12 -29.21 18.38
C SER D 151 13.77 -28.38 17.28
N LEU D 152 14.93 -27.77 17.55
CA LEU D 152 15.53 -26.90 16.55
C LEU D 152 16.08 -27.72 15.39
N LYS D 153 15.67 -27.36 14.18
CA LYS D 153 16.05 -28.06 12.97
C LYS D 153 16.86 -27.20 12.00
N ILE D 154 16.60 -25.89 11.94
CA ILE D 154 17.32 -24.96 11.09
C ILE D 154 17.82 -23.81 11.94
N LEU D 155 19.11 -23.49 11.81
CA LEU D 155 19.73 -22.37 12.51
C LEU D 155 20.55 -21.57 11.52
N SER D 156 20.37 -20.27 11.50
CA SER D 156 21.12 -19.39 10.63
C SER D 156 21.60 -18.10 11.31
N ILE D 157 22.88 -17.83 11.30
CA ILE D 157 23.36 -16.58 11.86
C ILE D 157 24.01 -15.75 10.80
N LYS D 158 23.86 -14.46 10.88
CA LYS D 158 24.42 -13.57 9.93
C LYS D 158 25.19 -12.62 10.77
N SER D 159 26.29 -13.08 11.36
CA SER D 159 27.14 -12.33 12.26
C SER D 159 28.57 -12.08 11.87
N ASN D 160 29.45 -12.09 12.85
CA ASN D 160 30.87 -11.93 12.68
C ASN D 160 31.42 -12.86 13.67
N VAL D 161 31.42 -14.12 13.36
CA VAL D 161 31.77 -15.16 14.34
C VAL D 161 33.13 -15.75 13.99
N SER D 162 34.00 -15.88 15.00
CA SER D 162 35.33 -16.42 14.74
C SER D 162 35.32 -17.93 14.90
N LYS D 163 34.29 -18.47 15.53
CA LYS D 163 34.22 -19.90 15.77
C LYS D 163 32.76 -20.30 15.90
N ILE D 164 32.47 -21.56 15.60
CA ILE D 164 31.12 -22.11 15.81
C ILE D 164 30.90 -22.33 17.30
N PRO D 165 29.99 -21.59 17.93
CA PRO D 165 29.87 -21.62 19.40
C PRO D 165 29.45 -22.98 19.93
N GLN D 166 29.81 -23.25 21.18
CA GLN D 166 29.37 -24.47 21.85
C GLN D 166 27.85 -24.50 22.03
N ALA D 167 27.21 -23.33 21.99
CA ALA D 167 25.75 -23.27 22.08
C ALA D 167 25.12 -24.04 20.94
N VAL D 168 25.73 -23.96 19.76
CA VAL D 168 25.19 -24.70 18.62
C VAL D 168 25.52 -26.18 18.77
N VAL D 169 26.64 -26.51 19.44
CA VAL D 169 27.01 -27.90 19.64
C VAL D 169 26.08 -28.58 20.64
N ASP D 170 25.45 -27.83 21.54
CA ASP D 170 24.50 -28.47 22.46
C ASP D 170 23.11 -28.66 21.86
N VAL D 171 22.92 -28.32 20.59
CA VAL D 171 21.72 -28.65 19.85
C VAL D 171 22.03 -29.55 18.65
N SER D 172 23.23 -30.15 18.63
CA SER D 172 23.73 -30.97 17.53
C SER D 172 23.01 -32.30 17.39
N SER D 173 22.24 -32.73 18.39
CA SER D 173 21.62 -34.05 18.33
C SER D 173 20.56 -34.12 17.23
N HIS D 174 19.92 -33.00 16.91
CA HIS D 174 18.80 -32.99 15.97
C HIS D 174 18.88 -31.89 14.93
N LEU D 175 19.82 -30.96 15.03
CA LEU D 175 19.91 -29.87 14.06
C LEU D 175 20.30 -30.43 12.69
N GLN D 176 19.60 -29.96 11.65
CA GLN D 176 19.78 -30.46 10.30
C GLN D 176 20.41 -29.46 9.34
N LYS D 177 20.03 -28.18 9.40
CA LYS D 177 20.57 -27.17 8.50
C LYS D 177 21.17 -26.06 9.34
N MET D 178 22.46 -25.80 9.14
CA MET D 178 23.16 -24.71 9.83
C MET D 178 23.74 -23.77 8.77
N CYS D 179 23.42 -22.48 8.89
CA CYS D 179 23.87 -21.47 7.95
C CYS D 179 24.54 -20.34 8.70
N VAL D 180 25.79 -20.05 8.36
CA VAL D 180 26.51 -18.93 8.95
C VAL D 180 27.04 -18.05 7.82
N HIS D 181 26.61 -16.79 7.82
CA HIS D 181 27.01 -15.79 6.83
C HIS D 181 27.80 -14.69 7.54
N ASN D 182 29.12 -14.81 7.57
CA ASN D 182 29.96 -13.82 8.23
C ASN D 182 30.08 -12.54 7.41
N ASP D 183 30.62 -11.51 8.06
CA ASP D 183 30.95 -10.23 7.44
C ASP D 183 32.36 -10.21 6.87
N GLY D 184 32.98 -11.37 6.70
CA GLY D 184 34.38 -11.47 6.34
C GLY D 184 35.26 -11.92 7.48
N THR D 185 34.74 -11.94 8.70
CA THR D 185 35.50 -12.41 9.84
C THR D 185 35.90 -13.87 9.65
N LYS D 186 37.20 -14.13 9.76
CA LYS D 186 37.72 -15.46 9.47
C LYS D 186 37.30 -16.47 10.53
N LEU D 187 36.70 -17.57 10.09
CA LEU D 187 36.28 -18.66 10.97
C LEU D 187 37.49 -19.57 11.19
N VAL D 188 38.22 -19.33 12.27
CA VAL D 188 39.49 -20.01 12.49
C VAL D 188 39.35 -21.31 13.27
N MET D 189 38.36 -21.41 14.16
CA MET D 189 38.19 -22.59 15.01
C MET D 189 37.03 -23.40 14.46
N LEU D 190 37.36 -24.54 13.83
CA LEU D 190 36.37 -25.40 13.20
C LEU D 190 36.21 -26.74 13.90
N ASN D 191 36.74 -26.87 15.12
CA ASN D 191 36.67 -28.16 15.82
C ASN D 191 35.22 -28.51 16.18
N ASN D 192 34.45 -27.53 16.63
CA ASN D 192 33.07 -27.80 17.01
C ASN D 192 32.21 -28.27 15.84
N LEU D 193 32.55 -27.82 14.62
CA LEU D 193 31.78 -28.22 13.45
C LEU D 193 31.77 -29.75 13.28
N LYS D 194 32.82 -30.43 13.74
CA LYS D 194 32.87 -31.88 13.65
C LYS D 194 31.75 -32.55 14.45
N LYS D 195 31.21 -31.88 15.46
CA LYS D 195 30.18 -32.46 16.31
C LYS D 195 28.78 -32.32 15.74
N MET D 196 28.61 -31.60 14.63
CA MET D 196 27.29 -31.44 14.01
C MET D 196 27.06 -32.59 13.02
N THR D 197 26.95 -33.79 13.59
CA THR D 197 26.95 -35.01 12.77
C THR D 197 25.72 -35.08 11.87
N ASN D 198 24.53 -34.89 12.45
CA ASN D 198 23.27 -35.11 11.74
C ASN D 198 22.86 -33.93 10.88
N LEU D 199 23.83 -33.10 10.47
CA LEU D 199 23.55 -32.00 9.57
C LEU D 199 23.37 -32.50 8.14
N THR D 200 22.37 -31.96 7.45
CA THR D 200 22.11 -32.29 6.06
C THR D 200 22.36 -31.14 5.11
N GLU D 201 22.36 -29.90 5.60
CA GLU D 201 22.62 -28.72 4.80
C GLU D 201 23.51 -27.76 5.58
N LEU D 202 24.56 -27.28 4.92
CA LEU D 202 25.57 -26.47 5.58
C LEU D 202 25.99 -25.32 4.68
N GLU D 203 26.12 -24.13 5.27
CA GLU D 203 26.55 -22.94 4.54
C GLU D 203 27.55 -22.17 5.39
N LEU D 204 28.80 -22.10 4.93
CA LEU D 204 29.83 -21.25 5.54
C LEU D 204 30.15 -20.16 4.51
N VAL D 205 29.42 -19.07 4.57
CA VAL D 205 29.54 -18.01 3.56
C VAL D 205 30.32 -16.85 4.16
N HIS D 206 31.30 -16.37 3.39
CA HIS D 206 32.09 -15.19 3.74
C HIS D 206 32.86 -15.39 5.04
N CYS D 207 33.32 -16.62 5.30
CA CYS D 207 34.07 -16.96 6.50
C CYS D 207 35.57 -17.02 6.26
N ASP D 208 36.05 -16.43 5.16
CA ASP D 208 37.47 -16.44 4.77
C ASP D 208 38.12 -17.80 5.00
N LEU D 209 37.44 -18.86 4.56
CA LEU D 209 37.99 -20.21 4.66
C LEU D 209 38.96 -20.43 3.51
N GLU D 210 40.26 -20.30 3.77
CA GLU D 210 41.22 -20.53 2.70
C GLU D 210 41.23 -21.98 2.22
N ARG D 211 40.63 -22.90 2.97
CA ARG D 211 40.60 -24.30 2.60
C ARG D 211 39.26 -24.90 3.00
N ILE D 212 38.89 -25.97 2.31
CA ILE D 212 37.69 -26.72 2.68
C ILE D 212 37.98 -27.35 4.04
N PRO D 213 37.20 -27.04 5.07
CA PRO D 213 37.53 -27.52 6.41
C PRO D 213 37.44 -29.04 6.51
N HIS D 214 38.35 -29.61 7.29
CA HIS D 214 38.33 -31.05 7.52
C HIS D 214 37.06 -31.47 8.24
N ALA D 215 36.52 -30.59 9.08
CA ALA D 215 35.33 -30.90 9.86
C ALA D 215 34.15 -31.29 8.98
N VAL D 216 34.05 -30.69 7.78
CA VAL D 216 32.96 -31.01 6.87
C VAL D 216 32.94 -32.51 6.58
N PHE D 217 34.09 -33.16 6.62
CA PHE D 217 34.21 -34.58 6.30
C PHE D 217 33.71 -35.49 7.41
N SER D 218 33.27 -34.94 8.53
CA SER D 218 32.68 -35.75 9.59
C SER D 218 31.17 -35.81 9.52
N LEU D 219 30.54 -34.99 8.68
CA LEU D 219 29.07 -34.92 8.61
C LEU D 219 28.62 -35.89 7.52
N LEU D 220 28.52 -37.16 7.90
CA LEU D 220 28.25 -38.21 6.92
C LEU D 220 26.86 -38.13 6.32
N SER D 221 25.92 -37.44 6.98
CA SER D 221 24.58 -37.28 6.45
C SER D 221 24.41 -35.99 5.66
N LEU D 222 25.51 -35.33 5.30
CA LEU D 222 25.43 -34.05 4.61
C LEU D 222 24.96 -34.24 3.18
N GLN D 223 24.00 -33.43 2.76
CA GLN D 223 23.46 -33.47 1.41
C GLN D 223 23.81 -32.26 0.57
N GLU D 224 23.79 -31.07 1.17
CA GLU D 224 24.07 -29.84 0.45
C GLU D 224 25.18 -29.09 1.18
N LEU D 225 26.07 -28.47 0.40
CA LEU D 225 27.18 -27.73 0.98
C LEU D 225 27.45 -26.50 0.11
N ASP D 226 27.46 -25.32 0.74
CA ASP D 226 27.65 -24.06 0.05
C ASP D 226 28.78 -23.29 0.72
N LEU D 227 29.85 -23.03 -0.03
CA LEU D 227 31.01 -22.30 0.46
C LEU D 227 31.20 -21.05 -0.39
N LYS D 228 30.28 -20.10 -0.25
CA LYS D 228 30.25 -18.91 -1.06
C LYS D 228 31.12 -17.83 -0.44
N GLU D 229 31.94 -17.18 -1.28
CA GLU D 229 32.72 -16.00 -0.90
C GLU D 229 33.72 -16.31 0.22
N ASN D 230 34.48 -17.40 0.03
CA ASN D 230 35.42 -17.86 1.06
C ASN D 230 36.87 -17.84 0.62
N ASN D 231 37.20 -17.26 -0.54
CA ASN D 231 38.57 -17.18 -1.02
C ASN D 231 39.24 -18.56 -1.12
N LEU D 232 38.47 -19.54 -1.60
CA LEU D 232 39.02 -20.88 -1.81
C LEU D 232 39.84 -20.90 -3.09
N LYS D 233 41.08 -21.37 -3.00
CA LYS D 233 41.99 -21.39 -4.15
C LYS D 233 42.32 -22.81 -4.61
N SER D 234 42.65 -23.71 -3.68
CA SER D 234 43.09 -25.07 -4.00
C SER D 234 42.18 -26.08 -3.28
N ILE D 235 41.05 -26.41 -3.90
CA ILE D 235 40.12 -27.40 -3.36
C ILE D 235 40.66 -28.82 -3.50
N GLU D 236 41.93 -29.03 -3.16
CA GLU D 236 42.52 -30.36 -3.25
C GLU D 236 42.04 -31.31 -2.16
N GLU D 237 41.18 -30.87 -1.24
CA GLU D 237 40.66 -31.73 -0.19
C GLU D 237 39.38 -32.45 -0.57
N ILE D 238 38.90 -32.28 -1.81
CA ILE D 238 37.61 -32.86 -2.23
C ILE D 238 37.59 -34.38 -2.19
N VAL D 239 38.75 -35.05 -2.19
CA VAL D 239 38.76 -36.52 -2.18
C VAL D 239 37.92 -37.07 -1.04
N SER D 240 38.08 -36.50 0.15
CA SER D 240 37.40 -36.95 1.35
C SER D 240 35.89 -36.72 1.27
N PHE D 241 35.40 -36.02 0.25
CA PHE D 241 33.96 -35.98 0.02
C PHE D 241 33.39 -37.34 -0.36
N GLN D 242 34.26 -38.32 -0.67
CA GLN D 242 33.80 -39.66 -1.01
C GLN D 242 33.10 -40.36 0.15
N HIS D 243 33.24 -39.87 1.38
CA HIS D 243 32.48 -40.40 2.49
C HIS D 243 31.04 -39.90 2.52
N LEU D 244 30.73 -38.84 1.78
CA LEU D 244 29.38 -38.27 1.75
C LEU D 244 28.60 -38.94 0.64
N ARG D 245 27.91 -40.03 0.96
CA ARG D 245 27.21 -40.78 -0.07
C ARG D 245 25.95 -40.07 -0.54
N LYS D 246 25.41 -39.15 0.26
CA LYS D 246 24.17 -38.46 -0.05
C LYS D 246 24.40 -36.99 -0.38
N LEU D 247 25.64 -36.61 -0.66
CA LEU D 247 25.96 -35.24 -1.06
C LEU D 247 25.49 -35.06 -2.50
N THR D 248 24.50 -34.20 -2.70
CA THR D 248 23.93 -33.97 -4.02
C THR D 248 24.24 -32.60 -4.58
N VAL D 249 24.29 -31.57 -3.73
CA VAL D 249 24.53 -30.20 -4.17
C VAL D 249 25.83 -29.73 -3.55
N LEU D 250 26.73 -29.21 -4.40
CA LEU D 250 28.00 -28.66 -3.96
C LEU D 250 28.14 -27.28 -4.59
N LYS D 251 28.15 -26.24 -3.76
CA LYS D 251 28.25 -24.86 -4.23
C LYS D 251 29.59 -24.30 -3.76
N LEU D 252 30.56 -24.27 -4.68
CA LEU D 252 31.87 -23.68 -4.45
C LEU D 252 32.05 -22.40 -5.26
N TRP D 253 30.94 -21.77 -5.62
CA TRP D 253 30.99 -20.58 -6.45
C TRP D 253 31.58 -19.42 -5.66
N TYR D 254 31.99 -18.38 -6.40
CA TYR D 254 32.40 -17.11 -5.80
C TYR D 254 33.63 -17.32 -4.90
N ASN D 255 34.63 -17.99 -5.45
CA ASN D 255 35.93 -18.19 -4.80
C ASN D 255 37.03 -17.92 -5.83
N SER D 256 38.25 -18.39 -5.54
CA SER D 256 39.40 -18.18 -6.42
C SER D 256 40.00 -19.51 -6.89
N ILE D 257 39.16 -20.52 -7.09
CA ILE D 257 39.64 -21.83 -7.52
C ILE D 257 40.12 -21.72 -8.96
N ALA D 258 41.31 -22.30 -9.23
CA ALA D 258 41.90 -22.18 -10.55
C ALA D 258 41.94 -23.46 -11.37
N TYR D 259 41.83 -24.63 -10.74
CA TYR D 259 41.86 -25.87 -11.50
C TYR D 259 41.03 -26.91 -10.75
N ILE D 260 40.07 -27.50 -11.45
CA ILE D 260 39.28 -28.59 -10.90
C ILE D 260 40.09 -29.88 -11.03
N PRO D 261 40.52 -30.49 -9.93
CA PRO D 261 41.31 -31.72 -10.02
C PRO D 261 40.43 -32.87 -10.50
N GLU D 262 41.10 -33.99 -10.82
CA GLU D 262 40.38 -35.17 -11.29
C GLU D 262 39.49 -35.78 -10.21
N HIS D 263 39.80 -35.52 -8.93
CA HIS D 263 39.17 -36.18 -7.80
C HIS D 263 37.66 -35.95 -7.71
N ILE D 264 37.11 -34.98 -8.43
CA ILE D 264 35.66 -34.82 -8.44
C ILE D 264 34.98 -36.07 -8.99
N LYS D 265 35.71 -36.90 -9.73
CA LYS D 265 35.15 -38.15 -10.22
C LYS D 265 34.76 -39.08 -9.07
N LYS D 266 35.23 -38.83 -7.86
CA LYS D 266 34.84 -39.64 -6.72
C LYS D 266 33.50 -39.18 -6.16
N LEU D 267 32.94 -38.08 -6.67
CA LEU D 267 31.66 -37.56 -6.21
C LEU D 267 30.57 -38.22 -7.07
N THR D 268 30.20 -39.43 -6.66
CA THR D 268 29.38 -40.28 -7.50
C THR D 268 27.95 -39.74 -7.65
N SER D 269 27.36 -39.27 -6.55
CA SER D 269 25.97 -38.81 -6.57
C SER D 269 25.84 -37.31 -6.78
N LEU D 270 26.88 -36.64 -7.27
CA LEU D 270 26.77 -35.21 -7.54
C LEU D 270 25.70 -34.94 -8.59
N GLU D 271 24.89 -33.91 -8.35
CA GLU D 271 23.80 -33.59 -9.27
C GLU D 271 23.80 -32.10 -9.60
N ARG D 272 24.17 -31.28 -8.63
CA ARG D 272 24.22 -29.82 -8.82
C ARG D 272 25.59 -29.28 -8.43
N LEU D 273 26.25 -28.64 -9.40
CA LEU D 273 27.59 -28.09 -9.22
C LEU D 273 27.57 -26.60 -9.56
N PHE D 274 27.83 -25.76 -8.55
CA PHE D 274 27.88 -24.31 -8.73
C PHE D 274 29.34 -23.89 -8.71
N PHE D 275 29.88 -23.54 -9.88
CA PHE D 275 31.28 -23.14 -10.00
C PHE D 275 31.42 -21.79 -10.71
N SER D 276 30.40 -20.95 -10.61
CA SER D 276 30.48 -19.64 -11.23
C SER D 276 31.41 -18.73 -10.43
N HIS D 277 32.07 -17.82 -11.16
CA HIS D 277 32.95 -16.79 -10.59
C HIS D 277 34.10 -17.42 -9.80
N ASN D 278 34.87 -18.25 -10.48
CA ASN D 278 36.14 -18.72 -9.97
C ASN D 278 37.23 -18.32 -10.94
N LYS D 279 38.40 -18.95 -10.85
CA LYS D 279 39.49 -18.70 -11.78
C LYS D 279 39.92 -19.95 -12.52
N VAL D 280 38.98 -20.88 -12.77
CA VAL D 280 39.33 -22.12 -13.44
C VAL D 280 39.60 -21.85 -14.92
N GLU D 281 40.67 -22.45 -15.44
CA GLU D 281 41.08 -22.24 -16.83
C GLU D 281 40.93 -23.47 -17.70
N VAL D 282 41.02 -24.66 -17.12
CA VAL D 282 40.95 -25.92 -17.87
C VAL D 282 39.85 -26.77 -17.26
N LEU D 283 38.93 -27.22 -18.11
CA LEU D 283 37.89 -28.14 -17.69
C LEU D 283 38.43 -29.56 -17.85
N PRO D 284 38.68 -30.29 -16.78
CA PRO D 284 39.26 -31.63 -16.92
C PRO D 284 38.24 -32.63 -17.46
N SER D 285 38.76 -33.71 -18.03
CA SER D 285 37.89 -34.74 -18.57
C SER D 285 37.12 -35.44 -17.47
N HIS D 286 37.81 -35.76 -16.36
CA HIS D 286 37.20 -36.50 -15.27
C HIS D 286 35.99 -35.79 -14.69
N LEU D 287 35.86 -34.49 -14.95
CA LEU D 287 34.68 -33.75 -14.50
C LEU D 287 33.39 -34.43 -14.93
N PHE D 288 33.40 -35.14 -16.05
CA PHE D 288 32.19 -35.75 -16.54
C PHE D 288 32.03 -37.21 -16.12
N LEU D 289 32.81 -37.67 -15.15
CA LEU D 289 32.52 -38.96 -14.52
C LEU D 289 31.46 -38.85 -13.44
N CYS D 290 31.04 -37.64 -13.08
CA CYS D 290 29.89 -37.45 -12.19
C CYS D 290 28.64 -37.51 -13.06
N ASN D 291 28.20 -38.75 -13.30
CA ASN D 291 27.20 -39.02 -14.33
C ASN D 291 25.80 -38.51 -13.95
N LYS D 292 25.56 -38.19 -12.68
CA LYS D 292 24.24 -37.72 -12.27
C LYS D 292 24.11 -36.20 -12.27
N ILE D 293 25.01 -35.49 -12.95
CA ILE D 293 24.99 -34.04 -12.92
C ILE D 293 23.85 -33.52 -13.79
N ARG D 294 23.00 -32.68 -13.20
CA ARG D 294 21.92 -32.01 -13.90
C ARG D 294 22.16 -30.52 -14.06
N TYR D 295 22.76 -29.88 -13.05
CA TYR D 295 22.99 -28.44 -13.02
C TYR D 295 24.49 -28.21 -13.01
N LEU D 296 24.99 -27.46 -13.99
CA LEU D 296 26.42 -27.20 -14.14
C LEU D 296 26.62 -25.76 -14.59
N ASP D 297 27.04 -24.89 -13.68
CA ASP D 297 27.31 -23.49 -13.98
C ASP D 297 28.80 -23.23 -13.82
N LEU D 298 29.46 -22.94 -14.95
CA LEU D 298 30.89 -22.62 -14.97
C LEU D 298 31.13 -21.23 -15.54
N SER D 299 30.15 -20.34 -15.41
CA SER D 299 30.25 -19.01 -15.97
C SER D 299 31.25 -18.16 -15.19
N TYR D 300 31.73 -17.10 -15.85
CA TYR D 300 32.68 -16.16 -15.25
C TYR D 300 33.94 -16.89 -14.78
N ASN D 301 34.57 -17.60 -15.70
CA ASN D 301 35.84 -18.26 -15.46
C ASN D 301 36.81 -17.91 -16.58
N ASP D 302 37.98 -18.54 -16.57
CA ASP D 302 38.99 -18.34 -17.61
C ASP D 302 39.14 -19.59 -18.46
N ILE D 303 38.04 -20.31 -18.69
CA ILE D 303 38.06 -21.53 -19.48
C ILE D 303 38.24 -21.18 -20.95
N ARG D 304 39.08 -21.97 -21.64
CA ARG D 304 39.39 -21.74 -23.04
C ARG D 304 38.78 -22.78 -23.97
N PHE D 305 38.67 -24.03 -23.53
CA PHE D 305 38.09 -25.09 -24.33
C PHE D 305 37.04 -25.84 -23.52
N ILE D 306 35.98 -26.28 -24.19
CA ILE D 306 34.99 -27.17 -23.63
C ILE D 306 35.26 -28.56 -24.17
N PRO D 307 35.60 -29.55 -23.32
CA PRO D 307 35.94 -30.87 -23.84
C PRO D 307 34.72 -31.56 -24.39
N PRO D 308 34.87 -32.46 -25.38
CA PRO D 308 33.70 -33.15 -25.95
C PRO D 308 33.02 -34.09 -24.98
N GLU D 309 33.73 -34.58 -23.96
CA GLU D 309 33.16 -35.53 -23.01
C GLU D 309 31.94 -35.00 -22.28
N ILE D 310 31.62 -33.71 -22.43
CA ILE D 310 30.38 -33.18 -21.89
C ILE D 310 29.16 -33.93 -22.45
N GLY D 311 29.31 -34.57 -23.61
CA GLY D 311 28.24 -35.39 -24.15
C GLY D 311 27.86 -36.57 -23.28
N VAL D 312 28.74 -36.95 -22.34
CA VAL D 312 28.47 -38.10 -21.47
C VAL D 312 27.43 -37.79 -20.40
N LEU D 313 27.19 -36.52 -20.08
CA LEU D 313 26.19 -36.15 -19.07
C LEU D 313 24.81 -36.21 -19.72
N GLN D 314 24.27 -37.44 -19.81
CA GLN D 314 22.95 -37.64 -20.40
C GLN D 314 21.84 -37.00 -19.59
N SER D 315 22.04 -36.78 -18.29
CA SER D 315 21.04 -36.21 -17.42
C SER D 315 21.25 -34.72 -17.17
N LEU D 316 22.05 -34.06 -18.02
CA LEU D 316 22.35 -32.65 -17.82
C LEU D 316 21.21 -31.82 -18.37
N GLN D 317 20.73 -30.87 -17.58
CA GLN D 317 19.67 -29.96 -17.98
C GLN D 317 20.06 -28.50 -18.00
N TYR D 318 21.01 -28.09 -17.15
CA TYR D 318 21.42 -26.70 -17.01
C TYR D 318 22.92 -26.61 -17.29
N PHE D 319 23.30 -25.77 -18.24
CA PHE D 319 24.71 -25.54 -18.56
C PHE D 319 24.91 -24.06 -18.86
N SER D 320 25.89 -23.45 -18.19
CA SER D 320 26.15 -22.02 -18.33
C SER D 320 27.66 -21.78 -18.26
N ILE D 321 28.20 -21.16 -19.30
CA ILE D 321 29.62 -20.80 -19.33
C ILE D 321 29.78 -19.37 -19.82
N THR D 322 28.88 -18.49 -19.41
CA THR D 322 28.94 -17.10 -19.83
C THR D 322 30.20 -16.43 -19.28
N CYS D 323 30.74 -15.48 -20.06
CA CYS D 323 31.94 -14.74 -19.69
C CYS D 323 33.14 -15.67 -19.48
N ASN D 324 33.41 -16.49 -20.48
CA ASN D 324 34.63 -17.28 -20.56
C ASN D 324 35.36 -16.90 -21.84
N LYS D 325 36.38 -17.68 -22.19
CA LYS D 325 37.15 -17.46 -23.41
C LYS D 325 36.92 -18.58 -24.44
N VAL D 326 35.76 -19.22 -24.38
CA VAL D 326 35.46 -20.35 -25.27
C VAL D 326 35.27 -19.83 -26.70
N GLU D 327 35.93 -20.50 -27.65
CA GLU D 327 35.83 -20.12 -29.05
C GLU D 327 34.99 -21.08 -29.88
N SER D 328 34.84 -22.33 -29.45
CA SER D 328 34.07 -23.32 -30.20
C SER D 328 33.45 -24.30 -29.21
N LEU D 329 32.29 -24.83 -29.58
CA LEU D 329 31.61 -25.85 -28.79
C LEU D 329 31.58 -27.16 -29.56
N PRO D 330 31.94 -28.28 -28.92
CA PRO D 330 31.91 -29.56 -29.62
C PRO D 330 30.49 -29.99 -29.92
N ASP D 331 30.31 -30.68 -31.05
CA ASP D 331 29.00 -31.18 -31.37
C ASP D 331 28.55 -32.26 -30.38
N GLU D 332 29.49 -32.90 -29.69
CA GLU D 332 29.12 -33.87 -28.66
C GLU D 332 28.26 -33.22 -27.57
N LEU D 333 28.39 -31.91 -27.37
CA LEU D 333 27.53 -31.20 -26.44
C LEU D 333 26.06 -31.46 -26.74
N TYR D 334 25.71 -31.60 -28.02
CA TYR D 334 24.33 -31.82 -28.42
C TYR D 334 23.91 -33.29 -28.30
N PHE D 335 24.68 -34.09 -27.55
CA PHE D 335 24.19 -35.38 -27.08
C PHE D 335 23.36 -35.24 -25.81
N CYS D 336 23.48 -34.12 -25.10
CA CYS D 336 22.72 -33.83 -23.89
C CYS D 336 21.29 -33.48 -24.30
N LYS D 337 20.51 -34.51 -24.60
CA LYS D 337 19.19 -34.32 -25.18
C LYS D 337 18.17 -33.75 -24.19
N LYS D 338 18.41 -33.89 -22.89
CA LYS D 338 17.49 -33.35 -21.89
C LYS D 338 17.85 -31.93 -21.47
N LEU D 339 18.64 -31.23 -22.27
CA LEU D 339 19.10 -29.89 -21.93
C LEU D 339 17.93 -28.92 -21.95
N LYS D 340 17.69 -28.24 -20.83
CA LYS D 340 16.62 -27.25 -20.72
C LYS D 340 17.09 -25.81 -20.73
N THR D 341 18.32 -25.55 -20.27
CA THR D 341 18.86 -24.20 -20.25
C THR D 341 20.31 -24.25 -20.72
N LEU D 342 20.63 -23.46 -21.74
CA LEU D 342 21.98 -23.37 -22.29
C LEU D 342 22.36 -21.91 -22.33
N LYS D 343 23.32 -21.52 -21.49
CA LYS D 343 23.78 -20.14 -21.38
C LYS D 343 25.21 -20.07 -21.89
N ILE D 344 25.36 -19.77 -23.18
CA ILE D 344 26.68 -19.55 -23.76
C ILE D 344 27.20 -18.17 -23.40
N GLY D 345 26.35 -17.15 -23.52
CA GLY D 345 26.68 -15.84 -22.98
C GLY D 345 27.83 -15.18 -23.71
N LYS D 346 28.66 -14.47 -22.95
CA LYS D 346 29.73 -13.64 -23.53
C LYS D 346 30.98 -14.49 -23.70
N ASN D 347 30.98 -15.26 -24.79
CA ASN D 347 32.17 -15.99 -25.20
C ASN D 347 32.67 -15.47 -26.55
N SER D 348 33.42 -16.29 -27.27
CA SER D 348 33.94 -15.92 -28.59
C SER D 348 33.59 -17.00 -29.60
N LEU D 349 32.31 -17.35 -29.68
CA LEU D 349 31.85 -18.36 -30.63
C LEU D 349 31.71 -17.76 -32.02
N SER D 350 32.18 -18.51 -33.01
CA SER D 350 32.10 -18.08 -34.41
C SER D 350 30.87 -18.60 -35.12
N VAL D 351 30.36 -19.77 -34.72
CA VAL D 351 29.24 -20.39 -35.40
C VAL D 351 28.46 -21.23 -34.39
N LEU D 352 27.18 -21.42 -34.66
CA LEU D 352 26.32 -22.28 -33.86
C LEU D 352 25.96 -23.53 -34.66
N SER D 353 26.21 -24.69 -34.08
CA SER D 353 26.06 -25.94 -34.82
C SER D 353 24.58 -26.22 -35.09
N PRO D 354 24.26 -26.82 -36.25
CA PRO D 354 22.87 -27.22 -36.50
C PRO D 354 22.36 -28.24 -35.51
N LYS D 355 23.25 -29.02 -34.90
CA LYS D 355 22.84 -30.03 -33.93
C LYS D 355 22.18 -29.44 -32.69
N ILE D 356 22.18 -28.10 -32.54
CA ILE D 356 21.41 -27.49 -31.47
C ILE D 356 19.92 -27.78 -31.64
N GLY D 357 19.49 -28.16 -32.85
CA GLY D 357 18.12 -28.59 -33.03
C GLY D 357 17.79 -29.87 -32.29
N ASN D 358 18.81 -30.65 -31.91
CA ASN D 358 18.59 -31.89 -31.18
C ASN D 358 18.11 -31.65 -29.75
N LEU D 359 18.32 -30.45 -29.22
CA LEU D 359 17.87 -30.12 -27.86
C LEU D 359 16.38 -29.79 -27.92
N LEU D 360 15.56 -30.85 -27.89
CA LEU D 360 14.12 -30.69 -28.06
C LEU D 360 13.44 -30.03 -26.87
N PHE D 361 14.07 -30.05 -25.69
CA PHE D 361 13.49 -29.44 -24.50
C PHE D 361 14.07 -28.07 -24.19
N LEU D 362 14.93 -27.55 -25.06
CA LEU D 362 15.57 -26.26 -24.83
C LEU D 362 14.52 -25.16 -24.74
N SER D 363 14.45 -24.51 -23.58
CA SER D 363 13.50 -23.43 -23.36
C SER D 363 14.15 -22.08 -23.15
N TYR D 364 15.43 -22.05 -22.80
CA TYR D 364 16.15 -20.80 -22.56
C TYR D 364 17.52 -20.90 -23.22
N LEU D 365 17.83 -19.94 -24.10
CA LEU D 365 19.11 -19.93 -24.81
C LEU D 365 19.69 -18.53 -24.74
N ASP D 366 20.99 -18.46 -24.45
CA ASP D 366 21.71 -17.20 -24.32
C ASP D 366 22.96 -17.28 -25.18
N ILE D 367 22.98 -16.55 -26.29
CA ILE D 367 24.14 -16.53 -27.18
C ILE D 367 24.46 -15.07 -27.50
N LYS D 368 24.00 -14.16 -26.63
CA LYS D 368 24.23 -12.73 -26.85
C LYS D 368 25.66 -12.37 -26.49
N GLY D 369 26.30 -11.58 -27.34
CA GLY D 369 27.65 -11.11 -27.07
C GLY D 369 28.72 -12.05 -27.58
N ASN D 370 28.49 -12.66 -28.73
CA ASN D 370 29.46 -13.53 -29.38
C ASN D 370 29.78 -12.98 -30.78
N HIS D 371 30.52 -13.77 -31.55
CA HIS D 371 30.98 -13.39 -32.87
C HIS D 371 30.26 -14.15 -33.97
N PHE D 372 28.96 -14.41 -33.77
CA PHE D 372 28.18 -15.12 -34.77
C PHE D 372 27.97 -14.27 -36.01
N GLU D 373 27.79 -14.93 -37.15
CA GLU D 373 27.47 -14.29 -38.40
C GLU D 373 26.09 -14.61 -38.93
N VAL D 374 25.54 -15.79 -38.60
CA VAL D 374 24.19 -16.17 -39.00
C VAL D 374 23.73 -17.28 -38.07
N LEU D 375 22.43 -17.30 -37.77
CA LEU D 375 21.96 -18.37 -36.91
C LEU D 375 21.49 -19.57 -37.74
N PRO D 376 21.75 -20.79 -37.30
CA PRO D 376 21.31 -21.97 -38.07
C PRO D 376 19.80 -22.06 -38.07
N PRO D 377 19.20 -22.34 -39.23
CA PRO D 377 17.74 -22.45 -39.30
C PRO D 377 17.17 -23.54 -38.40
N GLU D 378 17.97 -24.57 -38.11
CA GLU D 378 17.50 -25.69 -37.29
C GLU D 378 17.18 -25.26 -35.86
N LEU D 379 17.46 -24.01 -35.53
CA LEU D 379 16.97 -23.46 -34.26
C LEU D 379 15.45 -23.49 -34.19
N GLY D 380 14.77 -23.58 -35.33
CA GLY D 380 13.32 -23.76 -35.33
C GLY D 380 12.87 -25.13 -34.87
N ASP D 381 13.78 -26.11 -34.84
CA ASP D 381 13.44 -27.43 -34.34
C ASP D 381 13.27 -27.47 -32.84
N CYS D 382 13.70 -26.43 -32.12
CA CYS D 382 13.46 -26.34 -30.68
C CYS D 382 12.12 -25.65 -30.48
N ARG D 383 11.04 -26.44 -30.49
CA ARG D 383 9.70 -25.87 -30.40
C ARG D 383 9.36 -25.37 -29.00
N ALA D 384 10.14 -25.72 -27.99
CA ALA D 384 9.96 -25.20 -26.65
C ALA D 384 10.68 -23.87 -26.44
N LEU D 385 11.43 -23.41 -27.45
CA LEU D 385 12.21 -22.20 -27.35
C LEU D 385 11.45 -21.03 -27.95
N LYS D 386 11.28 -19.97 -27.18
CA LYS D 386 10.58 -18.78 -27.61
C LYS D 386 11.55 -17.60 -27.69
N ARG D 387 11.09 -16.55 -28.37
CA ARG D 387 11.90 -15.34 -28.50
C ARG D 387 12.11 -14.67 -27.16
N ALA D 388 11.09 -14.71 -26.29
CA ALA D 388 11.22 -14.15 -24.94
C ALA D 388 12.29 -14.87 -24.14
N GLY D 389 12.45 -16.18 -24.34
CA GLY D 389 13.48 -16.95 -23.69
C GLY D 389 14.77 -17.08 -24.48
N LEU D 390 14.90 -16.36 -25.59
CA LEU D 390 16.09 -16.38 -26.44
C LEU D 390 16.68 -14.98 -26.47
N VAL D 391 17.89 -14.85 -25.92
CA VAL D 391 18.59 -13.57 -25.85
C VAL D 391 19.61 -13.51 -26.98
N VAL D 392 19.48 -12.50 -27.84
CA VAL D 392 20.34 -12.33 -29.02
C VAL D 392 20.38 -10.87 -29.45
N GLU D 393 21.38 -10.52 -30.26
CA GLU D 393 21.35 -9.27 -31.00
C GLU D 393 20.23 -9.29 -32.05
N ASP D 394 19.50 -8.18 -32.17
CA ASP D 394 18.36 -8.13 -33.08
C ASP D 394 18.76 -8.53 -34.49
N ALA D 395 19.90 -8.03 -34.96
CA ALA D 395 20.38 -8.37 -36.31
C ALA D 395 20.62 -9.86 -36.48
N LEU D 396 21.09 -10.54 -35.43
CA LEU D 396 21.31 -11.97 -35.51
C LEU D 396 19.98 -12.74 -35.61
N PHE D 397 18.98 -12.33 -34.82
CA PHE D 397 17.69 -13.01 -34.87
C PHE D 397 17.00 -12.82 -36.21
N GLU D 398 17.17 -11.65 -36.83
CA GLU D 398 16.55 -11.44 -38.14
C GLU D 398 17.16 -12.31 -39.24
N THR D 399 18.31 -12.95 -38.98
CA THR D 399 18.96 -13.81 -39.97
C THR D 399 18.35 -15.20 -40.05
N LEU D 400 17.30 -15.49 -39.28
CA LEU D 400 16.59 -16.76 -39.36
C LEU D 400 15.53 -16.70 -40.46
N PRO D 401 15.13 -17.85 -40.99
CA PRO D 401 14.03 -17.87 -41.97
C PRO D 401 12.76 -17.28 -41.38
N SER D 402 11.89 -16.81 -42.27
CA SER D 402 10.69 -16.10 -41.84
C SER D 402 9.83 -16.96 -40.92
N ASP D 403 9.50 -18.17 -41.35
CA ASP D 403 8.59 -19.02 -40.57
C ASP D 403 9.20 -19.44 -39.25
N VAL D 404 10.52 -19.66 -39.22
CA VAL D 404 11.20 -19.98 -37.98
C VAL D 404 10.93 -18.89 -36.94
N ARG D 405 11.09 -17.63 -37.36
CA ARG D 405 10.76 -16.50 -36.50
C ARG D 405 9.27 -16.49 -36.14
N GLU D 406 8.40 -16.86 -37.08
CA GLU D 406 6.97 -16.81 -36.78
C GLU D 406 6.65 -17.73 -35.60
N GLN D 407 7.16 -18.96 -35.61
CA GLN D 407 6.88 -19.84 -34.48
C GLN D 407 7.74 -19.53 -33.25
N MET D 408 8.88 -18.86 -33.42
CA MET D 408 9.67 -18.44 -32.27
C MET D 408 8.89 -17.42 -31.44
N LYS D 409 8.12 -16.58 -32.12
CA LYS D 409 7.22 -15.64 -31.47
C LYS D 409 5.90 -16.33 -31.15
#